data_5D8N
#
_entry.id   5D8N
#
_cell.length_a   127.112
_cell.length_b   165.193
_cell.length_c   168.275
_cell.angle_alpha   90.000
_cell.angle_beta   90.000
_cell.angle_gamma   90.000
#
_symmetry.space_group_name_H-M   'C 2 2 21'
#
loop_
_entity.id
_entity.type
_entity.pdbx_description
1 polymer 'Leucine aminopeptidase 1, chloroplastic'
2 non-polymer 'CHLORIDE ION'
3 non-polymer 'MAGNESIUM ION'
4 non-polymer 'ACETATE ION'
5 non-polymer 1,2-ETHANEDIOL
6 water water
#
_entity_poly.entity_id   1
_entity_poly.type   'polypeptide(L)'
_entity_poly.pdbx_seq_one_letter_code
;MRGSHHHHHHGIAGDTLGLTRPNESDAPKISIGAKDTAVVQWQGDLLAIGATENDMARDENSKFKNPLLQQLDSELNGLL
SAASSEEDFSGKSGQSVNLRFPGGRITLVGLGSSASSPTSYHSLGQAAAAAAKSSQARNIAVALASTDGLSAESKINSAS
AIATGVVLGSFEDNRFRSESKKSTLESLDILGLGTGPEIERKIKYAEHVCAGVILGRELVNAPANIVTPAVLAEEAKKIA
STYSDVISVNILDAEQCKELKMGAYLAVAAAATENPPYFIHLCFKTPTKERKTKLALVGKGLTFDSGGYNLEVGARSRIE
LMKNDMGGAAAVLGAAKALGEIRPSRVEVHFIVAACENMISAEGMRPGDIVTASNGKTIEVNNTDAEGRLTLADALIYAC
NQGVEKIIDLATLTGAIMVALGPSVAGAFTPNDDLAREVVEAAEASGEKLWRMPMEESYWESMKSGVADMINTGPGNGGA
ITGALFLKQFVDEKVQWLHLDVAGPVWSDEKKNATGYGVSTLVEWVLRN
;
_entity_poly.pdbx_strand_id   A,B,C
#
loop_
_chem_comp.id
_chem_comp.type
_chem_comp.name
_chem_comp.formula
ACT non-polymer 'ACETATE ION' 'C2 H3 O2 -1'
CL non-polymer 'CHLORIDE ION' 'Cl -1'
EDO non-polymer 1,2-ETHANEDIOL 'C2 H6 O2'
MG non-polymer 'MAGNESIUM ION' 'Mg 2'
#
# COMPACT_ATOMS: atom_id res chain seq x y z
N ALA A 13 -3.01 37.81 21.00
CA ALA A 13 -2.29 37.13 19.87
C ALA A 13 -1.56 38.16 19.01
N GLY A 14 -1.43 39.39 19.52
CA GLY A 14 -0.79 40.49 18.83
C GLY A 14 0.54 40.19 18.16
N ASP A 15 1.42 39.41 18.77
CA ASP A 15 2.70 39.05 18.12
C ASP A 15 2.72 37.69 17.42
N THR A 16 1.60 36.98 17.41
CA THR A 16 1.46 35.79 16.60
C THR A 16 1.05 36.11 15.16
N LEU A 17 1.78 35.54 14.21
CA LEU A 17 1.38 35.64 12.80
C LEU A 17 -0.01 35.06 12.56
N GLY A 18 -0.87 35.85 11.92
CA GLY A 18 -2.27 35.48 11.73
C GLY A 18 -3.20 35.75 12.90
N LEU A 19 -2.64 36.30 13.98
CA LEU A 19 -3.39 36.71 15.16
C LEU A 19 -4.13 35.57 15.82
N THR A 20 -3.58 34.36 15.71
CA THR A 20 -4.23 33.18 16.19
C THR A 20 -3.99 33.01 17.68
N ARG A 21 -5.06 32.71 18.40
CA ARG A 21 -4.99 32.55 19.85
C ARG A 21 -5.53 31.16 20.20
N PRO A 22 -4.65 30.29 20.68
CA PRO A 22 -5.17 28.97 21.08
C PRO A 22 -6.24 29.07 22.18
N ASN A 23 -7.31 28.31 22.03
CA ASN A 23 -8.30 28.20 23.09
C ASN A 23 -7.68 27.45 24.25
N GLU A 24 -8.16 27.74 25.45
CA GLU A 24 -7.66 27.10 26.66
C GLU A 24 -8.09 25.64 26.61
N SER A 25 -7.13 24.73 26.69
CA SER A 25 -7.45 23.30 26.74
C SER A 25 -8.26 23.01 28.01
N ASP A 26 -9.55 22.71 27.84
CA ASP A 26 -10.41 22.41 28.97
C ASP A 26 -10.83 20.95 28.89
N ALA A 27 -9.83 20.07 29.00
CA ALA A 27 -10.06 18.64 29.11
C ALA A 27 -10.12 18.27 30.58
N PRO A 28 -11.17 17.53 31.01
CA PRO A 28 -11.12 17.09 32.41
C PRO A 28 -10.08 15.99 32.60
N LYS A 29 -9.50 15.93 33.79
CA LYS A 29 -8.80 14.72 34.19
C LYS A 29 -9.83 13.64 34.47
N ILE A 30 -9.72 12.53 33.77
CA ILE A 30 -10.61 11.41 34.01
C ILE A 30 -10.19 10.78 35.32
N SER A 31 -11.18 10.47 36.16
N SER A 31 -11.18 10.47 36.16
CA SER A 31 -10.92 9.75 37.40
CA SER A 31 -10.92 9.74 37.39
C SER A 31 -10.98 8.25 37.12
C SER A 31 -10.98 8.25 37.09
N ILE A 32 -9.84 7.58 37.23
CA ILE A 32 -9.75 6.17 36.87
C ILE A 32 -9.46 5.33 38.10
N GLY A 33 -10.22 4.26 38.29
CA GLY A 33 -9.99 3.38 39.42
C GLY A 33 -10.38 1.97 39.07
N ALA A 34 -9.71 1.03 39.74
CA ALA A 34 -10.04 -0.37 39.62
C ALA A 34 -10.96 -0.76 40.79
N LYS A 35 -12.11 -1.33 40.48
CA LYS A 35 -13.17 -1.62 41.46
C LYS A 35 -13.45 -3.12 41.48
N ASP A 36 -13.97 -3.61 42.61
CA ASP A 36 -14.32 -5.02 42.76
C ASP A 36 -15.82 -5.25 42.52
N THR A 37 -16.52 -4.19 42.12
CA THR A 37 -17.94 -4.27 41.77
C THR A 37 -18.18 -5.33 40.71
N ALA A 38 -19.14 -6.20 40.98
CA ALA A 38 -19.57 -7.16 39.98
C ALA A 38 -20.04 -6.42 38.74
N VAL A 39 -19.69 -6.97 37.58
CA VAL A 39 -20.02 -6.30 36.34
C VAL A 39 -21.52 -6.16 36.14
N VAL A 40 -22.28 -7.19 36.48
CA VAL A 40 -23.75 -7.14 36.31
C VAL A 40 -24.42 -6.18 37.27
N GLN A 41 -23.70 -5.77 38.32
CA GLN A 41 -24.26 -4.84 39.28
C GLN A 41 -23.78 -3.43 39.09
N TRP A 42 -22.89 -3.18 38.13
CA TRP A 42 -22.33 -1.84 37.95
C TRP A 42 -23.38 -0.94 37.33
N GLN A 43 -23.45 0.30 37.80
CA GLN A 43 -24.42 1.28 37.31
C GLN A 43 -23.75 2.60 36.89
N GLY A 44 -24.10 3.04 35.69
CA GLY A 44 -23.55 4.27 35.11
C GLY A 44 -23.96 4.36 33.66
N ASP A 45 -23.28 5.19 32.88
CA ASP A 45 -23.77 5.55 31.57
C ASP A 45 -23.47 4.51 30.49
N LEU A 46 -22.34 3.83 30.62
CA LEU A 46 -21.87 2.95 29.58
C LEU A 46 -20.95 1.90 30.15
N LEU A 47 -21.26 0.66 29.82
CA LEU A 47 -20.41 -0.48 30.13
C LEU A 47 -19.87 -1.03 28.81
N ALA A 48 -18.56 -1.07 28.71
CA ALA A 48 -17.91 -1.66 27.54
C ALA A 48 -17.26 -2.98 27.93
N ILE A 49 -17.54 -4.00 27.14
CA ILE A 49 -17.01 -5.34 27.40
C ILE A 49 -16.21 -5.87 26.22
N GLY A 50 -14.98 -6.25 26.52
CA GLY A 50 -14.06 -6.75 25.49
C GLY A 50 -14.24 -8.24 25.36
N ALA A 51 -14.63 -8.71 24.18
CA ALA A 51 -14.90 -10.11 23.95
C ALA A 51 -14.11 -10.61 22.76
N THR A 52 -13.47 -11.76 22.95
CA THR A 52 -12.78 -12.46 21.88
C THR A 52 -13.85 -13.19 21.08
N GLU A 53 -13.44 -13.77 19.94
CA GLU A 53 -14.31 -14.64 19.15
C GLU A 53 -14.77 -15.84 19.94
N ASN A 54 -13.87 -16.43 20.72
N ASN A 54 -13.88 -16.44 20.72
CA ASN A 54 -14.25 -17.56 21.56
CA ASN A 54 -14.29 -17.57 21.55
C ASN A 54 -15.24 -17.18 22.66
C ASN A 54 -15.28 -17.18 22.65
N ASP A 55 -15.09 -15.99 23.22
CA ASP A 55 -16.04 -15.47 24.23
C ASP A 55 -17.47 -15.36 23.69
N MET A 56 -17.63 -15.29 22.37
CA MET A 56 -18.96 -15.14 21.76
C MET A 56 -19.62 -16.45 21.33
N ALA A 57 -19.05 -17.58 21.73
CA ALA A 57 -19.62 -18.86 21.33
C ALA A 57 -21.04 -19.03 21.86
N ARG A 58 -21.89 -19.66 21.07
CA ARG A 58 -23.25 -19.94 21.50
C ARG A 58 -23.53 -21.44 21.61
N ASP A 59 -24.53 -21.78 22.41
CA ASP A 59 -24.96 -23.18 22.56
C ASP A 59 -26.01 -23.57 21.52
N GLU A 60 -26.62 -24.74 21.74
N GLU A 60 -26.63 -24.75 21.70
CA GLU A 60 -27.64 -25.35 20.89
CA GLU A 60 -27.63 -25.26 20.74
C GLU A 60 -28.84 -24.42 20.65
C GLU A 60 -28.86 -24.37 20.62
N ASN A 61 -29.23 -23.74 21.72
CA ASN A 61 -30.34 -22.77 21.78
C ASN A 61 -29.99 -21.34 21.38
N SER A 62 -28.76 -21.13 20.92
CA SER A 62 -28.29 -19.81 20.50
C SER A 62 -28.09 -18.83 21.65
N LYS A 63 -27.82 -19.36 22.83
CA LYS A 63 -27.55 -18.53 24.00
C LYS A 63 -26.05 -18.47 24.18
N PHE A 64 -25.58 -17.34 24.70
CA PHE A 64 -24.16 -17.17 24.99
C PHE A 64 -23.71 -18.24 25.98
N LYS A 65 -22.56 -18.86 25.72
CA LYS A 65 -21.89 -19.75 26.67
C LYS A 65 -21.13 -18.96 27.73
N ASN A 66 -20.57 -17.83 27.35
CA ASN A 66 -19.86 -16.99 28.31
C ASN A 66 -20.75 -16.61 29.50
N PRO A 67 -20.29 -16.85 30.73
CA PRO A 67 -21.11 -16.58 31.90
C PRO A 67 -21.53 -15.10 32.04
N LEU A 68 -20.59 -14.17 31.90
CA LEU A 68 -20.91 -12.76 32.01
C LEU A 68 -21.90 -12.30 30.93
N LEU A 69 -21.65 -12.68 29.68
CA LEU A 69 -22.57 -12.32 28.61
C LEU A 69 -23.93 -13.01 28.74
N GLN A 70 -23.91 -14.28 29.13
CA GLN A 70 -25.17 -14.99 29.39
C GLN A 70 -26.03 -14.28 30.43
N GLN A 71 -25.41 -13.82 31.51
CA GLN A 71 -26.16 -13.15 32.56
C GLN A 71 -26.69 -11.77 32.14
N LEU A 72 -25.86 -10.98 31.47
CA LEU A 72 -26.32 -9.69 30.98
C LEU A 72 -27.49 -9.86 30.00
N ASP A 73 -27.36 -10.83 29.12
CA ASP A 73 -28.43 -11.10 28.16
C ASP A 73 -29.72 -11.53 28.85
N SER A 74 -29.60 -12.40 29.85
CA SER A 74 -30.75 -12.83 30.65
C SER A 74 -31.47 -11.63 31.23
N GLU A 75 -30.71 -10.76 31.87
CA GLU A 75 -31.29 -9.59 32.49
C GLU A 75 -31.97 -8.69 31.44
N LEU A 76 -31.50 -8.75 30.20
CA LEU A 76 -32.10 -7.97 29.09
C LEU A 76 -33.07 -8.79 28.27
N ASN A 77 -33.45 -9.95 28.79
CA ASN A 77 -34.40 -10.84 28.12
C ASN A 77 -34.03 -11.22 26.70
N GLY A 78 -32.74 -11.43 26.45
CA GLY A 78 -32.28 -11.89 25.14
C GLY A 78 -32.07 -10.80 24.11
N LEU A 79 -32.22 -9.54 24.54
CA LEU A 79 -32.00 -8.41 23.64
C LEU A 79 -30.56 -8.26 23.16
N LEU A 80 -29.59 -8.64 23.99
CA LEU A 80 -28.19 -8.50 23.62
C LEU A 80 -27.72 -9.57 22.64
N SER A 81 -28.18 -10.81 22.82
CA SER A 81 -27.87 -11.89 21.88
C SER A 81 -28.58 -11.70 20.54
N ALA A 82 -29.80 -11.18 20.60
CA ALA A 82 -30.56 -10.96 19.38
C ALA A 82 -29.94 -9.82 18.55
N ALA A 83 -29.57 -8.74 19.21
CA ALA A 83 -28.96 -7.63 18.52
C ALA A 83 -27.63 -8.11 17.94
N SER A 84 -26.87 -8.88 18.71
CA SER A 84 -25.55 -9.34 18.27
C SER A 84 -25.62 -10.22 17.02
N SER A 85 -26.55 -11.16 16.98
CA SER A 85 -26.66 -11.99 15.77
C SER A 85 -27.23 -11.17 14.61
N GLU A 86 -28.16 -10.26 14.87
CA GLU A 86 -28.74 -9.46 13.78
C GLU A 86 -27.64 -8.61 13.12
N GLU A 87 -26.73 -8.12 13.96
CA GLU A 87 -25.71 -7.20 13.49
C GLU A 87 -24.42 -7.96 13.15
N ASP A 88 -24.51 -9.29 13.12
CA ASP A 88 -23.38 -10.14 12.72
C ASP A 88 -22.12 -9.90 13.58
N PHE A 89 -22.30 -9.65 14.87
CA PHE A 89 -21.15 -9.46 15.77
C PHE A 89 -20.76 -10.82 16.32
N SER A 90 -19.53 -11.26 16.06
CA SER A 90 -19.03 -12.53 16.57
C SER A 90 -17.69 -12.33 17.29
N GLY A 91 -17.38 -11.09 17.65
CA GLY A 91 -16.20 -10.80 18.46
C GLY A 91 -14.92 -10.63 17.66
N LYS A 92 -15.05 -10.45 16.35
CA LYS A 92 -13.87 -10.20 15.51
C LYS A 92 -13.28 -8.83 15.80
N SER A 93 -11.98 -8.70 15.53
CA SER A 93 -11.23 -7.50 15.83
C SER A 93 -11.78 -6.29 15.06
N GLY A 94 -12.07 -5.20 15.77
CA GLY A 94 -12.75 -4.04 15.18
C GLY A 94 -14.28 -4.05 15.22
N GLN A 95 -14.90 -5.18 15.51
CA GLN A 95 -16.36 -5.24 15.48
C GLN A 95 -16.85 -4.61 16.77
N SER A 96 -18.08 -4.11 16.75
CA SER A 96 -18.73 -3.68 17.97
C SER A 96 -20.24 -3.69 17.83
N VAL A 97 -20.91 -3.87 18.96
N VAL A 97 -20.93 -3.86 18.94
CA VAL A 97 -22.36 -3.71 19.07
CA VAL A 97 -22.38 -3.64 18.96
C VAL A 97 -22.63 -2.72 20.19
C VAL A 97 -22.72 -2.79 20.16
N ASN A 98 -23.60 -1.82 19.99
N ASN A 98 -23.61 -1.82 19.94
CA ASN A 98 -23.95 -0.78 20.94
CA ASN A 98 -23.96 -0.81 20.92
C ASN A 98 -25.44 -0.90 21.24
C ASN A 98 -25.44 -0.95 21.22
N LEU A 99 -25.77 -1.19 22.49
CA LEU A 99 -27.16 -1.36 22.89
C LEU A 99 -27.56 -0.45 24.04
N ARG A 100 -28.51 0.44 23.77
CA ARG A 100 -29.10 1.34 24.76
C ARG A 100 -30.42 0.79 25.26
N PHE A 101 -30.56 0.66 26.57
CA PHE A 101 -31.70 -0.04 27.17
C PHE A 101 -32.10 0.70 28.44
N PRO A 102 -33.23 0.35 29.07
CA PRO A 102 -33.67 1.24 30.15
C PRO A 102 -32.77 1.05 31.36
N GLY A 103 -32.14 2.13 31.79
CA GLY A 103 -31.19 2.08 32.89
C GLY A 103 -29.72 2.05 32.49
N GLY A 104 -29.42 1.92 31.20
CA GLY A 104 -28.03 1.95 30.81
C GLY A 104 -27.71 1.66 29.36
N ARG A 105 -26.42 1.45 29.10
CA ARG A 105 -25.93 1.21 27.75
C ARG A 105 -24.78 0.21 27.83
N ILE A 106 -24.80 -0.75 26.92
CA ILE A 106 -23.71 -1.70 26.80
C ILE A 106 -23.09 -1.63 25.41
N THR A 107 -21.76 -1.67 25.35
N THR A 107 -21.76 -1.70 25.36
CA THR A 107 -21.10 -1.94 24.08
CA THR A 107 -21.09 -1.94 24.10
C THR A 107 -20.18 -3.14 24.19
C THR A 107 -20.19 -3.16 24.19
N LEU A 108 -20.36 -4.10 23.27
CA LEU A 108 -19.45 -5.23 23.14
C LEU A 108 -18.41 -4.88 22.09
N VAL A 109 -17.14 -5.12 22.40
CA VAL A 109 -16.04 -4.78 21.53
C VAL A 109 -15.26 -6.03 21.19
N GLY A 110 -15.08 -6.28 19.90
CA GLY A 110 -14.43 -7.50 19.44
C GLY A 110 -12.93 -7.44 19.65
N LEU A 111 -12.36 -8.47 20.26
CA LEU A 111 -10.91 -8.54 20.43
C LEU A 111 -10.23 -9.48 19.41
N GLY A 112 -11.03 -10.17 18.62
CA GLY A 112 -10.52 -11.15 17.67
C GLY A 112 -10.09 -12.44 18.34
N SER A 113 -9.11 -13.12 17.73
CA SER A 113 -8.47 -14.26 18.37
C SER A 113 -6.95 -14.07 18.33
N SER A 114 -6.30 -14.40 19.44
CA SER A 114 -4.85 -14.34 19.51
C SER A 114 -4.37 -12.91 19.24
N ALA A 115 -5.01 -11.93 19.87
CA ALA A 115 -4.45 -10.58 19.81
C ALA A 115 -3.49 -10.25 20.96
N SER A 116 -2.40 -9.60 20.57
CA SER A 116 -1.30 -9.34 21.48
C SER A 116 -1.66 -8.19 22.42
N SER A 117 -1.26 -8.32 23.67
CA SER A 117 -1.18 -7.18 24.56
C SER A 117 0.18 -6.44 24.50
N PRO A 118 0.18 -5.11 24.69
CA PRO A 118 -0.97 -4.36 25.20
C PRO A 118 -1.94 -3.91 24.12
N THR A 119 -1.59 -4.14 22.86
CA THR A 119 -2.27 -3.44 21.77
C THR A 119 -3.78 -3.72 21.75
N SER A 120 -4.16 -4.96 22.06
CA SER A 120 -5.57 -5.34 22.07
C SER A 120 -6.31 -4.53 23.11
N TYR A 121 -5.67 -4.35 24.27
CA TYR A 121 -6.33 -3.68 25.38
C TYR A 121 -6.30 -2.15 25.23
N HIS A 122 -5.24 -1.64 24.59
CA HIS A 122 -5.29 -0.27 24.08
C HIS A 122 -6.48 -0.04 23.16
N SER A 123 -6.69 -0.94 22.20
CA SER A 123 -7.83 -0.80 21.29
C SER A 123 -9.15 -0.84 22.03
N LEU A 124 -9.27 -1.78 22.95
CA LEU A 124 -10.48 -1.92 23.75
C LEU A 124 -10.76 -0.58 24.41
N GLY A 125 -9.77 0.00 25.05
CA GLY A 125 -9.95 1.30 25.68
C GLY A 125 -10.37 2.37 24.68
N GLN A 126 -9.68 2.44 23.54
N GLN A 126 -9.67 2.45 23.54
CA GLN A 126 -10.03 3.39 22.49
CA GLN A 126 -10.01 3.39 22.50
C GLN A 126 -11.48 3.21 22.09
C GLN A 126 -11.48 3.22 22.08
N ALA A 127 -11.92 1.96 21.93
CA ALA A 127 -13.31 1.72 21.49
C ALA A 127 -14.28 2.20 22.57
N ALA A 128 -13.91 2.00 23.84
CA ALA A 128 -14.76 2.46 24.94
C ALA A 128 -14.84 3.98 24.97
N ALA A 129 -13.74 4.65 24.68
CA ALA A 129 -13.74 6.12 24.62
C ALA A 129 -14.60 6.65 23.46
N ALA A 130 -14.53 5.96 22.34
CA ALA A 130 -15.30 6.35 21.17
C ALA A 130 -16.80 6.19 21.45
N ALA A 131 -17.19 5.08 22.09
CA ALA A 131 -18.58 4.83 22.36
C ALA A 131 -19.06 5.85 23.44
N ALA A 132 -18.17 6.28 24.32
CA ALA A 132 -18.54 7.27 25.32
C ALA A 132 -18.81 8.63 24.68
N LYS A 133 -17.94 8.97 23.74
CA LYS A 133 -18.05 10.22 23.03
C LYS A 133 -19.35 10.22 22.26
N SER A 134 -19.67 9.11 21.60
N SER A 134 -19.67 9.10 21.62
CA SER A 134 -20.84 9.08 20.73
CA SER A 134 -20.81 9.01 20.75
C SER A 134 -22.16 9.00 21.51
C SER A 134 -22.14 9.01 21.51
N SER A 135 -22.10 8.78 22.81
CA SER A 135 -23.32 8.82 23.64
C SER A 135 -23.24 9.84 24.78
N GLN A 136 -22.25 10.71 24.74
CA GLN A 136 -22.06 11.73 25.77
C GLN A 136 -21.99 11.14 27.14
N ALA A 137 -21.38 9.97 27.25
CA ALA A 137 -21.25 9.34 28.56
C ALA A 137 -20.29 10.12 29.49
N ARG A 138 -20.62 10.13 30.78
CA ARG A 138 -19.81 10.75 31.83
C ARG A 138 -19.07 9.68 32.64
N ASN A 139 -19.78 8.62 33.00
CA ASN A 139 -19.24 7.59 33.88
C ASN A 139 -19.31 6.25 33.20
N ILE A 140 -18.15 5.70 32.88
CA ILE A 140 -18.14 4.46 32.15
C ILE A 140 -17.38 3.39 32.89
N ALA A 141 -17.53 2.16 32.40
CA ALA A 141 -16.79 1.04 32.96
C ALA A 141 -16.32 0.19 31.80
N VAL A 142 -15.25 -0.54 32.06
CA VAL A 142 -14.76 -1.51 31.10
C VAL A 142 -14.43 -2.77 31.86
N ALA A 143 -14.71 -3.88 31.18
CA ALA A 143 -14.36 -5.21 31.66
C ALA A 143 -14.05 -6.16 30.49
N LEU A 144 -13.37 -7.26 30.78
CA LEU A 144 -13.22 -8.37 29.83
C LEU A 144 -14.30 -9.41 30.03
N ALA A 145 -14.79 -10.00 28.95
CA ALA A 145 -15.80 -11.03 29.08
C ALA A 145 -15.20 -12.25 29.76
N SER A 146 -13.91 -12.47 29.60
N SER A 146 -13.91 -12.44 29.59
CA SER A 146 -13.27 -13.55 30.33
CA SER A 146 -13.23 -13.54 30.29
C SER A 146 -11.86 -13.21 30.80
C SER A 146 -11.85 -13.17 30.81
N THR A 147 -11.63 -13.52 32.07
CA THR A 147 -10.30 -13.46 32.69
C THR A 147 -9.75 -14.82 33.14
N ASP A 148 -10.35 -15.93 32.69
CA ASP A 148 -9.85 -17.26 33.08
C ASP A 148 -8.43 -17.56 32.62
N GLY A 149 -7.65 -18.12 33.54
CA GLY A 149 -6.27 -18.49 33.24
C GLY A 149 -5.28 -17.34 33.26
N LEU A 150 -5.72 -16.12 33.57
CA LEU A 150 -4.83 -14.95 33.58
C LEU A 150 -4.25 -14.75 34.97
N SER A 151 -2.94 -14.51 35.05
CA SER A 151 -2.35 -14.16 36.34
C SER A 151 -2.84 -12.79 36.79
N ALA A 152 -2.64 -12.51 38.08
CA ALA A 152 -2.99 -11.22 38.67
C ALA A 152 -2.20 -10.10 37.99
N GLU A 153 -1.00 -10.46 37.55
CA GLU A 153 -0.14 -9.52 36.88
C GLU A 153 -0.52 -9.22 35.43
N SER A 154 -0.89 -10.24 34.67
N SER A 154 -0.91 -10.24 34.68
CA SER A 154 -1.40 -9.96 33.32
CA SER A 154 -1.42 -10.00 33.32
C SER A 154 -2.66 -9.09 33.39
C SER A 154 -2.67 -9.13 33.37
N LYS A 155 -3.47 -9.32 34.41
CA LYS A 155 -4.68 -8.55 34.56
C LYS A 155 -4.37 -7.08 34.86
N ILE A 156 -3.39 -6.87 35.73
CA ILE A 156 -2.93 -5.53 36.04
C ILE A 156 -2.50 -4.84 34.75
N ASN A 157 -1.74 -5.54 33.92
CA ASN A 157 -1.21 -4.96 32.68
C ASN A 157 -2.32 -4.68 31.68
N SER A 158 -3.33 -5.53 31.65
CA SER A 158 -4.52 -5.27 30.83
C SER A 158 -5.28 -4.03 31.32
N ALA A 159 -5.36 -3.86 32.63
CA ALA A 159 -6.09 -2.75 33.18
C ALA A 159 -5.40 -1.46 32.79
N SER A 160 -4.08 -1.41 32.90
CA SER A 160 -3.35 -0.18 32.61
C SER A 160 -3.36 0.18 31.12
N ALA A 161 -3.38 -0.85 30.28
CA ALA A 161 -3.52 -0.69 28.84
C ALA A 161 -4.93 -0.24 28.45
N ILE A 162 -5.95 -0.75 29.13
CA ILE A 162 -7.32 -0.25 28.94
C ILE A 162 -7.41 1.24 29.31
N ALA A 163 -6.81 1.60 30.44
CA ALA A 163 -6.79 2.97 30.90
C ALA A 163 -6.14 3.87 29.86
N THR A 164 -4.99 3.45 29.35
CA THR A 164 -4.25 4.18 28.32
C THR A 164 -5.16 4.41 27.09
N GLY A 165 -5.84 3.35 26.67
CA GLY A 165 -6.72 3.47 25.48
C GLY A 165 -7.85 4.47 25.69
N VAL A 166 -8.42 4.46 26.89
CA VAL A 166 -9.52 5.38 27.19
C VAL A 166 -9.00 6.84 27.22
N VAL A 167 -7.86 7.07 27.87
CA VAL A 167 -7.34 8.41 28.07
C VAL A 167 -6.93 8.99 26.71
N LEU A 168 -6.17 8.21 25.94
CA LEU A 168 -5.70 8.70 24.67
C LEU A 168 -6.84 8.77 23.68
N GLY A 169 -7.80 7.86 23.77
CA GLY A 169 -8.94 7.86 22.87
C GLY A 169 -9.90 9.00 23.12
N SER A 170 -9.88 9.55 24.35
CA SER A 170 -10.75 10.68 24.69
C SER A 170 -10.15 12.02 24.38
N PHE A 171 -8.86 12.06 24.05
CA PHE A 171 -8.21 13.34 23.77
C PHE A 171 -8.75 13.94 22.49
N GLU A 172 -9.11 15.21 22.54
N GLU A 172 -9.09 15.22 22.54
CA GLU A 172 -9.53 15.95 21.34
CA GLU A 172 -9.54 15.96 21.37
C GLU A 172 -8.90 17.34 21.40
C GLU A 172 -8.88 17.33 21.42
N ASP A 173 -8.14 17.69 20.37
CA ASP A 173 -7.40 18.93 20.37
C ASP A 173 -8.25 19.98 19.67
N ASN A 174 -8.82 20.88 20.46
CA ASN A 174 -9.69 21.93 19.93
C ASN A 174 -9.16 23.33 20.08
N ARG A 175 -7.87 23.43 20.38
CA ARG A 175 -7.27 24.72 20.60
C ARG A 175 -7.39 25.70 19.42
N PHE A 176 -7.49 25.21 18.19
CA PHE A 176 -7.47 26.08 17.02
C PHE A 176 -8.74 26.09 16.18
N ARG A 177 -9.84 25.67 16.76
CA ARG A 177 -11.12 25.72 16.09
C ARG A 177 -12.22 26.18 17.03
N SER A 178 -13.16 26.90 16.43
CA SER A 178 -14.02 27.84 17.14
C SER A 178 -15.20 27.04 17.64
N GLU A 179 -15.48 25.91 17.01
N GLU A 179 -15.39 25.86 17.07
CA GLU A 179 -16.63 25.13 17.43
CA GLU A 179 -16.58 25.08 17.32
C GLU A 179 -16.20 23.72 17.81
C GLU A 179 -16.16 23.71 17.82
N SER A 180 -16.56 23.35 19.03
CA SER A 180 -16.23 22.06 19.59
C SER A 180 -17.08 21.83 20.84
N LYS A 181 -17.31 20.57 21.19
CA LYS A 181 -17.85 20.21 22.51
C LYS A 181 -16.72 19.68 23.37
N LYS A 182 -16.62 20.18 24.59
CA LYS A 182 -15.73 19.62 25.60
C LYS A 182 -16.09 18.14 25.84
N SER A 183 -15.08 17.30 26.06
CA SER A 183 -15.31 15.90 26.43
C SER A 183 -16.21 15.76 27.68
N THR A 184 -17.16 14.85 27.58
CA THR A 184 -18.08 14.59 28.68
C THR A 184 -17.49 13.59 29.68
N LEU A 185 -16.47 12.84 29.27
CA LEU A 185 -16.01 11.70 30.06
C LEU A 185 -15.32 12.12 31.36
N GLU A 186 -15.84 11.66 32.49
CA GLU A 186 -15.33 12.12 33.78
C GLU A 186 -14.70 11.00 34.57
N SER A 187 -15.22 9.78 34.42
CA SER A 187 -14.68 8.67 35.20
C SER A 187 -14.67 7.37 34.43
N LEU A 188 -13.72 6.51 34.78
CA LEU A 188 -13.63 5.16 34.26
C LEU A 188 -13.43 4.23 35.43
N ASP A 189 -14.31 3.22 35.52
CA ASP A 189 -14.17 2.12 36.46
C ASP A 189 -13.72 0.90 35.68
N ILE A 190 -12.56 0.37 36.03
CA ILE A 190 -12.09 -0.86 35.45
C ILE A 190 -12.47 -2.01 36.37
N LEU A 191 -13.15 -3.00 35.81
CA LEU A 191 -13.77 -4.07 36.57
C LEU A 191 -13.20 -5.43 36.21
N GLY A 192 -13.18 -6.31 37.20
CA GLY A 192 -12.87 -7.71 37.00
C GLY A 192 -11.38 -8.03 36.99
N LEU A 193 -10.53 -7.00 37.13
CA LEU A 193 -9.12 -7.20 36.87
C LEU A 193 -8.28 -7.01 38.14
N GLY A 194 -8.94 -6.84 39.28
CA GLY A 194 -8.25 -6.70 40.56
C GLY A 194 -8.44 -5.33 41.15
N THR A 195 -8.13 -5.19 42.43
CA THR A 195 -8.17 -3.91 43.15
C THR A 195 -6.96 -3.79 44.06
N GLY A 196 -6.79 -2.62 44.66
CA GLY A 196 -5.73 -2.41 45.63
C GLY A 196 -4.53 -1.65 45.10
N PRO A 197 -3.47 -1.57 45.90
CA PRO A 197 -2.36 -0.68 45.64
C PRO A 197 -1.60 -0.93 44.33
N GLU A 198 -1.35 -2.20 44.01
CA GLU A 198 -0.50 -2.54 42.87
C GLU A 198 -1.18 -2.11 41.55
N ILE A 199 -2.44 -2.49 41.38
CA ILE A 199 -3.14 -2.19 40.13
C ILE A 199 -3.35 -0.69 40.00
N GLU A 200 -3.50 -0.02 41.13
CA GLU A 200 -3.56 1.43 41.13
C GLU A 200 -2.25 2.13 40.76
N ARG A 201 -1.12 1.57 41.20
CA ARG A 201 0.19 2.07 40.79
C ARG A 201 0.37 1.94 39.27
N LYS A 202 -0.08 0.82 38.73
CA LYS A 202 0.11 0.58 37.31
C LYS A 202 -0.76 1.53 36.47
N ILE A 203 -1.97 1.79 36.95
CA ILE A 203 -2.86 2.71 36.30
C ILE A 203 -2.23 4.10 36.33
N LYS A 204 -1.65 4.47 37.46
CA LYS A 204 -1.04 5.77 37.63
C LYS A 204 0.14 5.93 36.65
N TYR A 205 0.95 4.88 36.54
CA TYR A 205 2.05 4.86 35.59
C TYR A 205 1.50 5.16 34.20
N ALA A 206 0.44 4.46 33.82
CA ALA A 206 -0.15 4.63 32.49
C ALA A 206 -0.59 6.08 32.32
N GLU A 207 -1.21 6.63 33.36
CA GLU A 207 -1.64 8.02 33.32
C GLU A 207 -0.46 8.96 33.11
N HIS A 208 0.67 8.68 33.75
CA HIS A 208 1.85 9.53 33.62
C HIS A 208 2.36 9.48 32.18
N VAL A 209 2.40 8.28 31.61
CA VAL A 209 2.84 8.12 30.24
C VAL A 209 1.88 8.87 29.32
N CYS A 210 0.57 8.67 29.48
CA CYS A 210 -0.42 9.35 28.64
C CYS A 210 -0.24 10.86 28.64
N ALA A 211 0.08 11.44 29.80
CA ALA A 211 0.23 12.89 29.84
C ALA A 211 1.40 13.32 28.97
N GLY A 212 2.44 12.50 28.92
CA GLY A 212 3.53 12.70 27.97
C GLY A 212 3.12 12.51 26.52
N VAL A 213 2.34 11.49 26.21
CA VAL A 213 1.87 11.26 24.86
C VAL A 213 1.02 12.44 24.37
N ILE A 214 0.14 12.91 25.23
CA ILE A 214 -0.75 14.03 24.91
C ILE A 214 0.00 15.35 24.71
N LEU A 215 1.01 15.60 25.52
CA LEU A 215 1.89 16.73 25.26
C LEU A 215 2.55 16.61 23.87
N GLY A 216 3.05 15.43 23.54
CA GLY A 216 3.61 15.20 22.22
C GLY A 216 2.63 15.48 21.09
N ARG A 217 1.41 14.99 21.18
CA ARG A 217 0.36 15.28 20.19
C ARG A 217 0.13 16.78 20.07
N GLU A 218 0.04 17.46 21.20
CA GLU A 218 -0.18 18.91 21.17
C GLU A 218 0.93 19.70 20.51
N LEU A 219 2.16 19.25 20.75
CA LEU A 219 3.30 19.96 20.20
C LEU A 219 3.32 19.83 18.67
N VAL A 220 2.92 18.66 18.18
CA VAL A 220 2.89 18.39 16.75
C VAL A 220 1.65 19.01 16.10
N ASN A 221 0.46 18.79 16.65
CA ASN A 221 -0.72 19.40 16.10
C ASN A 221 -0.56 20.90 15.88
N ALA A 222 0.06 21.60 16.83
CA ALA A 222 0.15 23.03 16.75
C ALA A 222 0.98 23.38 15.51
N PRO A 223 0.56 24.42 14.78
CA PRO A 223 1.31 24.87 13.63
C PRO A 223 2.52 25.70 14.03
N ALA A 224 3.41 25.87 13.05
CA ALA A 224 4.68 26.55 13.25
C ALA A 224 4.57 28.00 13.68
N ASN A 225 3.45 28.68 13.38
CA ASN A 225 3.24 30.05 13.83
C ASN A 225 2.86 30.13 15.29
N ILE A 226 2.60 28.99 15.90
CA ILE A 226 2.29 28.90 17.33
C ILE A 226 3.43 28.22 18.09
N VAL A 227 3.84 27.03 17.67
CA VAL A 227 5.03 26.40 18.25
C VAL A 227 6.28 26.75 17.45
N THR A 228 6.84 27.89 17.80
CA THR A 228 8.12 28.35 17.33
C THR A 228 9.22 27.74 18.18
N PRO A 229 10.48 27.93 17.80
CA PRO A 229 11.56 27.44 18.65
C PRO A 229 11.58 28.03 20.05
N ALA A 230 11.27 29.31 20.17
CA ALA A 230 11.16 29.97 21.48
C ALA A 230 10.03 29.40 22.30
N VAL A 231 8.90 29.08 21.66
CA VAL A 231 7.81 28.40 22.36
C VAL A 231 8.11 26.97 22.75
N LEU A 232 8.82 26.25 21.88
CA LEU A 232 9.29 24.92 22.25
C LEU A 232 10.23 24.98 23.47
N ALA A 233 11.12 25.96 23.49
CA ALA A 233 11.99 26.12 24.66
C ALA A 233 11.21 26.42 25.93
N GLU A 234 10.17 27.23 25.81
CA GLU A 234 9.29 27.49 26.97
C GLU A 234 8.57 26.25 27.46
N GLU A 235 8.13 25.40 26.55
CA GLU A 235 7.55 24.14 26.95
C GLU A 235 8.56 23.31 27.74
N ALA A 236 9.80 23.29 27.28
CA ALA A 236 10.83 22.56 28.01
C ALA A 236 11.03 23.13 29.42
N LYS A 237 11.06 24.45 29.52
CA LYS A 237 11.19 25.10 30.82
C LYS A 237 10.03 24.81 31.76
N LYS A 238 8.85 24.67 31.19
N LYS A 238 8.84 24.66 31.19
CA LYS A 238 7.64 24.38 31.96
CA LYS A 238 7.64 24.38 31.96
C LYS A 238 7.76 22.99 32.58
C LYS A 238 7.74 22.99 32.57
N ILE A 239 8.26 22.05 31.80
CA ILE A 239 8.46 20.70 32.33
C ILE A 239 9.44 20.78 33.49
N ALA A 240 10.53 21.50 33.33
CA ALA A 240 11.56 21.55 34.37
C ALA A 240 11.00 22.25 35.62
N SER A 241 10.20 23.27 35.40
CA SER A 241 9.61 24.02 36.49
C SER A 241 8.64 23.16 37.29
N THR A 242 7.87 22.32 36.59
CA THR A 242 6.90 21.45 37.22
C THR A 242 7.63 20.41 38.07
N TYR A 243 8.77 19.93 37.59
CA TYR A 243 9.44 18.79 38.24
C TYR A 243 10.86 19.20 38.69
N SER A 244 10.96 20.38 39.28
CA SER A 244 12.26 21.04 39.44
C SER A 244 13.23 20.31 40.38
N ASP A 245 12.75 19.40 41.20
CA ASP A 245 13.65 18.63 42.05
C ASP A 245 14.28 17.43 41.35
N VAL A 246 13.77 17.08 40.17
CA VAL A 246 14.38 16.01 39.37
C VAL A 246 14.75 16.36 37.91
N ILE A 247 14.25 17.48 37.42
CA ILE A 247 14.61 17.94 36.08
C ILE A 247 15.18 19.35 36.11
N SER A 248 16.37 19.50 35.55
CA SER A 248 16.95 20.80 35.31
C SER A 248 16.91 21.14 33.82
N VAL A 249 17.07 22.42 33.52
CA VAL A 249 17.00 22.87 32.14
C VAL A 249 18.10 23.87 31.85
N ASN A 250 18.66 23.78 30.64
CA ASN A 250 19.54 24.79 30.11
C ASN A 250 19.18 25.03 28.64
N ILE A 251 18.77 26.26 28.34
CA ILE A 251 18.42 26.67 27.00
C ILE A 251 19.58 27.49 26.45
N LEU A 252 20.21 27.00 25.39
CA LEU A 252 21.29 27.77 24.75
C LEU A 252 20.76 28.57 23.58
N ASP A 253 21.17 29.85 23.49
CA ASP A 253 20.82 30.67 22.35
C ASP A 253 21.89 30.59 21.24
N ALA A 254 21.61 31.23 20.11
CA ALA A 254 22.43 31.06 18.91
C ALA A 254 23.90 31.37 19.21
N GLU A 255 24.14 32.37 20.04
CA GLU A 255 25.51 32.82 20.34
C GLU A 255 26.24 31.78 21.18
N GLN A 256 25.54 31.19 22.12
CA GLN A 256 26.13 30.07 22.85
C GLN A 256 26.41 28.84 21.97
N CYS A 257 25.56 28.56 21.00
CA CYS A 257 25.79 27.41 20.12
C CYS A 257 26.94 27.73 19.18
N LYS A 258 27.13 29.01 18.90
CA LYS A 258 28.22 29.42 18.05
C LYS A 258 29.54 29.23 18.77
N GLU A 259 29.56 29.48 20.06
CA GLU A 259 30.75 29.24 20.87
C GLU A 259 31.07 27.76 20.96
N LEU A 260 30.02 26.95 20.84
CA LEU A 260 30.22 25.50 20.80
C LEU A 260 30.44 24.95 19.39
N LYS A 261 30.58 25.87 18.44
CA LYS A 261 30.98 25.55 17.08
C LYS A 261 29.95 24.72 16.33
N MET A 262 28.67 24.94 16.62
CA MET A 262 27.61 24.17 15.98
C MET A 262 27.25 24.77 14.62
N GLY A 263 28.18 24.67 13.68
CA GLY A 263 27.99 25.29 12.38
C GLY A 263 26.91 24.64 11.51
N ALA A 264 26.66 23.33 11.68
CA ALA A 264 25.65 22.67 10.88
C ALA A 264 24.24 23.10 11.30
N TYR A 265 23.99 23.11 12.60
CA TYR A 265 22.74 23.59 13.16
C TYR A 265 22.50 25.06 12.84
N LEU A 266 23.53 25.89 13.05
CA LEU A 266 23.36 27.32 12.87
C LEU A 266 23.19 27.70 11.41
N ALA A 267 23.76 26.93 10.51
CA ALA A 267 23.52 27.18 9.09
C ALA A 267 22.04 26.95 8.70
N VAL A 268 21.45 25.90 9.24
CA VAL A 268 20.05 25.62 8.94
C VAL A 268 19.19 26.73 9.52
N ALA A 269 19.53 27.16 10.72
CA ALA A 269 18.77 28.20 11.41
C ALA A 269 18.91 29.64 10.86
N ALA A 270 19.92 29.88 10.03
CA ALA A 270 20.33 31.23 9.69
C ALA A 270 19.25 32.01 8.94
N ALA A 271 18.45 31.33 8.11
CA ALA A 271 17.45 32.07 7.33
C ALA A 271 16.41 32.72 8.24
N ALA A 272 16.04 31.99 9.30
CA ALA A 272 14.87 32.32 10.11
C ALA A 272 15.20 33.37 11.15
N THR A 273 15.30 34.61 10.68
CA THR A 273 15.72 35.71 11.56
C THR A 273 14.59 36.16 12.49
N GLU A 274 13.34 35.87 12.14
CA GLU A 274 12.22 36.38 12.92
C GLU A 274 11.93 35.47 14.12
N ASN A 275 12.12 34.16 13.93
CA ASN A 275 11.96 33.18 15.00
C ASN A 275 13.30 32.49 15.29
N PRO A 276 14.10 33.10 16.16
CA PRO A 276 15.44 32.59 16.47
C PRO A 276 15.44 31.15 16.97
N PRO A 277 16.60 30.50 16.88
CA PRO A 277 16.75 29.12 17.31
C PRO A 277 17.18 28.97 18.76
N TYR A 278 16.78 27.88 19.39
CA TYR A 278 17.11 27.60 20.77
C TYR A 278 17.48 26.14 20.87
N PHE A 279 18.57 25.88 21.58
CA PHE A 279 19.04 24.52 21.78
C PHE A 279 18.61 24.13 23.19
N ILE A 280 17.79 23.10 23.25
CA ILE A 280 17.14 22.68 24.47
C ILE A 280 17.85 21.50 25.10
N HIS A 281 18.23 21.68 26.37
CA HIS A 281 18.87 20.61 27.15
C HIS A 281 18.20 20.41 28.50
N LEU A 282 17.42 19.34 28.63
CA LEU A 282 16.86 18.96 29.92
C LEU A 282 17.65 17.78 30.46
N CYS A 283 17.77 17.71 31.77
CA CYS A 283 18.38 16.57 32.43
C CYS A 283 17.54 16.07 33.59
N PHE A 284 17.16 14.80 33.52
CA PHE A 284 16.45 14.15 34.61
C PHE A 284 17.42 13.34 35.44
N LYS A 285 17.22 13.40 36.75
CA LYS A 285 18.01 12.64 37.73
C LYS A 285 17.33 12.76 39.10
N THR A 286 17.06 11.67 39.82
CA THR A 286 16.70 11.81 41.25
C THR A 286 17.93 12.20 42.09
N PRO A 287 17.73 12.99 43.15
CA PRO A 287 18.87 13.55 43.92
C PRO A 287 19.71 12.49 44.67
N THR A 288 19.22 11.26 44.71
CA THR A 288 19.90 10.21 45.45
C THR A 288 21.21 9.82 44.76
N LYS A 289 22.07 9.11 45.48
CA LYS A 289 23.48 8.99 45.08
C LYS A 289 23.91 7.56 44.72
N GLU A 290 22.98 6.66 44.50
CA GLU A 290 23.30 5.41 43.85
C GLU A 290 23.86 5.62 42.43
N ARG A 291 24.51 4.59 41.88
CA ARG A 291 25.03 4.59 40.51
C ARG A 291 23.88 4.76 39.52
N LYS A 292 24.06 5.69 38.58
CA LYS A 292 23.09 5.94 37.53
C LYS A 292 23.67 5.66 36.15
N THR A 293 22.90 4.98 35.31
CA THR A 293 23.21 4.81 33.90
C THR A 293 22.87 6.11 33.16
N LYS A 294 23.80 6.61 32.35
CA LYS A 294 23.65 7.89 31.67
C LYS A 294 23.16 7.70 30.24
N LEU A 295 21.97 8.23 29.98
CA LEU A 295 21.30 8.07 28.68
C LEU A 295 21.01 9.44 28.08
N ALA A 296 20.95 9.50 26.76
CA ALA A 296 20.38 10.66 26.08
C ALA A 296 19.27 10.29 25.10
N LEU A 297 18.33 11.22 24.99
CA LEU A 297 17.26 11.14 24.01
C LEU A 297 17.32 12.43 23.21
N VAL A 298 17.60 12.29 21.92
CA VAL A 298 17.76 13.42 21.01
C VAL A 298 16.62 13.45 19.99
N GLY A 299 15.95 14.60 19.89
CA GLY A 299 14.80 14.73 19.00
C GLY A 299 15.01 15.81 17.97
N LYS A 300 14.74 15.50 16.71
CA LYS A 300 14.75 16.50 15.66
C LYS A 300 13.69 17.56 15.94
N GLY A 301 14.08 18.82 15.92
CA GLY A 301 13.19 19.91 16.32
C GLY A 301 13.16 21.06 15.32
N LEU A 302 12.93 20.74 14.07
CA LEU A 302 12.51 21.75 13.09
C LEU A 302 11.02 21.98 13.27
N THR A 303 10.70 23.16 13.78
CA THR A 303 9.33 23.53 14.08
C THR A 303 8.57 23.81 12.77
N PHE A 304 9.35 24.13 11.75
CA PHE A 304 8.90 24.07 10.36
C PHE A 304 10.08 23.71 9.47
N ASP A 305 9.80 22.86 8.49
CA ASP A 305 10.78 22.45 7.50
C ASP A 305 10.39 22.81 6.06
N SER A 306 11.09 23.81 5.52
CA SER A 306 10.91 24.35 4.16
C SER A 306 10.97 23.29 3.07
N GLY A 307 11.78 22.26 3.28
CA GLY A 307 11.85 21.14 2.34
C GLY A 307 10.77 20.08 2.49
N GLU A 320 0.73 21.81 3.50
CA GLU A 320 0.49 21.02 4.72
C GLU A 320 0.21 19.55 4.30
N LEU A 321 1.01 19.01 3.38
CA LEU A 321 1.06 17.57 3.12
C LEU A 321 1.86 16.81 4.18
N MET A 322 3.03 17.35 4.54
CA MET A 322 3.87 16.85 5.63
C MET A 322 3.56 17.56 6.96
N LYS A 323 2.81 16.85 7.80
CA LYS A 323 2.38 17.39 9.10
C LYS A 323 3.11 16.72 10.26
N ASN A 324 4.20 16.05 9.91
CA ASN A 324 5.00 15.29 10.83
C ASN A 324 6.18 16.06 11.43
N ASP A 325 6.37 17.32 11.01
CA ASP A 325 7.46 18.17 11.51
C ASP A 325 7.48 18.08 13.04
N MET A 326 8.68 17.94 13.59
CA MET A 326 8.88 18.01 15.03
C MET A 326 8.38 16.79 15.81
N GLY A 327 7.96 15.72 15.12
CA GLY A 327 7.52 14.52 15.82
C GLY A 327 8.55 13.95 16.78
N GLY A 328 9.82 14.08 16.40
CA GLY A 328 10.91 13.53 17.17
C GLY A 328 11.08 14.33 18.45
N ALA A 329 11.17 15.64 18.32
CA ALA A 329 11.26 16.49 19.49
C ALA A 329 10.08 16.26 20.41
N ALA A 330 8.91 16.15 19.82
CA ALA A 330 7.70 15.97 20.62
C ALA A 330 7.75 14.70 21.45
N ALA A 331 8.29 13.63 20.87
CA ALA A 331 8.38 12.37 21.60
C ALA A 331 9.39 12.49 22.72
N VAL A 332 10.46 13.22 22.46
CA VAL A 332 11.46 13.43 23.50
C VAL A 332 10.92 14.24 24.67
N LEU A 333 10.25 15.35 24.39
CA LEU A 333 9.70 16.17 25.48
C LEU A 333 8.55 15.47 26.20
N GLY A 334 7.77 14.71 25.45
CA GLY A 334 6.75 13.84 26.03
C GLY A 334 7.33 12.82 27.00
N ALA A 335 8.47 12.25 26.63
CA ALA A 335 9.14 11.33 27.52
C ALA A 335 9.58 12.01 28.81
N ALA A 336 10.06 13.25 28.70
CA ALA A 336 10.52 13.99 29.86
C ALA A 336 9.37 14.24 30.82
N LYS A 337 8.24 14.66 30.26
CA LYS A 337 7.03 14.86 31.01
C LYS A 337 6.60 13.61 31.78
N ALA A 338 6.62 12.48 31.11
CA ALA A 338 6.33 11.22 31.77
C ALA A 338 7.33 10.92 32.90
N LEU A 339 8.62 11.02 32.58
CA LEU A 339 9.63 10.59 33.51
C LEU A 339 9.70 11.51 34.70
N GLY A 340 9.33 12.77 34.51
CA GLY A 340 9.29 13.69 35.63
C GLY A 340 8.34 13.24 36.72
N GLU A 341 7.21 12.64 36.32
CA GLU A 341 6.27 12.06 37.26
C GLU A 341 6.74 10.73 37.78
N ILE A 342 7.22 9.85 36.90
CA ILE A 342 7.52 8.48 37.27
C ILE A 342 8.75 8.39 38.17
N ARG A 343 9.69 9.32 37.98
CA ARG A 343 10.86 9.47 38.87
C ARG A 343 11.66 8.19 39.04
N PRO A 344 12.14 7.61 37.94
CA PRO A 344 12.99 6.44 38.14
C PRO A 344 14.34 6.77 38.76
N SER A 345 14.83 5.86 39.60
CA SER A 345 16.18 5.96 40.13
C SER A 345 17.10 5.19 39.18
N ARG A 346 18.39 5.27 39.44
N ARG A 346 18.39 5.25 39.46
CA ARG A 346 19.37 4.49 38.69
CA ARG A 346 19.39 4.46 38.75
C ARG A 346 19.58 4.96 37.25
C ARG A 346 19.62 4.95 37.33
N VAL A 347 18.96 6.08 36.86
N VAL A 347 19.07 6.11 36.99
CA VAL A 347 19.17 6.63 35.51
CA VAL A 347 19.23 6.65 35.65
C VAL A 347 19.35 8.15 35.56
C VAL A 347 19.36 8.17 35.60
N GLU A 348 20.20 8.62 34.68
CA GLU A 348 20.32 10.03 34.38
C GLU A 348 20.01 10.18 32.90
N VAL A 349 19.02 11.00 32.58
CA VAL A 349 18.55 11.08 31.19
C VAL A 349 18.66 12.52 30.69
N HIS A 350 19.38 12.67 29.59
CA HIS A 350 19.49 13.96 28.94
C HIS A 350 18.54 14.04 27.73
N PHE A 351 17.70 15.07 27.73
CA PHE A 351 16.77 15.29 26.64
C PHE A 351 17.24 16.49 25.82
N ILE A 352 17.54 16.25 24.54
CA ILE A 352 18.23 17.25 23.71
C ILE A 352 17.52 17.52 22.39
N VAL A 353 17.17 18.78 22.16
CA VAL A 353 16.51 19.21 20.93
C VAL A 353 17.14 20.49 20.41
N ALA A 354 17.73 20.42 19.22
CA ALA A 354 18.24 21.60 18.54
C ALA A 354 17.13 22.24 17.70
N ALA A 355 16.40 23.15 18.31
CA ALA A 355 15.19 23.67 17.72
C ALA A 355 15.45 24.90 16.85
N CYS A 356 14.83 24.90 15.69
CA CYS A 356 14.90 26.01 14.74
C CYS A 356 13.79 25.84 13.72
N GLU A 357 13.57 26.85 12.91
CA GLU A 357 12.75 26.69 11.72
C GLU A 357 13.58 26.93 10.49
N ASN A 358 13.32 26.11 9.48
CA ASN A 358 14.07 26.15 8.24
C ASN A 358 13.33 26.99 7.20
N MET A 359 13.75 28.23 7.06
CA MET A 359 13.08 29.22 6.23
C MET A 359 13.93 29.64 5.03
N ILE A 360 13.38 30.58 4.25
CA ILE A 360 14.03 31.15 3.08
C ILE A 360 14.11 32.66 3.20
N SER A 361 15.34 33.16 3.11
CA SER A 361 15.60 34.59 3.25
C SER A 361 17.01 34.91 2.77
N ALA A 362 17.31 36.20 2.72
CA ALA A 362 18.65 36.63 2.29
C ALA A 362 19.78 36.12 3.20
N GLU A 363 19.44 35.86 4.46
CA GLU A 363 20.39 35.41 5.47
C GLU A 363 20.53 33.89 5.46
N GLY A 364 19.86 33.22 4.53
CA GLY A 364 19.79 31.76 4.54
C GLY A 364 20.95 31.02 3.91
N MET A 365 21.04 29.73 4.23
CA MET A 365 21.95 28.80 3.57
C MET A 365 21.48 28.49 2.15
N ARG A 366 22.42 28.38 1.21
CA ARG A 366 22.13 28.04 -0.16
C ARG A 366 22.45 26.59 -0.40
N PRO A 367 21.82 25.96 -1.40
CA PRO A 367 22.31 24.66 -1.81
C PRO A 367 23.74 24.80 -2.27
N GLY A 368 24.57 23.80 -2.01
CA GLY A 368 26.00 23.85 -2.36
C GLY A 368 26.90 24.39 -1.25
N ASP A 369 26.32 25.12 -0.31
CA ASP A 369 27.09 25.66 0.80
C ASP A 369 27.81 24.53 1.52
N ILE A 370 28.94 24.85 2.14
CA ILE A 370 29.68 23.86 2.90
C ILE A 370 29.73 24.32 4.35
N VAL A 371 29.15 23.52 5.24
CA VAL A 371 29.02 23.90 6.64
C VAL A 371 29.89 22.97 7.46
N THR A 372 30.29 23.42 8.63
CA THR A 372 31.20 22.66 9.47
C THR A 372 30.53 22.33 10.81
N ALA A 373 30.38 21.04 11.06
CA ALA A 373 29.77 20.61 12.34
C ALA A 373 30.75 20.79 13.51
N SER A 374 30.24 20.66 14.73
CA SER A 374 31.02 20.96 15.91
C SER A 374 32.09 19.91 16.21
N ASN A 375 32.13 18.83 15.45
CA ASN A 375 33.28 17.92 15.48
C ASN A 375 34.29 18.16 14.37
N GLY A 376 34.14 19.28 13.67
CA GLY A 376 35.08 19.68 12.63
C GLY A 376 34.79 19.13 11.24
N LYS A 377 33.87 18.18 11.11
CA LYS A 377 33.63 17.58 9.80
C LYS A 377 32.85 18.54 8.92
N THR A 378 33.17 18.54 7.63
CA THR A 378 32.52 19.46 6.69
C THR A 378 31.48 18.74 5.85
N ILE A 379 30.38 19.44 5.59
CA ILE A 379 29.24 18.88 4.87
C ILE A 379 28.83 19.76 3.73
N GLU A 380 28.90 19.20 2.53
CA GLU A 380 28.40 19.89 1.36
C GLU A 380 26.90 19.68 1.23
N VAL A 381 26.15 20.77 1.26
CA VAL A 381 24.70 20.64 1.36
C VAL A 381 24.17 20.57 -0.05
N ASN A 382 24.10 19.37 -0.62
CA ASN A 382 23.62 19.22 -1.98
C ASN A 382 22.10 19.26 -2.08
N ASN A 383 21.40 19.15 -0.94
CA ASN A 383 19.95 19.15 -0.98
C ASN A 383 19.37 19.85 0.25
N THR A 384 18.74 21.00 0.04
CA THR A 384 18.18 21.80 1.11
C THR A 384 16.84 21.29 1.68
N ASP A 385 16.36 20.18 1.13
CA ASP A 385 15.21 19.49 1.71
C ASP A 385 15.63 18.45 2.75
N ALA A 386 16.93 18.25 2.91
CA ALA A 386 17.43 17.37 3.96
C ALA A 386 18.30 18.10 4.98
N GLU A 387 17.77 19.17 5.54
CA GLU A 387 18.53 20.00 6.47
C GLU A 387 18.37 19.54 7.91
N GLY A 388 17.33 18.78 8.17
CA GLY A 388 17.10 18.28 9.52
C GLY A 388 18.30 17.51 10.10
N ARG A 389 18.91 16.68 9.26
CA ARG A 389 20.04 15.88 9.68
C ARG A 389 21.22 16.73 10.05
N LEU A 390 21.32 17.93 9.49
N LEU A 390 21.32 17.93 9.49
CA LEU A 390 22.39 18.84 9.86
CA LEU A 390 22.40 18.84 9.87
C LEU A 390 22.26 19.29 11.32
C LEU A 390 22.25 19.25 11.33
N THR A 391 21.04 19.60 11.73
CA THR A 391 20.79 20.00 13.10
C THR A 391 21.07 18.83 14.04
N LEU A 392 20.70 17.64 13.61
CA LEU A 392 20.97 16.45 14.42
C LEU A 392 22.45 16.16 14.58
N ALA A 393 23.24 16.48 13.57
CA ALA A 393 24.68 16.30 13.68
C ALA A 393 25.27 16.97 14.93
N ASP A 394 24.95 18.25 15.10
CA ASP A 394 25.39 19.00 16.26
C ASP A 394 24.73 18.58 17.57
N ALA A 395 23.46 18.19 17.52
CA ALA A 395 22.80 17.67 18.73
C ALA A 395 23.42 16.37 19.21
N LEU A 396 23.82 15.51 18.28
CA LEU A 396 24.41 14.25 18.64
C LEU A 396 25.80 14.44 19.23
N ILE A 397 26.57 15.35 18.66
CA ILE A 397 27.89 15.67 19.18
C ILE A 397 27.71 16.19 20.60
N TYR A 398 26.73 17.06 20.81
CA TYR A 398 26.47 17.60 22.14
C TYR A 398 26.10 16.49 23.12
N ALA A 399 25.24 15.58 22.67
CA ALA A 399 24.87 14.45 23.52
C ALA A 399 26.11 13.66 23.93
N CYS A 400 26.95 13.33 22.96
CA CYS A 400 28.15 12.57 23.27
C CYS A 400 29.03 13.33 24.27
N ASN A 401 29.05 14.65 24.18
CA ASN A 401 29.87 15.47 25.06
C ASN A 401 29.32 15.60 26.46
N GLN A 402 28.11 15.11 26.70
CA GLN A 402 27.60 15.01 28.06
C GLN A 402 28.10 13.73 28.77
N GLY A 403 28.84 12.90 28.05
CA GLY A 403 29.37 11.68 28.66
C GLY A 403 28.33 10.59 28.87
N VAL A 404 27.31 10.55 28.00
CA VAL A 404 26.37 9.46 28.09
C VAL A 404 26.92 8.12 27.59
N GLU A 405 26.29 7.04 28.01
CA GLU A 405 26.62 5.69 27.57
C GLU A 405 25.77 5.25 26.35
N LYS A 406 24.52 5.71 26.25
CA LYS A 406 23.62 5.29 25.19
C LYS A 406 22.81 6.49 24.72
N ILE A 407 22.60 6.58 23.41
CA ILE A 407 21.76 7.59 22.79
C ILE A 407 20.69 6.93 21.92
N ILE A 408 19.47 7.43 22.02
CA ILE A 408 18.48 7.24 20.96
C ILE A 408 18.08 8.58 20.39
N ASP A 409 18.10 8.71 19.06
CA ASP A 409 17.52 9.88 18.41
C ASP A 409 16.25 9.48 17.66
N LEU A 410 15.28 10.38 17.67
CA LEU A 410 14.07 10.24 16.89
C LEU A 410 13.96 11.42 15.96
N ALA A 411 13.71 11.11 14.70
CA ALA A 411 13.63 12.13 13.66
C ALA A 411 12.73 11.65 12.51
N THR A 412 11.91 12.57 12.04
CA THR A 412 11.21 12.41 10.78
C THR A 412 12.20 12.72 9.68
N LEU A 413 13.04 11.74 9.36
CA LEU A 413 14.20 12.01 8.52
C LEU A 413 13.99 11.87 7.03
N THR A 414 13.30 10.83 6.57
CA THR A 414 13.21 10.54 5.14
C THR A 414 11.79 10.15 4.73
N GLY A 415 11.42 10.43 3.48
CA GLY A 415 10.26 9.78 2.85
C GLY A 415 10.57 8.32 2.56
N ALA A 416 11.85 8.02 2.38
CA ALA A 416 12.24 6.69 1.93
C ALA A 416 11.79 5.65 2.96
N ILE A 417 11.87 5.98 4.24
CA ILE A 417 11.48 4.98 5.27
C ILE A 417 9.99 4.65 5.21
N MET A 418 9.16 5.60 4.79
CA MET A 418 7.74 5.32 4.57
C MET A 418 7.50 4.49 3.31
N VAL A 419 8.30 4.66 2.27
CA VAL A 419 8.24 3.74 1.13
C VAL A 419 8.54 2.33 1.60
N ALA A 420 9.54 2.21 2.47
CA ALA A 420 10.02 0.93 2.96
C ALA A 420 9.03 0.23 3.90
N LEU A 421 8.56 0.98 4.90
CA LEU A 421 7.88 0.36 6.03
C LEU A 421 6.46 0.85 6.20
N GLY A 422 6.02 1.71 5.29
CA GLY A 422 4.66 2.18 5.31
C GLY A 422 4.45 3.28 6.34
N PRO A 423 3.19 3.68 6.52
CA PRO A 423 2.86 4.78 7.43
C PRO A 423 2.97 4.50 8.93
N SER A 424 3.00 3.22 9.31
CA SER A 424 2.73 2.82 10.67
C SER A 424 3.92 2.26 11.44
N VAL A 425 5.03 2.02 10.76
CA VAL A 425 6.17 1.29 11.34
C VAL A 425 7.45 2.12 11.17
N ALA A 426 8.07 2.46 12.29
CA ALA A 426 9.28 3.27 12.25
C ALA A 426 10.48 2.38 11.97
N GLY A 427 11.50 2.97 11.36
CA GLY A 427 12.75 2.26 11.10
C GLY A 427 13.79 2.57 12.16
N ALA A 428 14.45 1.53 12.64
CA ALA A 428 15.47 1.64 13.67
C ALA A 428 16.81 1.25 13.05
N PHE A 429 17.80 2.11 13.27
CA PHE A 429 19.13 1.90 12.73
C PHE A 429 20.17 2.02 13.83
N THR A 430 20.99 0.99 13.99
CA THR A 430 22.04 1.06 15.00
C THR A 430 23.21 0.15 14.63
N PRO A 431 24.44 0.59 14.91
CA PRO A 431 25.60 -0.31 14.89
C PRO A 431 25.61 -1.32 16.04
N ASN A 432 24.76 -1.11 17.04
CA ASN A 432 24.93 -1.81 18.31
C ASN A 432 23.80 -2.84 18.51
N ASP A 433 24.12 -4.12 18.34
CA ASP A 433 23.08 -5.15 18.33
C ASP A 433 22.32 -5.20 19.66
N ASP A 434 23.04 -5.02 20.76
N ASP A 434 23.06 -5.01 20.75
CA ASP A 434 22.43 -5.02 22.09
CA ASP A 434 22.49 -4.98 22.08
C ASP A 434 21.39 -3.91 22.21
C ASP A 434 21.41 -3.90 22.22
N LEU A 435 21.70 -2.70 21.73
CA LEU A 435 20.78 -1.58 21.87
C LEU A 435 19.58 -1.81 20.97
N ALA A 436 19.79 -2.46 19.82
CA ALA A 436 18.66 -2.82 18.97
C ALA A 436 17.70 -3.69 19.76
N ARG A 437 18.25 -4.69 20.44
N ARG A 437 18.25 -4.68 20.44
CA ARG A 437 17.44 -5.63 21.21
CA ARG A 437 17.46 -5.63 21.20
C ARG A 437 16.68 -4.93 22.34
C ARG A 437 16.70 -4.96 22.35
N GLU A 438 17.35 -4.02 23.04
CA GLU A 438 16.69 -3.24 24.09
C GLU A 438 15.50 -2.47 23.50
N VAL A 439 15.68 -1.86 22.33
CA VAL A 439 14.65 -1.00 21.75
C VAL A 439 13.49 -1.83 21.21
N VAL A 440 13.81 -2.97 20.63
CA VAL A 440 12.78 -3.91 20.19
C VAL A 440 11.95 -4.42 21.38
N GLU A 441 12.60 -4.72 22.49
CA GLU A 441 11.88 -5.15 23.70
C GLU A 441 11.03 -4.03 24.30
N ALA A 442 11.55 -2.80 24.26
CA ALA A 442 10.79 -1.68 24.80
C ALA A 442 9.52 -1.45 23.99
N ALA A 443 9.61 -1.65 22.68
CA ALA A 443 8.47 -1.46 21.79
C ALA A 443 7.45 -2.58 21.92
N GLU A 444 7.94 -3.78 22.14
CA GLU A 444 7.09 -4.90 22.49
C GLU A 444 6.28 -4.62 23.77
N ALA A 445 6.90 -4.03 24.79
CA ALA A 445 6.20 -3.66 26.00
C ALA A 445 5.23 -2.48 25.81
N SER A 446 5.63 -1.46 25.05
CA SER A 446 4.77 -0.30 24.83
C SER A 446 3.66 -0.57 23.81
N GLY A 447 3.84 -1.53 22.93
CA GLY A 447 2.89 -1.75 21.87
C GLY A 447 3.15 -0.98 20.59
N GLU A 448 4.21 -0.18 20.56
CA GLU A 448 4.52 0.62 19.38
C GLU A 448 5.24 -0.22 18.32
N LYS A 449 5.07 0.14 17.06
CA LYS A 449 5.60 -0.62 15.93
C LYS A 449 6.87 0.00 15.37
N LEU A 450 7.92 -0.83 15.32
CA LEU A 450 9.18 -0.46 14.71
C LEU A 450 9.89 -1.69 14.17
N TRP A 451 10.91 -1.47 13.34
CA TRP A 451 11.61 -2.55 12.68
C TRP A 451 13.04 -2.11 12.41
N ARG A 452 14.00 -2.93 12.81
CA ARG A 452 15.38 -2.63 12.52
C ARG A 452 15.67 -2.73 11.04
N MET A 453 16.45 -1.77 10.55
CA MET A 453 16.90 -1.75 9.16
C MET A 453 18.42 -1.69 9.14
N PRO A 454 19.03 -2.19 8.08
CA PRO A 454 20.48 -2.40 8.15
C PRO A 454 21.24 -1.11 7.87
N MET A 455 22.34 -0.90 8.59
CA MET A 455 23.28 0.15 8.23
C MET A 455 24.34 -0.35 7.26
N GLU A 456 23.91 -0.59 6.03
CA GLU A 456 24.75 -1.20 5.01
C GLU A 456 25.93 -0.29 4.63
N GLU A 457 27.13 -0.66 5.06
CA GLU A 457 28.31 0.23 5.04
C GLU A 457 28.71 0.61 3.63
N SER A 458 28.51 -0.30 2.68
CA SER A 458 28.92 -0.04 1.30
C SER A 458 28.25 1.19 0.70
N TYR A 459 27.15 1.65 1.30
CA TYR A 459 26.42 2.75 0.68
C TYR A 459 27.06 4.07 1.08
N TRP A 460 28.03 4.03 1.97
CA TRP A 460 28.67 5.29 2.37
C TRP A 460 29.45 5.99 1.25
N GLU A 461 29.96 5.17 0.34
CA GLU A 461 30.70 5.66 -0.83
C GLU A 461 29.82 6.58 -1.66
N SER A 462 28.51 6.40 -1.64
CA SER A 462 27.66 7.26 -2.42
C SER A 462 27.48 8.63 -1.76
N MET A 463 28.00 8.80 -0.54
CA MET A 463 27.87 10.06 0.17
C MET A 463 29.13 10.94 0.07
N LYS A 464 30.10 10.53 -0.74
CA LYS A 464 31.37 11.26 -0.87
C LYS A 464 31.10 12.59 -1.58
N SER A 465 31.84 13.62 -1.18
CA SER A 465 31.77 14.92 -1.81
C SER A 465 33.06 15.09 -2.60
N GLY A 466 33.01 15.90 -3.65
CA GLY A 466 34.20 16.27 -4.38
C GLY A 466 34.97 17.43 -3.79
N VAL A 467 34.40 18.07 -2.75
N VAL A 467 34.40 18.05 -2.75
CA VAL A 467 35.05 19.20 -2.07
CA VAL A 467 35.02 19.20 -2.09
C VAL A 467 35.06 19.11 -0.55
C VAL A 467 35.03 19.15 -0.56
N ALA A 468 34.00 18.56 0.05
CA ALA A 468 33.87 18.47 1.51
C ALA A 468 34.10 17.06 1.99
N ASP A 469 33.98 16.81 3.29
CA ASP A 469 34.07 15.44 3.83
C ASP A 469 32.92 14.57 3.32
N MET A 470 31.74 15.15 3.13
CA MET A 470 30.57 14.36 2.78
C MET A 470 29.54 15.30 2.20
N ILE A 471 28.57 14.71 1.51
CA ILE A 471 27.37 15.43 1.14
C ILE A 471 26.28 15.08 2.16
N ASN A 472 25.16 15.79 2.15
CA ASN A 472 24.09 15.55 3.10
C ASN A 472 22.99 14.60 2.61
N THR A 473 22.92 14.37 1.31
CA THR A 473 21.85 13.56 0.74
C THR A 473 22.32 12.63 -0.36
N GLY A 474 22.11 11.34 -0.14
CA GLY A 474 22.51 10.31 -1.08
C GLY A 474 21.39 10.02 -2.06
N PRO A 475 21.61 9.04 -2.94
CA PRO A 475 20.55 8.67 -3.88
C PRO A 475 19.27 8.16 -3.21
N GLY A 476 18.17 8.20 -3.94
CA GLY A 476 16.87 7.78 -3.43
C GLY A 476 16.90 6.35 -2.95
N ASN A 477 17.57 5.48 -3.72
CA ASN A 477 17.64 4.09 -3.36
C ASN A 477 18.57 3.92 -2.16
N GLY A 478 18.04 3.50 -1.02
CA GLY A 478 18.82 3.40 0.20
C GLY A 478 18.76 4.61 1.13
N GLY A 479 17.90 5.56 0.82
CA GLY A 479 17.95 6.91 1.37
C GLY A 479 17.82 6.95 2.89
N ALA A 480 17.06 6.03 3.46
CA ALA A 480 16.93 5.96 4.91
C ALA A 480 18.17 5.39 5.54
N ILE A 481 18.84 4.48 4.83
CA ILE A 481 20.11 3.94 5.28
C ILE A 481 21.24 4.97 5.24
N THR A 482 21.40 5.67 4.12
CA THR A 482 22.44 6.68 4.04
C THR A 482 22.17 7.87 4.97
N GLY A 483 20.90 8.11 5.27
CA GLY A 483 20.56 9.07 6.32
C GLY A 483 21.14 8.64 7.66
N ALA A 484 20.97 7.36 7.97
CA ALA A 484 21.54 6.81 9.20
C ALA A 484 23.07 6.84 9.20
N LEU A 485 23.67 6.51 8.05
CA LEU A 485 25.11 6.50 7.93
C LEU A 485 25.68 7.92 8.06
N PHE A 486 24.91 8.90 7.59
CA PHE A 486 25.27 10.30 7.77
C PHE A 486 25.37 10.65 9.26
N LEU A 487 24.32 10.31 10.00
CA LEU A 487 24.25 10.66 11.40
C LEU A 487 25.36 10.00 12.21
N LYS A 488 25.73 8.79 11.82
CA LYS A 488 26.79 8.04 12.47
C LYS A 488 28.12 8.80 12.47
N GLN A 489 28.34 9.67 11.50
CA GLN A 489 29.58 10.43 11.40
C GLN A 489 29.73 11.36 12.58
N PHE A 490 28.64 11.59 13.32
CA PHE A 490 28.64 12.59 14.37
C PHE A 490 28.46 11.99 15.75
N VAL A 491 28.64 10.68 15.82
CA VAL A 491 28.47 9.94 17.05
C VAL A 491 29.80 9.28 17.40
N ASP A 492 30.20 9.53 18.63
CA ASP A 492 31.40 8.90 19.20
C ASP A 492 31.21 7.40 19.19
N GLU A 493 32.21 6.71 18.68
CA GLU A 493 32.13 5.27 18.52
C GLU A 493 31.98 4.49 19.83
N LYS A 494 32.47 5.05 20.92
CA LYS A 494 32.32 4.37 22.20
C LYS A 494 30.91 4.52 22.79
N VAL A 495 30.07 5.36 22.20
CA VAL A 495 28.72 5.51 22.75
C VAL A 495 27.81 4.58 21.96
N GLN A 496 26.92 3.86 22.64
CA GLN A 496 25.91 3.09 21.91
C GLN A 496 24.81 4.02 21.41
N TRP A 497 24.40 3.86 20.16
CA TRP A 497 23.53 4.83 19.52
C TRP A 497 22.60 4.15 18.55
N LEU A 498 21.32 4.51 18.67
CA LEU A 498 20.29 4.09 17.73
C LEU A 498 19.49 5.27 17.21
N HIS A 499 19.19 5.20 15.92
CA HIS A 499 18.45 6.24 15.20
C HIS A 499 17.09 5.66 14.81
N LEU A 500 16.04 6.39 15.16
CA LEU A 500 14.70 5.97 14.84
C LEU A 500 14.05 6.95 13.87
N ASP A 501 13.85 6.50 12.63
CA ASP A 501 13.22 7.31 11.58
C ASP A 501 11.71 7.11 11.68
N VAL A 502 11.05 8.13 12.21
CA VAL A 502 9.64 8.08 12.59
C VAL A 502 8.75 8.94 11.68
N ALA A 503 9.22 9.22 10.47
CA ALA A 503 8.44 9.97 9.51
C ALA A 503 6.99 9.52 9.38
N GLY A 504 6.74 8.21 9.39
CA GLY A 504 5.36 7.72 9.25
C GLY A 504 4.56 7.87 10.52
N PRO A 505 4.93 7.13 11.58
CA PRO A 505 3.89 6.94 12.59
C PRO A 505 3.60 8.12 13.52
N VAL A 506 4.34 9.21 13.39
CA VAL A 506 4.07 10.38 14.21
C VAL A 506 2.76 11.08 13.85
N TRP A 507 2.24 10.81 12.67
CA TRP A 507 1.07 11.50 12.20
C TRP A 507 0.11 10.47 11.66
N SER A 508 -1.16 10.60 12.04
CA SER A 508 -2.21 9.70 11.54
C SER A 508 -3.10 10.37 10.50
N ASP A 509 -2.90 10.01 9.24
CA ASP A 509 -3.67 10.52 8.11
C ASP A 509 -5.15 10.25 8.30
N GLU A 510 -5.49 9.12 8.91
CA GLU A 510 -6.87 8.79 9.15
C GLU A 510 -7.49 9.73 10.17
N LYS A 511 -6.84 9.92 11.33
CA LYS A 511 -7.38 10.82 12.33
C LYS A 511 -7.17 12.29 11.99
N LYS A 512 -6.37 12.57 10.95
CA LYS A 512 -5.82 13.91 10.70
C LYS A 512 -5.23 14.58 11.95
N ASN A 513 -4.41 13.86 12.69
CA ASN A 513 -3.90 14.35 13.96
C ASN A 513 -2.56 13.69 14.21
N ALA A 514 -1.80 14.31 15.10
CA ALA A 514 -0.58 13.73 15.63
C ALA A 514 -0.86 12.55 16.56
N THR A 515 0.12 11.67 16.73
CA THR A 515 -0.07 10.49 17.56
C THR A 515 0.66 10.56 18.88
N GLY A 516 1.77 11.29 18.92
CA GLY A 516 2.69 11.23 20.05
C GLY A 516 3.46 9.93 20.08
N TYR A 517 3.56 9.28 18.91
CA TYR A 517 4.41 8.11 18.74
C TYR A 517 5.78 8.34 19.33
N GLY A 518 6.28 7.32 20.02
CA GLY A 518 7.64 7.28 20.52
C GLY A 518 7.68 7.39 22.04
N VAL A 519 6.79 8.19 22.62
CA VAL A 519 6.87 8.51 24.05
C VAL A 519 6.88 7.22 24.84
N SER A 520 5.89 6.37 24.61
CA SER A 520 5.76 5.17 25.45
C SER A 520 6.96 4.26 25.32
N THR A 521 7.47 4.10 24.11
CA THR A 521 8.62 3.25 23.89
C THR A 521 9.87 3.82 24.60
N LEU A 522 10.08 5.12 24.49
CA LEU A 522 11.22 5.73 25.15
C LEU A 522 11.16 5.57 26.68
N VAL A 523 9.98 5.78 27.23
CA VAL A 523 9.80 5.61 28.66
C VAL A 523 10.14 4.17 29.06
N GLU A 524 9.58 3.21 28.33
CA GLU A 524 9.88 1.80 28.64
C GLU A 524 11.37 1.57 28.55
N TRP A 525 12.02 2.13 27.53
CA TRP A 525 13.44 1.88 27.36
C TRP A 525 14.24 2.44 28.54
N VAL A 526 13.95 3.67 28.93
CA VAL A 526 14.62 4.27 30.10
C VAL A 526 14.45 3.42 31.35
N LEU A 527 13.21 2.98 31.59
CA LEU A 527 12.88 2.18 32.76
C LEU A 527 13.53 0.81 32.79
N ARG A 528 13.81 0.25 31.61
CA ARG A 528 14.40 -1.09 31.55
C ARG A 528 15.91 -0.98 31.61
N ASN A 529 16.44 0.23 31.57
CA ASN A 529 17.86 0.42 31.85
C ASN A 529 18.11 0.57 33.35
N ALA B 13 -15.02 -20.32 -18.05
CA ALA B 13 -14.85 -18.98 -18.70
C ALA B 13 -13.77 -18.98 -19.79
N GLY B 14 -13.79 -20.04 -20.59
CA GLY B 14 -12.74 -20.35 -21.55
C GLY B 14 -12.30 -19.22 -22.46
N ASP B 15 -13.22 -18.44 -23.02
CA ASP B 15 -12.83 -17.39 -23.98
C ASP B 15 -12.70 -16.00 -23.36
N THR B 16 -12.89 -15.90 -22.06
CA THR B 16 -12.71 -14.65 -21.33
C THR B 16 -11.26 -14.50 -20.90
N LEU B 17 -10.66 -13.35 -21.18
CA LEU B 17 -9.31 -13.07 -20.68
C LEU B 17 -9.27 -13.11 -19.16
N GLY B 18 -8.33 -13.88 -18.62
CA GLY B 18 -8.24 -14.09 -17.18
C GLY B 18 -9.15 -15.17 -16.63
N LEU B 19 -9.94 -15.79 -17.49
CA LEU B 19 -10.80 -16.92 -17.11
C LEU B 19 -11.84 -16.53 -16.07
N THR B 20 -12.23 -15.26 -16.05
CA THR B 20 -13.17 -14.77 -15.06
C THR B 20 -14.61 -15.10 -15.43
N ARG B 21 -15.35 -15.59 -14.44
CA ARG B 21 -16.76 -15.95 -14.64
C ARG B 21 -17.63 -15.21 -13.64
N PRO B 22 -18.50 -14.34 -14.14
CA PRO B 22 -19.38 -13.60 -13.21
C PRO B 22 -20.25 -14.53 -12.40
N ASN B 23 -20.32 -14.33 -11.09
CA ASN B 23 -21.22 -15.10 -10.25
C ASN B 23 -22.66 -14.69 -10.59
N GLU B 24 -23.57 -15.64 -10.44
CA GLU B 24 -24.97 -15.37 -10.74
C GLU B 24 -25.48 -14.41 -9.68
N SER B 25 -26.09 -13.32 -10.11
CA SER B 25 -26.75 -12.39 -9.19
C SER B 25 -27.97 -13.03 -8.55
N ASP B 26 -28.03 -12.99 -7.21
CA ASP B 26 -29.20 -13.42 -6.46
C ASP B 26 -29.73 -12.29 -5.56
N ALA B 27 -30.30 -11.28 -6.19
CA ALA B 27 -30.96 -10.20 -5.46
C ALA B 27 -32.46 -10.48 -5.35
N PRO B 28 -33.00 -10.37 -4.12
CA PRO B 28 -34.46 -10.33 -4.00
C PRO B 28 -35.10 -9.17 -4.75
N LYS B 29 -36.25 -9.47 -5.34
CA LYS B 29 -37.19 -8.43 -5.68
C LYS B 29 -37.94 -8.03 -4.42
N ILE B 30 -37.70 -6.82 -3.96
CA ILE B 30 -38.37 -6.30 -2.78
C ILE B 30 -39.85 -6.10 -3.10
N SER B 31 -40.72 -6.53 -2.19
N SER B 31 -40.71 -6.53 -2.19
CA SER B 31 -42.14 -6.22 -2.30
CA SER B 31 -42.13 -6.21 -2.31
C SER B 31 -42.37 -4.85 -1.66
C SER B 31 -42.37 -4.86 -1.66
N ILE B 32 -42.79 -3.89 -2.47
CA ILE B 32 -43.04 -2.54 -1.98
C ILE B 32 -44.52 -2.15 -2.09
N GLY B 33 -45.07 -1.58 -1.04
CA GLY B 33 -46.44 -1.11 -1.06
C GLY B 33 -46.62 0.11 -0.17
N ALA B 34 -47.64 0.91 -0.50
CA ALA B 34 -48.08 1.97 0.37
C ALA B 34 -49.28 1.47 1.20
N LYS B 35 -49.23 1.71 2.50
CA LYS B 35 -50.27 1.24 3.44
C LYS B 35 -50.84 2.44 4.20
N ASP B 36 -52.08 2.29 4.67
CA ASP B 36 -52.74 3.31 5.51
C ASP B 36 -52.58 3.01 7.00
N THR B 37 -51.84 1.96 7.32
CA THR B 37 -51.55 1.51 8.69
C THR B 37 -50.89 2.59 9.53
N ALA B 38 -51.48 2.84 10.68
CA ALA B 38 -50.91 3.72 11.66
C ALA B 38 -49.49 3.26 11.99
N VAL B 39 -48.60 4.23 12.03
CA VAL B 39 -47.17 3.94 12.19
C VAL B 39 -46.97 3.15 13.48
N VAL B 40 -47.66 3.52 14.56
N VAL B 40 -47.69 3.53 14.52
CA VAL B 40 -47.43 2.84 15.84
CA VAL B 40 -47.52 2.92 15.84
C VAL B 40 -47.97 1.42 15.84
C VAL B 40 -48.03 1.49 15.87
N GLN B 41 -48.84 1.11 14.90
CA GLN B 41 -49.38 -0.24 14.81
C GLN B 41 -48.63 -1.14 13.83
N TRP B 42 -47.71 -0.56 13.05
CA TRP B 42 -47.01 -1.36 12.05
C TRP B 42 -46.13 -2.42 12.73
N GLN B 43 -46.10 -3.61 12.15
CA GLN B 43 -45.36 -4.75 12.70
C GLN B 43 -44.30 -5.24 11.71
N GLY B 44 -43.07 -5.35 12.17
CA GLY B 44 -41.98 -5.94 11.38
C GLY B 44 -40.64 -5.72 12.02
N ASP B 45 -39.56 -5.79 11.23
CA ASP B 45 -38.21 -5.80 11.79
C ASP B 45 -37.65 -4.41 12.07
N LEU B 46 -37.93 -3.46 11.19
CA LEU B 46 -37.28 -2.15 11.27
C LEU B 46 -38.22 -1.07 10.74
N LEU B 47 -38.36 -0.02 11.52
CA LEU B 47 -39.10 1.17 11.14
C LEU B 47 -38.14 2.32 11.05
N ALA B 48 -38.05 2.91 9.87
CA ALA B 48 -37.20 4.07 9.67
C ALA B 48 -38.08 5.30 9.57
N ILE B 49 -37.73 6.34 10.31
N ILE B 49 -37.71 6.34 10.31
CA ILE B 49 -38.46 7.60 10.32
CA ILE B 49 -38.43 7.61 10.29
C ILE B 49 -37.58 8.78 9.88
C ILE B 49 -37.55 8.78 9.86
N GLY B 50 -38.03 9.50 8.85
CA GLY B 50 -37.30 10.66 8.33
C GLY B 50 -37.76 11.88 9.08
N ALA B 51 -36.83 12.54 9.77
CA ALA B 51 -37.15 13.71 10.57
C ALA B 51 -36.27 14.89 10.22
N THR B 52 -36.92 16.02 10.01
CA THR B 52 -36.21 17.27 9.72
C THR B 52 -35.73 17.81 11.06
N GLU B 53 -34.90 18.83 11.01
CA GLU B 53 -34.50 19.51 12.24
C GLU B 53 -35.69 20.05 12.99
N ASN B 54 -36.65 20.65 12.29
N ASN B 54 -36.65 20.65 12.29
CA ASN B 54 -37.85 21.20 12.93
CA ASN B 54 -37.85 21.17 12.95
C ASN B 54 -38.69 20.09 13.57
C ASN B 54 -38.70 20.08 13.59
N ASP B 55 -38.74 18.91 12.95
CA ASP B 55 -39.41 17.73 13.52
C ASP B 55 -38.88 17.33 14.89
N MET B 56 -37.63 17.66 15.18
CA MET B 56 -36.98 17.21 16.42
C MET B 56 -37.11 18.20 17.58
N ALA B 57 -37.93 19.23 17.41
CA ALA B 57 -38.12 20.20 18.50
C ALA B 57 -38.65 19.54 19.76
N ARG B 58 -38.16 20.00 20.90
CA ARG B 58 -38.63 19.51 22.20
C ARG B 58 -39.33 20.60 23.01
N ASP B 59 -40.19 20.19 23.94
CA ASP B 59 -40.91 21.12 24.80
C ASP B 59 -40.11 21.44 26.07
N GLU B 60 -40.77 22.13 27.01
CA GLU B 60 -40.20 22.60 28.27
C GLU B 60 -39.76 21.44 29.16
N ASN B 61 -40.34 20.26 28.96
CA ASN B 61 -39.93 19.03 29.65
C ASN B 61 -39.02 18.09 28.86
N SER B 62 -38.45 18.59 27.75
N SER B 62 -38.46 18.61 27.75
CA SER B 62 -37.53 17.81 26.92
CA SER B 62 -37.54 17.87 26.88
C SER B 62 -38.18 16.60 26.24
C SER B 62 -38.17 16.62 26.27
N LYS B 63 -39.48 16.71 26.03
CA LYS B 63 -40.26 15.69 25.36
C LYS B 63 -40.44 16.16 23.91
N PHE B 64 -40.47 15.22 22.98
CA PHE B 64 -40.71 15.54 21.59
C PHE B 64 -42.03 16.26 21.44
N LYS B 65 -42.04 17.33 20.66
CA LYS B 65 -43.27 18.01 20.26
C LYS B 65 -43.93 17.33 19.05
N ASN B 66 -43.13 16.75 18.16
CA ASN B 66 -43.68 16.00 17.05
C ASN B 66 -44.60 14.86 17.52
N PRO B 67 -45.82 14.80 16.96
CA PRO B 67 -46.80 13.85 17.49
C PRO B 67 -46.38 12.40 17.32
N LEU B 68 -45.88 12.05 16.14
CA LEU B 68 -45.44 10.67 15.93
C LEU B 68 -44.28 10.30 16.85
N LEU B 69 -43.26 11.16 16.92
CA LEU B 69 -42.11 10.83 17.77
C LEU B 69 -42.49 10.82 19.24
N GLN B 70 -43.35 11.74 19.67
CA GLN B 70 -43.88 11.72 21.03
C GLN B 70 -44.56 10.40 21.36
N GLN B 71 -45.37 9.92 20.43
CA GLN B 71 -46.08 8.68 20.61
C GLN B 71 -45.14 7.47 20.70
N LEU B 72 -44.18 7.39 19.79
CA LEU B 72 -43.25 6.27 19.82
C LEU B 72 -42.40 6.27 21.06
N ASP B 73 -42.00 7.46 21.48
CA ASP B 73 -41.18 7.60 22.68
C ASP B 73 -41.97 7.17 23.90
N SER B 74 -43.25 7.57 23.93
CA SER B 74 -44.14 7.22 25.02
C SER B 74 -44.32 5.72 25.11
N GLU B 75 -44.50 5.06 23.98
CA GLU B 75 -44.48 3.60 23.97
C GLU B 75 -43.19 2.98 24.51
N LEU B 76 -42.06 3.63 24.23
CA LEU B 76 -40.76 3.15 24.70
C LEU B 76 -40.32 3.76 26.03
N ASN B 77 -41.26 4.42 26.72
CA ASN B 77 -40.99 5.03 28.03
C ASN B 77 -39.78 5.96 28.05
N GLY B 78 -39.65 6.78 27.01
CA GLY B 78 -38.62 7.81 26.97
C GLY B 78 -37.28 7.35 26.45
N LEU B 79 -37.18 6.08 26.09
CA LEU B 79 -35.91 5.54 25.61
C LEU B 79 -35.44 6.20 24.31
N LEU B 80 -36.37 6.54 23.43
CA LEU B 80 -35.99 7.13 22.15
C LEU B 80 -35.50 8.58 22.28
N SER B 81 -36.17 9.37 23.11
CA SER B 81 -35.74 10.75 23.34
C SER B 81 -34.42 10.80 24.12
N ALA B 82 -34.25 9.88 25.06
CA ALA B 82 -33.01 9.80 25.80
C ALA B 82 -31.84 9.41 24.90
N ALA B 83 -32.01 8.38 24.09
CA ALA B 83 -30.96 7.94 23.17
C ALA B 83 -30.63 9.04 22.18
N SER B 84 -31.67 9.70 21.67
CA SER B 84 -31.47 10.81 20.75
C SER B 84 -30.62 11.94 21.31
N SER B 85 -30.97 12.44 22.49
CA SER B 85 -30.19 13.55 23.06
C SER B 85 -28.78 13.08 23.41
N GLU B 86 -28.64 11.87 23.94
CA GLU B 86 -27.31 11.34 24.27
C GLU B 86 -26.43 11.27 23.03
N GLU B 87 -27.02 10.91 21.89
CA GLU B 87 -26.29 10.74 20.65
C GLU B 87 -26.31 11.99 19.78
N ASP B 88 -26.77 13.10 20.35
CA ASP B 88 -26.72 14.41 19.71
C ASP B 88 -27.44 14.42 18.36
N PHE B 89 -28.52 13.65 18.27
CA PHE B 89 -29.33 13.64 17.06
C PHE B 89 -30.30 14.81 17.16
N SER B 90 -30.27 15.72 16.19
CA SER B 90 -31.24 16.81 16.11
C SER B 90 -31.87 16.90 14.72
N GLY B 91 -31.71 15.84 13.94
CA GLY B 91 -32.33 15.78 12.63
C GLY B 91 -31.54 16.35 11.47
N LYS B 92 -30.27 16.67 11.70
CA LYS B 92 -29.43 17.22 10.64
C LYS B 92 -29.17 16.16 9.58
N SER B 93 -28.97 16.60 8.35
CA SER B 93 -28.72 15.70 7.23
C SER B 93 -27.57 14.75 7.52
N GLY B 94 -27.73 13.47 7.23
CA GLY B 94 -26.69 12.49 7.50
C GLY B 94 -26.73 11.90 8.90
N GLN B 95 -27.49 12.51 9.80
CA GLN B 95 -27.45 12.02 11.18
C GLN B 95 -28.36 10.80 11.23
N SER B 96 -28.13 9.93 12.21
CA SER B 96 -29.06 8.85 12.46
C SER B 96 -28.92 8.28 13.87
N VAL B 97 -30.03 7.80 14.40
CA VAL B 97 -30.08 7.03 15.63
C VAL B 97 -30.68 5.66 15.32
N ASN B 98 -30.11 4.61 15.88
N ASN B 98 -30.10 4.62 15.90
CA ASN B 98 -30.57 3.23 15.67
CA ASN B 98 -30.54 3.24 15.71
C ASN B 98 -30.83 2.60 17.04
C ASN B 98 -30.83 2.64 17.07
N LEU B 99 -32.10 2.28 17.30
CA LEU B 99 -32.52 1.76 18.59
C LEU B 99 -33.24 0.42 18.47
N ARG B 100 -32.59 -0.62 19.01
CA ARG B 100 -33.15 -1.95 19.12
C ARG B 100 -33.83 -2.13 20.47
N PHE B 101 -35.06 -2.61 20.46
CA PHE B 101 -35.87 -2.70 21.67
C PHE B 101 -36.74 -3.97 21.59
N PRO B 102 -37.43 -4.32 22.69
CA PRO B 102 -38.12 -5.61 22.61
C PRO B 102 -39.26 -5.51 21.62
N GLY B 103 -39.23 -6.39 20.62
CA GLY B 103 -40.30 -6.39 19.63
C GLY B 103 -40.01 -5.59 18.36
N GLY B 104 -38.86 -4.92 18.28
CA GLY B 104 -38.54 -4.22 17.04
C GLY B 104 -37.32 -3.32 17.09
N ARG B 105 -37.19 -2.52 16.05
CA ARG B 105 -36.06 -1.66 15.85
C ARG B 105 -36.52 -0.40 15.14
N ILE B 106 -36.04 0.74 15.61
CA ILE B 106 -36.36 2.01 14.99
C ILE B 106 -35.07 2.67 14.60
N THR B 107 -35.06 3.31 13.42
N THR B 107 -35.07 3.32 13.44
CA THR B 107 -33.98 4.24 13.10
CA THR B 107 -34.00 4.21 13.05
C THR B 107 -34.54 5.58 12.69
C THR B 107 -34.58 5.59 12.71
N LEU B 108 -34.05 6.63 13.36
CA LEU B 108 -34.37 7.99 12.98
C LEU B 108 -33.30 8.55 12.06
N VAL B 109 -33.73 9.15 10.96
CA VAL B 109 -32.82 9.60 9.92
C VAL B 109 -33.04 11.11 9.77
N GLY B 110 -31.95 11.86 9.87
CA GLY B 110 -32.03 13.29 9.68
C GLY B 110 -32.25 13.72 8.24
N LEU B 111 -33.19 14.63 8.03
CA LEU B 111 -33.43 15.18 6.69
C LEU B 111 -32.93 16.62 6.53
N GLY B 112 -32.43 17.19 7.62
CA GLY B 112 -31.91 18.55 7.60
C GLY B 112 -33.01 19.57 7.53
N SER B 113 -32.70 20.75 6.98
CA SER B 113 -33.69 21.81 6.84
C SER B 113 -33.80 22.34 5.40
N SER B 114 -35.02 22.31 4.88
CA SER B 114 -35.29 22.76 3.51
C SER B 114 -34.34 22.04 2.55
N ALA B 115 -34.18 20.74 2.72
CA ALA B 115 -33.50 19.97 1.69
C ALA B 115 -34.44 19.66 0.50
N SER B 116 -33.84 19.67 -0.69
CA SER B 116 -34.61 19.49 -1.91
C SER B 116 -35.02 18.03 -2.10
N SER B 117 -36.26 17.82 -2.53
CA SER B 117 -36.73 16.54 -3.02
C SER B 117 -36.56 16.44 -4.54
N PRO B 118 -36.40 15.22 -5.05
CA PRO B 118 -36.46 13.95 -4.35
C PRO B 118 -35.20 13.54 -3.59
N THR B 119 -34.13 14.31 -3.66
CA THR B 119 -32.84 13.85 -3.14
C THR B 119 -32.94 13.50 -1.64
N SER B 120 -33.60 14.34 -0.85
CA SER B 120 -33.75 14.12 0.58
C SER B 120 -34.46 12.82 0.84
N TYR B 121 -35.47 12.49 0.01
CA TYR B 121 -36.18 11.23 0.19
C TYR B 121 -35.39 10.03 -0.33
N HIS B 122 -34.61 10.23 -1.40
CA HIS B 122 -33.70 9.16 -1.84
C HIS B 122 -32.78 8.81 -0.68
N SER B 123 -32.22 9.82 -0.04
CA SER B 123 -31.28 9.60 1.07
C SER B 123 -31.93 8.91 2.23
N LEU B 124 -33.19 9.24 2.47
CA LEU B 124 -33.94 8.55 3.50
C LEU B 124 -33.99 7.07 3.16
N GLY B 125 -34.41 6.78 1.93
CA GLY B 125 -34.51 5.41 1.49
C GLY B 125 -33.18 4.66 1.53
N GLN B 126 -32.11 5.33 1.16
N GLN B 126 -32.11 5.33 1.16
CA GLN B 126 -30.77 4.74 1.25
CA GLN B 126 -30.77 4.74 1.25
C GLN B 126 -30.41 4.43 2.70
C GLN B 126 -30.39 4.44 2.70
N ALA B 127 -30.77 5.32 3.62
CA ALA B 127 -30.40 5.13 5.02
C ALA B 127 -31.21 4.00 5.61
N ALA B 128 -32.45 3.85 5.16
CA ALA B 128 -33.29 2.72 5.60
C ALA B 128 -32.76 1.39 5.07
N ALA B 129 -32.32 1.36 3.82
CA ALA B 129 -31.66 0.16 3.30
C ALA B 129 -30.39 -0.22 4.06
N ALA B 130 -29.55 0.78 4.36
CA ALA B 130 -28.32 0.54 5.08
C ALA B 130 -28.58 0.01 6.49
N ALA B 131 -29.62 0.52 7.13
CA ALA B 131 -29.94 0.05 8.46
C ALA B 131 -30.52 -1.36 8.37
N ALA B 132 -31.25 -1.65 7.30
CA ALA B 132 -31.77 -3.01 7.12
C ALA B 132 -30.62 -4.01 6.93
N LYS B 133 -29.62 -3.58 6.19
CA LYS B 133 -28.51 -4.45 5.85
C LYS B 133 -27.70 -4.71 7.11
N SER B 134 -27.53 -3.69 7.94
CA SER B 134 -26.69 -3.88 9.12
C SER B 134 -27.41 -4.61 10.26
N SER B 135 -28.71 -4.82 10.14
CA SER B 135 -29.44 -5.58 11.15
C SER B 135 -30.12 -6.81 10.57
N GLN B 136 -29.80 -7.13 9.31
CA GLN B 136 -30.38 -8.29 8.66
C GLN B 136 -31.89 -8.26 8.64
N ALA B 137 -32.47 -7.08 8.48
CA ALA B 137 -33.93 -6.96 8.43
C ALA B 137 -34.51 -7.56 7.16
N ARG B 138 -35.68 -8.18 7.29
CA ARG B 138 -36.45 -8.69 6.15
C ARG B 138 -37.63 -7.81 5.79
N ASN B 139 -38.39 -7.37 6.78
CA ASN B 139 -39.58 -6.56 6.56
C ASN B 139 -39.42 -5.20 7.21
N ILE B 140 -39.36 -4.14 6.42
CA ILE B 140 -39.18 -2.82 6.97
C ILE B 140 -40.28 -1.86 6.57
N ALA B 141 -40.30 -0.71 7.24
CA ALA B 141 -41.24 0.35 6.90
C ALA B 141 -40.51 1.69 6.93
N VAL B 142 -41.01 2.65 6.15
CA VAL B 142 -40.53 4.01 6.22
C VAL B 142 -41.68 4.99 6.28
N ALA B 143 -41.51 5.99 7.13
CA ALA B 143 -42.45 7.06 7.29
C ALA B 143 -41.73 8.38 7.55
N LEU B 144 -42.42 9.47 7.26
CA LEU B 144 -41.94 10.79 7.65
C LEU B 144 -42.50 11.14 9.02
N ALA B 145 -41.72 11.82 9.83
CA ALA B 145 -42.22 12.28 11.10
C ALA B 145 -43.35 13.29 10.89
N SER B 146 -43.31 14.02 9.79
CA SER B 146 -44.36 15.01 9.53
C SER B 146 -44.65 15.10 8.05
N THR B 147 -45.92 15.07 7.71
CA THR B 147 -46.36 15.30 6.35
C THR B 147 -47.22 16.56 6.26
N ASP B 148 -47.22 17.37 7.31
CA ASP B 148 -47.91 18.67 7.31
C ASP B 148 -47.32 19.58 6.24
N GLY B 149 -48.21 20.24 5.50
CA GLY B 149 -47.75 21.16 4.46
C GLY B 149 -47.34 20.50 3.15
N LEU B 150 -47.56 19.20 3.02
CA LEU B 150 -47.33 18.48 1.77
C LEU B 150 -48.64 18.17 1.04
N SER B 151 -48.68 18.45 -0.26
CA SER B 151 -49.81 18.03 -1.09
C SER B 151 -49.85 16.52 -1.23
N ALA B 152 -50.97 16.03 -1.75
CA ALA B 152 -51.11 14.61 -2.05
C ALA B 152 -50.06 14.20 -3.08
N GLU B 153 -49.78 15.10 -4.01
CA GLU B 153 -48.88 14.82 -5.10
C GLU B 153 -47.44 14.80 -4.61
N SER B 154 -47.10 15.72 -3.72
CA SER B 154 -45.79 15.72 -3.11
C SER B 154 -45.56 14.49 -2.23
N LYS B 155 -46.61 14.00 -1.61
CA LYS B 155 -46.47 12.81 -0.79
C LYS B 155 -46.24 11.60 -1.67
N ILE B 156 -46.96 11.55 -2.79
CA ILE B 156 -46.77 10.48 -3.74
C ILE B 156 -45.34 10.45 -4.26
N ASN B 157 -44.80 11.62 -4.59
CA ASN B 157 -43.45 11.74 -5.11
C ASN B 157 -42.44 11.40 -4.04
N SER B 158 -42.77 11.72 -2.80
CA SER B 158 -41.90 11.36 -1.70
C SER B 158 -41.84 9.84 -1.55
N ALA B 159 -42.98 9.19 -1.73
CA ALA B 159 -43.06 7.76 -1.51
C ALA B 159 -42.22 7.08 -2.57
N SER B 160 -42.37 7.49 -3.82
CA SER B 160 -41.61 6.84 -4.87
C SER B 160 -40.10 7.08 -4.79
N ALA B 161 -39.73 8.23 -4.27
CA ALA B 161 -38.33 8.53 -4.00
C ALA B 161 -37.78 7.69 -2.85
N ILE B 162 -38.61 7.43 -1.86
CA ILE B 162 -38.18 6.59 -0.74
C ILE B 162 -37.96 5.14 -1.22
N ALA B 163 -38.87 4.69 -2.08
CA ALA B 163 -38.76 3.39 -2.69
C ALA B 163 -37.49 3.27 -3.52
N THR B 164 -37.20 4.30 -4.31
CA THR B 164 -35.98 4.37 -5.11
C THR B 164 -34.70 4.29 -4.24
N GLY B 165 -34.69 5.01 -3.13
CA GLY B 165 -33.54 4.95 -2.23
C GLY B 165 -33.34 3.58 -1.60
N VAL B 166 -34.45 2.93 -1.24
CA VAL B 166 -34.38 1.60 -0.64
C VAL B 166 -33.89 0.57 -1.67
N VAL B 167 -34.42 0.64 -2.89
CA VAL B 167 -34.07 -0.37 -3.90
C VAL B 167 -32.61 -0.20 -4.35
N LEU B 168 -32.22 1.04 -4.62
CA LEU B 168 -30.84 1.33 -5.02
C LEU B 168 -29.85 1.14 -3.90
N GLY B 169 -30.28 1.46 -2.68
CA GLY B 169 -29.42 1.28 -1.52
C GLY B 169 -29.16 -0.18 -1.20
N SER B 170 -30.07 -1.06 -1.57
CA SER B 170 -29.96 -2.49 -1.27
C SER B 170 -29.18 -3.24 -2.35
N PHE B 171 -28.91 -2.59 -3.48
CA PHE B 171 -28.10 -3.20 -4.54
C PHE B 171 -26.67 -3.42 -4.06
N GLU B 172 -26.13 -4.59 -4.41
CA GLU B 172 -24.73 -4.89 -4.17
C GLU B 172 -24.26 -5.79 -5.31
N ASP B 173 -23.18 -5.38 -5.97
CA ASP B 173 -22.66 -6.09 -7.12
C ASP B 173 -21.54 -7.04 -6.69
N ASN B 174 -21.88 -8.33 -6.58
CA ASN B 174 -20.98 -9.35 -6.08
C ASN B 174 -20.58 -10.35 -7.12
N ARG B 175 -20.73 -9.97 -8.39
CA ARG B 175 -20.42 -10.88 -9.51
C ARG B 175 -18.96 -11.26 -9.62
N PHE B 176 -18.05 -10.42 -9.15
CA PHE B 176 -16.64 -10.69 -9.34
C PHE B 176 -15.83 -10.93 -8.07
N ARG B 177 -16.52 -11.27 -6.99
CA ARG B 177 -15.84 -11.54 -5.72
C ARG B 177 -16.54 -12.67 -5.00
N SER B 178 -15.76 -13.40 -4.23
CA SER B 178 -16.23 -14.66 -3.67
C SER B 178 -17.02 -14.47 -2.38
N GLU B 179 -16.71 -13.41 -1.66
N GLU B 179 -16.66 -13.45 -1.61
CA GLU B 179 -17.24 -13.28 -0.31
CA GLU B 179 -17.26 -13.32 -0.30
C GLU B 179 -18.36 -12.26 -0.35
C GLU B 179 -18.34 -12.26 -0.32
N SER B 180 -19.57 -12.74 -0.10
CA SER B 180 -20.74 -11.88 -0.06
C SER B 180 -21.90 -12.61 0.59
N LYS B 181 -22.77 -11.88 1.27
CA LYS B 181 -24.05 -12.42 1.71
C LYS B 181 -25.15 -11.79 0.86
N LYS B 182 -26.13 -12.59 0.46
CA LYS B 182 -27.31 -12.07 -0.24
C LYS B 182 -28.16 -11.18 0.69
N SER B 183 -28.68 -10.09 0.13
CA SER B 183 -29.53 -9.15 0.86
C SER B 183 -30.71 -9.88 1.50
N THR B 184 -30.95 -9.55 2.77
CA THR B 184 -32.06 -10.11 3.54
C THR B 184 -33.37 -9.40 3.29
N LEU B 185 -33.31 -8.21 2.66
CA LEU B 185 -34.49 -7.35 2.58
C LEU B 185 -35.53 -7.94 1.61
N GLU B 186 -36.75 -8.14 2.08
CA GLU B 186 -37.79 -8.73 1.25
C GLU B 186 -38.98 -7.79 1.02
N SER B 187 -39.28 -6.92 1.98
CA SER B 187 -40.43 -6.03 1.82
C SER B 187 -40.25 -4.67 2.44
N LEU B 188 -40.91 -3.69 1.84
CA LEU B 188 -40.95 -2.33 2.33
C LEU B 188 -42.44 -1.91 2.31
N ASP B 189 -42.90 -1.43 3.47
CA ASP B 189 -44.16 -0.70 3.61
C ASP B 189 -43.89 0.79 3.80
N ILE B 190 -44.44 1.58 2.90
CA ILE B 190 -44.35 3.00 3.00
C ILE B 190 -45.62 3.52 3.65
N LEU B 191 -45.44 4.26 4.73
CA LEU B 191 -46.55 4.69 5.60
C LEU B 191 -46.69 6.20 5.66
N GLY B 192 -47.94 6.62 5.81
CA GLY B 192 -48.27 8.02 6.06
C GLY B 192 -48.35 8.89 4.82
N LEU B 193 -48.10 8.31 3.66
CA LEU B 193 -47.99 9.13 2.47
C LEU B 193 -49.10 8.86 1.47
N GLY B 194 -50.09 8.04 1.85
CA GLY B 194 -51.26 7.80 1.01
C GLY B 194 -51.29 6.36 0.54
N THR B 195 -52.45 5.96 0.00
CA THR B 195 -52.68 4.62 -0.50
C THR B 195 -53.48 4.67 -1.78
N GLY B 196 -53.61 3.53 -2.44
CA GLY B 196 -54.47 3.44 -3.61
C GLY B 196 -53.73 3.51 -4.93
N PRO B 197 -54.47 3.58 -6.03
CA PRO B 197 -53.94 3.31 -7.35
C PRO B 197 -52.83 4.27 -7.78
N GLU B 198 -52.99 5.55 -7.49
CA GLU B 198 -52.05 6.54 -7.98
C GLU B 198 -50.66 6.37 -7.33
N ILE B 199 -50.62 6.29 -6.01
CA ILE B 199 -49.36 6.14 -5.32
C ILE B 199 -48.69 4.82 -5.71
N GLU B 200 -49.49 3.79 -5.97
CA GLU B 200 -48.95 2.51 -6.39
C GLU B 200 -48.34 2.56 -7.79
N ARG B 201 -48.94 3.34 -8.68
CA ARG B 201 -48.41 3.50 -10.02
C ARG B 201 -47.09 4.23 -9.97
N LYS B 202 -47.01 5.21 -9.08
CA LYS B 202 -45.77 5.94 -8.93
C LYS B 202 -44.64 5.05 -8.42
N ILE B 203 -44.95 4.25 -7.40
CA ILE B 203 -43.96 3.36 -6.85
C ILE B 203 -43.47 2.40 -7.93
N LYS B 204 -44.41 1.91 -8.74
CA LYS B 204 -44.08 1.00 -9.82
C LYS B 204 -43.15 1.65 -10.86
N TYR B 205 -43.45 2.90 -11.19
CA TYR B 205 -42.60 3.68 -12.04
C TYR B 205 -41.19 3.75 -11.47
N ALA B 206 -41.09 4.07 -10.19
CA ALA B 206 -39.75 4.13 -9.55
C ALA B 206 -39.01 2.80 -9.65
N GLU B 207 -39.75 1.70 -9.50
CA GLU B 207 -39.15 0.38 -9.62
C GLU B 207 -38.61 0.13 -11.02
N HIS B 208 -39.36 0.55 -12.02
CA HIS B 208 -38.92 0.38 -13.39
C HIS B 208 -37.66 1.19 -13.64
N VAL B 209 -37.63 2.42 -13.12
CA VAL B 209 -36.45 3.24 -13.30
C VAL B 209 -35.24 2.62 -12.57
N CYS B 210 -35.44 2.10 -11.36
CA CYS B 210 -34.37 1.45 -10.63
C CYS B 210 -33.77 0.30 -11.39
N ALA B 211 -34.60 -0.51 -12.04
CA ALA B 211 -34.06 -1.66 -12.75
C ALA B 211 -33.14 -1.20 -13.87
N GLY B 212 -33.47 -0.08 -14.51
CA GLY B 212 -32.57 0.57 -15.43
C GLY B 212 -31.28 1.09 -14.80
N VAL B 213 -31.41 1.80 -13.69
CA VAL B 213 -30.25 2.33 -12.99
C VAL B 213 -29.28 1.20 -12.58
N ILE B 214 -29.85 0.09 -12.15
CA ILE B 214 -29.07 -1.07 -11.74
C ILE B 214 -28.36 -1.75 -12.91
N LEU B 215 -29.02 -1.82 -14.05
CA LEU B 215 -28.38 -2.31 -15.26
C LEU B 215 -27.21 -1.43 -15.65
N GLY B 216 -27.41 -0.12 -15.57
CA GLY B 216 -26.35 0.84 -15.80
C GLY B 216 -25.16 0.63 -14.88
N ARG B 217 -25.39 0.53 -13.58
CA ARG B 217 -24.33 0.23 -12.61
C ARG B 217 -23.60 -1.06 -12.97
N GLU B 218 -24.35 -2.09 -13.34
CA GLU B 218 -23.70 -3.36 -13.68
C GLU B 218 -22.82 -3.30 -14.93
N LEU B 219 -23.30 -2.57 -15.93
CA LEU B 219 -22.54 -2.46 -17.18
C LEU B 219 -21.24 -1.72 -16.98
N VAL B 220 -21.25 -0.72 -16.10
CA VAL B 220 -20.04 0.03 -15.75
C VAL B 220 -19.15 -0.68 -14.73
N ASN B 221 -19.71 -1.27 -13.68
CA ASN B 221 -18.89 -2.00 -12.73
C ASN B 221 -18.10 -3.14 -13.42
N ALA B 222 -18.68 -3.79 -14.41
CA ALA B 222 -18.00 -4.87 -15.10
C ALA B 222 -16.78 -4.34 -15.86
N PRO B 223 -15.67 -5.05 -15.81
CA PRO B 223 -14.43 -4.65 -16.48
C PRO B 223 -14.47 -4.99 -17.96
N ALA B 224 -13.55 -4.41 -18.71
CA ALA B 224 -13.54 -4.49 -20.16
C ALA B 224 -13.32 -5.90 -20.70
N ASN B 225 -12.72 -6.78 -19.89
CA ASN B 225 -12.61 -8.20 -20.28
C ASN B 225 -13.91 -8.98 -20.13
N ILE B 226 -14.91 -8.36 -19.52
CA ILE B 226 -16.23 -8.97 -19.37
C ILE B 226 -17.25 -8.27 -20.27
N VAL B 227 -17.40 -6.94 -20.12
CA VAL B 227 -18.23 -6.18 -21.04
C VAL B 227 -17.44 -5.61 -22.21
N THR B 228 -17.29 -6.46 -23.23
CA THR B 228 -16.70 -6.11 -24.52
C THR B 228 -17.82 -5.51 -25.37
N PRO B 229 -17.47 -5.07 -26.59
CA PRO B 229 -18.51 -4.50 -27.45
C PRO B 229 -19.55 -5.53 -27.93
N ALA B 230 -19.08 -6.75 -28.17
CA ALA B 230 -20.01 -7.84 -28.47
C ALA B 230 -20.98 -8.06 -27.31
N VAL B 231 -20.45 -8.09 -26.09
CA VAL B 231 -21.29 -8.32 -24.92
C VAL B 231 -22.27 -7.17 -24.75
N LEU B 232 -21.79 -5.95 -24.95
CA LEU B 232 -22.70 -4.80 -24.90
C LEU B 232 -23.83 -4.90 -25.93
N ALA B 233 -23.52 -5.44 -27.09
CA ALA B 233 -24.55 -5.65 -28.11
C ALA B 233 -25.53 -6.69 -27.63
N GLU B 234 -25.03 -7.72 -26.97
CA GLU B 234 -25.92 -8.77 -26.48
C GLU B 234 -26.84 -8.23 -25.39
N GLU B 235 -26.33 -7.31 -24.57
CA GLU B 235 -27.18 -6.69 -23.57
C GLU B 235 -28.29 -5.92 -24.24
N ALA B 236 -27.94 -5.23 -25.33
CA ALA B 236 -28.98 -4.52 -26.08
C ALA B 236 -30.04 -5.47 -26.64
N LYS B 237 -29.60 -6.59 -27.22
CA LYS B 237 -30.50 -7.59 -27.80
C LYS B 237 -31.40 -8.22 -26.76
N LYS B 238 -30.89 -8.36 -25.55
CA LYS B 238 -31.65 -8.90 -24.44
C LYS B 238 -32.78 -7.95 -24.04
N ILE B 239 -32.49 -6.65 -24.02
CA ILE B 239 -33.51 -5.66 -23.71
C ILE B 239 -34.62 -5.76 -24.77
N ALA B 240 -34.24 -5.77 -26.03
CA ALA B 240 -35.23 -5.83 -27.09
C ALA B 240 -36.04 -7.11 -26.99
N SER B 241 -35.39 -8.22 -26.65
CA SER B 241 -36.07 -9.51 -26.55
C SER B 241 -37.08 -9.53 -25.40
N THR B 242 -36.72 -8.90 -24.28
CA THR B 242 -37.61 -8.83 -23.15
C THR B 242 -38.86 -8.01 -23.49
N TYR B 243 -38.68 -6.96 -24.27
CA TYR B 243 -39.76 -6.01 -24.50
C TYR B 243 -40.10 -5.91 -26.00
N SER B 244 -40.17 -7.06 -26.66
CA SER B 244 -40.08 -7.16 -28.12
C SER B 244 -41.28 -6.56 -28.82
N ASP B 245 -42.37 -6.33 -28.11
CA ASP B 245 -43.52 -5.65 -28.72
C ASP B 245 -43.34 -4.13 -28.78
N VAL B 246 -42.43 -3.56 -27.99
CA VAL B 246 -42.19 -2.11 -28.01
C VAL B 246 -40.75 -1.69 -28.34
N ILE B 247 -39.81 -2.64 -28.30
CA ILE B 247 -38.43 -2.32 -28.61
C ILE B 247 -37.90 -3.24 -29.69
N SER B 248 -37.37 -2.62 -30.75
CA SER B 248 -36.69 -3.36 -31.81
C SER B 248 -35.20 -3.06 -31.76
N VAL B 249 -34.41 -3.95 -32.34
CA VAL B 249 -32.98 -3.82 -32.31
C VAL B 249 -32.40 -4.02 -33.70
N ASN B 250 -31.36 -3.27 -34.02
CA ASN B 250 -30.48 -3.57 -35.14
C ASN B 250 -29.03 -3.35 -34.73
N ILE B 251 -28.25 -4.43 -34.78
CA ILE B 251 -26.81 -4.38 -34.49
C ILE B 251 -26.06 -4.33 -35.81
N LEU B 252 -25.30 -3.26 -36.04
CA LEU B 252 -24.49 -3.17 -37.24
C LEU B 252 -23.07 -3.60 -36.96
N ASP B 253 -22.52 -4.45 -37.82
CA ASP B 253 -21.11 -4.81 -37.68
C ASP B 253 -20.18 -3.86 -38.44
N ALA B 254 -18.88 -4.08 -38.33
CA ALA B 254 -17.90 -3.14 -38.89
C ALA B 254 -18.12 -2.88 -40.38
N GLU B 255 -18.47 -3.93 -41.13
CA GLU B 255 -18.62 -3.86 -42.58
C GLU B 255 -19.83 -3.00 -42.91
N GLN B 256 -20.92 -3.17 -42.18
CA GLN B 256 -22.07 -2.32 -42.36
C GLN B 256 -21.78 -0.85 -42.01
N CYS B 257 -21.01 -0.61 -40.95
CA CYS B 257 -20.67 0.79 -40.63
C CYS B 257 -19.75 1.39 -41.70
N LYS B 258 -18.96 0.52 -42.33
CA LYS B 258 -18.08 1.00 -43.41
C LYS B 258 -18.89 1.43 -44.63
N GLU B 259 -19.94 0.68 -44.95
CA GLU B 259 -20.86 1.07 -46.01
C GLU B 259 -21.58 2.37 -45.69
N LEU B 260 -21.78 2.65 -44.40
CA LEU B 260 -22.36 3.92 -43.99
C LEU B 260 -21.29 5.00 -43.76
N LYS B 261 -20.08 4.69 -44.16
CA LYS B 261 -18.99 5.66 -44.23
C LYS B 261 -18.54 6.22 -42.88
N MET B 262 -18.58 5.40 -41.84
CA MET B 262 -18.30 5.85 -40.50
C MET B 262 -16.81 5.77 -40.24
N GLY B 263 -16.05 6.61 -40.94
CA GLY B 263 -14.61 6.52 -40.86
C GLY B 263 -14.03 6.94 -39.51
N ALA B 264 -14.69 7.86 -38.81
CA ALA B 264 -14.15 8.28 -37.50
C ALA B 264 -14.27 7.15 -36.46
N TYR B 265 -15.44 6.53 -36.40
CA TYR B 265 -15.69 5.43 -35.47
C TYR B 265 -14.83 4.21 -35.82
N LEU B 266 -14.73 3.91 -37.11
CA LEU B 266 -13.98 2.75 -37.52
C LEU B 266 -12.48 2.96 -37.30
N ALA B 267 -12.01 4.20 -37.42
CA ALA B 267 -10.61 4.46 -37.17
C ALA B 267 -10.27 4.18 -35.70
N VAL B 268 -11.14 4.56 -34.78
CA VAL B 268 -10.88 4.34 -33.36
C VAL B 268 -10.91 2.86 -33.04
N ALA B 269 -11.84 2.16 -33.70
CA ALA B 269 -12.02 0.73 -33.49
C ALA B 269 -10.96 -0.17 -34.16
N ALA B 270 -10.16 0.39 -35.04
CA ALA B 270 -9.28 -0.42 -35.91
C ALA B 270 -8.21 -1.20 -35.13
N ALA B 271 -7.66 -0.62 -34.06
CA ALA B 271 -6.65 -1.33 -33.28
C ALA B 271 -7.14 -2.64 -32.68
N ALA B 272 -8.37 -2.62 -32.18
CA ALA B 272 -8.90 -3.69 -31.35
C ALA B 272 -9.43 -4.81 -32.25
N THR B 273 -8.49 -5.59 -32.79
CA THR B 273 -8.86 -6.68 -33.69
C THR B 273 -9.43 -7.89 -32.96
N GLU B 274 -9.14 -8.03 -31.66
CA GLU B 274 -9.60 -9.19 -30.90
C GLU B 274 -11.04 -9.06 -30.42
N ASN B 275 -11.44 -7.86 -30.01
CA ASN B 275 -12.81 -7.57 -29.62
C ASN B 275 -13.45 -6.58 -30.60
N PRO B 276 -14.04 -7.10 -31.67
CA PRO B 276 -14.54 -6.23 -32.75
C PRO B 276 -15.64 -5.30 -32.28
N PRO B 277 -15.89 -4.25 -33.06
CA PRO B 277 -16.87 -3.25 -32.70
C PRO B 277 -18.28 -3.61 -33.17
N TYR B 278 -19.28 -3.09 -32.48
CA TYR B 278 -20.67 -3.25 -32.89
C TYR B 278 -21.36 -1.91 -32.65
N PHE B 279 -22.15 -1.50 -33.64
CA PHE B 279 -22.91 -0.27 -33.54
C PHE B 279 -24.33 -0.71 -33.16
N ILE B 280 -24.79 -0.20 -32.01
CA ILE B 280 -26.05 -0.63 -31.43
C ILE B 280 -27.13 0.40 -31.70
N HIS B 281 -28.25 -0.07 -32.26
CA HIS B 281 -29.42 0.76 -32.47
C HIS B 281 -30.68 0.10 -31.95
N LEU B 282 -31.21 0.61 -30.85
CA LEU B 282 -32.51 0.22 -30.34
C LEU B 282 -33.52 1.30 -30.67
N CYS B 283 -34.77 0.90 -30.87
CA CYS B 283 -35.86 1.84 -31.05
C CYS B 283 -37.08 1.45 -30.23
N PHE B 284 -37.52 2.35 -29.35
CA PHE B 284 -38.73 2.15 -28.55
C PHE B 284 -39.90 2.90 -29.15
N LYS B 285 -41.05 2.23 -29.19
CA LYS B 285 -42.34 2.92 -29.39
C LYS B 285 -43.48 1.97 -29.07
N THR B 286 -44.53 2.47 -28.46
CA THR B 286 -45.74 1.67 -28.34
C THR B 286 -46.36 1.48 -29.72
N PRO B 287 -47.07 0.37 -29.90
CA PRO B 287 -47.65 0.06 -31.20
C PRO B 287 -48.89 0.90 -31.51
N THR B 288 -49.36 1.74 -30.60
CA THR B 288 -50.48 2.63 -30.89
C THR B 288 -50.06 3.78 -31.80
N LYS B 289 -51.03 4.46 -32.40
CA LYS B 289 -50.75 5.27 -33.58
C LYS B 289 -50.99 6.77 -33.38
N GLU B 290 -51.05 7.23 -32.13
CA GLU B 290 -51.02 8.68 -31.88
C GLU B 290 -49.68 9.27 -32.34
N ARG B 291 -49.63 10.58 -32.52
CA ARG B 291 -48.40 11.24 -32.95
C ARG B 291 -47.30 11.04 -31.91
N LYS B 292 -46.12 10.66 -32.40
CA LYS B 292 -44.96 10.46 -31.54
C LYS B 292 -43.80 11.40 -31.87
N THR B 293 -43.29 12.07 -30.84
CA THR B 293 -42.11 12.91 -30.93
C THR B 293 -40.88 12.00 -31.03
N LYS B 294 -40.05 12.24 -32.03
CA LYS B 294 -38.93 11.36 -32.30
C LYS B 294 -37.68 11.89 -31.57
N LEU B 295 -37.14 11.06 -30.70
CA LEU B 295 -36.01 11.46 -29.85
C LEU B 295 -34.89 10.45 -30.03
N ALA B 296 -33.65 10.90 -29.87
CA ALA B 296 -32.51 9.99 -29.75
C ALA B 296 -31.68 10.21 -28.49
N LEU B 297 -31.25 9.10 -27.94
CA LEU B 297 -30.32 9.09 -26.84
C LEU B 297 -29.06 8.36 -27.29
N VAL B 298 -27.95 9.09 -27.31
CA VAL B 298 -26.70 8.60 -27.84
C VAL B 298 -25.71 8.48 -26.68
N GLY B 299 -25.14 7.30 -26.53
CA GLY B 299 -24.17 7.11 -25.45
C GLY B 299 -22.78 6.72 -25.93
N LYS B 300 -21.77 7.32 -25.34
CA LYS B 300 -20.42 6.94 -25.68
C LYS B 300 -20.21 5.50 -25.19
N GLY B 301 -19.64 4.66 -26.05
CA GLY B 301 -19.52 3.25 -25.73
C GLY B 301 -18.15 2.69 -26.04
N LEU B 302 -17.13 3.35 -25.49
CA LEU B 302 -15.81 2.78 -25.40
C LEU B 302 -15.80 1.90 -24.17
N THR B 303 -15.78 0.59 -24.40
CA THR B 303 -15.80 -0.39 -23.33
C THR B 303 -14.48 -0.39 -22.58
N PHE B 304 -13.45 0.00 -23.31
CA PHE B 304 -12.19 0.42 -22.71
C PHE B 304 -11.57 1.58 -23.52
N ASP B 305 -11.01 2.55 -22.80
CA ASP B 305 -10.34 3.68 -23.43
C ASP B 305 -8.87 3.79 -23.02
N SER B 306 -7.99 3.50 -23.98
CA SER B 306 -6.52 3.56 -23.84
C SER B 306 -6.03 4.91 -23.31
N GLY B 307 -6.74 5.99 -23.64
CA GLY B 307 -6.58 7.28 -22.95
C GLY B 307 -7.44 7.35 -21.70
N LEU B 321 -6.48 4.64 -12.27
CA LEU B 321 -7.46 3.79 -12.95
C LEU B 321 -8.78 4.56 -13.09
N MET B 322 -9.05 5.05 -14.31
CA MET B 322 -10.33 5.66 -14.62
C MET B 322 -11.40 4.60 -14.86
N LYS B 323 -12.39 4.61 -13.97
CA LYS B 323 -13.41 3.57 -13.87
C LYS B 323 -14.75 3.98 -14.50
N ASN B 324 -14.73 5.11 -15.21
CA ASN B 324 -15.94 5.72 -15.76
C ASN B 324 -16.21 5.37 -17.22
N ASP B 325 -15.34 4.57 -17.83
CA ASP B 325 -15.51 4.15 -19.22
C ASP B 325 -16.97 3.65 -19.38
N MET B 326 -17.59 4.03 -20.50
CA MET B 326 -18.88 3.48 -20.87
C MET B 326 -20.05 3.90 -19.97
N GLY B 327 -19.83 4.89 -19.12
CA GLY B 327 -20.92 5.45 -18.33
C GLY B 327 -22.07 6.04 -19.11
N GLY B 328 -21.75 6.61 -20.29
CA GLY B 328 -22.74 7.17 -21.19
C GLY B 328 -23.61 6.09 -21.82
N ALA B 329 -22.98 5.11 -22.44
CA ALA B 329 -23.72 3.97 -23.00
C ALA B 329 -24.56 3.25 -21.94
N ALA B 330 -24.05 3.15 -20.72
CA ALA B 330 -24.75 2.48 -19.65
C ALA B 330 -26.01 3.22 -19.26
N ALA B 331 -25.95 4.55 -19.24
CA ALA B 331 -27.13 5.35 -18.98
C ALA B 331 -28.17 5.18 -20.08
N VAL B 332 -27.70 5.10 -21.31
CA VAL B 332 -28.61 4.98 -22.45
C VAL B 332 -29.33 3.64 -22.45
N LEU B 333 -28.57 2.56 -22.26
CA LEU B 333 -29.20 1.24 -22.17
C LEU B 333 -30.07 1.07 -20.93
N GLY B 334 -29.63 1.63 -19.81
CA GLY B 334 -30.49 1.75 -18.66
C GLY B 334 -31.83 2.40 -18.95
N ALA B 335 -31.79 3.50 -19.65
CA ALA B 335 -33.01 4.22 -19.99
C ALA B 335 -33.93 3.33 -20.83
N ALA B 336 -33.36 2.57 -21.77
CA ALA B 336 -34.15 1.68 -22.60
C ALA B 336 -34.84 0.58 -21.79
N LYS B 337 -34.10 0.01 -20.85
CA LYS B 337 -34.63 -0.94 -19.89
C LYS B 337 -35.78 -0.38 -19.07
N ALA B 338 -35.62 0.83 -18.53
CA ALA B 338 -36.72 1.47 -17.83
C ALA B 338 -37.93 1.75 -18.75
N LEU B 339 -37.66 2.27 -19.93
CA LEU B 339 -38.72 2.70 -20.82
C LEU B 339 -39.47 1.52 -21.40
N GLY B 340 -38.77 0.40 -21.56
CA GLY B 340 -39.42 -0.82 -22.01
C GLY B 340 -40.56 -1.22 -21.08
N GLU B 341 -40.38 -1.00 -19.77
CA GLU B 341 -41.40 -1.35 -18.78
C GLU B 341 -42.43 -0.27 -18.66
N ILE B 342 -42.00 0.99 -18.69
CA ILE B 342 -42.92 2.09 -18.48
C ILE B 342 -43.85 2.26 -19.67
N ARG B 343 -43.35 2.02 -20.87
CA ARG B 343 -44.15 2.06 -22.11
C ARG B 343 -44.81 3.41 -22.33
N PRO B 344 -44.08 4.51 -22.35
CA PRO B 344 -44.75 5.77 -22.63
C PRO B 344 -45.27 5.84 -24.06
N SER B 345 -46.45 6.43 -24.20
CA SER B 345 -46.99 6.77 -25.50
C SER B 345 -46.45 8.14 -25.89
N ARG B 346 -46.67 8.53 -27.14
CA ARG B 346 -46.36 9.86 -27.63
C ARG B 346 -44.86 10.10 -27.88
N VAL B 347 -44.06 9.04 -27.80
CA VAL B 347 -42.65 9.12 -28.12
C VAL B 347 -42.16 7.92 -28.93
N GLU B 348 -41.20 8.19 -29.80
CA GLU B 348 -40.39 7.15 -30.41
C GLU B 348 -38.96 7.48 -30.01
N VAL B 349 -38.26 6.54 -29.38
CA VAL B 349 -36.94 6.83 -28.82
C VAL B 349 -35.90 5.90 -29.43
N HIS B 350 -34.88 6.50 -30.06
CA HIS B 350 -33.77 5.77 -30.63
C HIS B 350 -32.60 5.80 -29.63
N PHE B 351 -32.10 4.60 -29.31
CA PHE B 351 -30.98 4.45 -28.39
C PHE B 351 -29.76 3.96 -29.18
N ILE B 352 -28.72 4.79 -29.24
CA ILE B 352 -27.62 4.58 -30.18
C ILE B 352 -26.29 4.58 -29.44
N VAL B 353 -25.56 3.48 -29.57
CA VAL B 353 -24.21 3.37 -29.00
C VAL B 353 -23.25 2.78 -30.01
N ALA B 354 -22.23 3.57 -30.38
CA ALA B 354 -21.16 3.08 -31.21
C ALA B 354 -20.08 2.44 -30.35
N ALA B 355 -20.18 1.14 -30.17
CA ALA B 355 -19.37 0.43 -29.19
C ALA B 355 -18.10 -0.14 -29.82
N CYS B 356 -17.00 0.09 -29.11
CA CYS B 356 -15.71 -0.41 -29.50
C CYS B 356 -14.78 -0.29 -28.31
N GLU B 357 -13.61 -0.92 -28.41
CA GLU B 357 -12.58 -0.62 -27.43
C GLU B 357 -11.42 0.05 -28.13
N ASN B 358 -10.79 0.98 -27.42
CA ASN B 358 -9.69 1.75 -27.94
C ASN B 358 -8.39 1.12 -27.45
N MET B 359 -7.75 0.38 -28.34
CA MET B 359 -6.54 -0.36 -28.02
C MET B 359 -5.32 0.13 -28.82
N ILE B 360 -4.20 -0.55 -28.61
CA ILE B 360 -2.95 -0.27 -29.28
C ILE B 360 -2.46 -1.52 -29.98
N SER B 361 -2.25 -1.39 -31.28
CA SER B 361 -1.77 -2.50 -32.08
C SER B 361 -1.23 -1.93 -33.37
N ALA B 362 -0.70 -2.84 -34.19
CA ALA B 362 -0.22 -2.50 -35.52
C ALA B 362 -1.31 -2.01 -36.47
N GLU B 363 -2.55 -2.45 -36.23
CA GLU B 363 -3.70 -2.08 -37.02
C GLU B 363 -4.32 -0.76 -36.58
N GLY B 364 -3.74 -0.12 -35.58
CA GLY B 364 -4.38 1.02 -34.93
C GLY B 364 -4.15 2.35 -35.64
N MET B 365 -4.96 3.32 -35.25
CA MET B 365 -4.81 4.71 -35.68
C MET B 365 -3.62 5.35 -34.97
N ARG B 366 -2.87 6.19 -35.67
CA ARG B 366 -1.73 6.88 -35.08
C ARG B 366 -2.18 8.32 -34.77
N PRO B 367 -1.50 8.98 -33.83
CA PRO B 367 -1.64 10.43 -33.73
C PRO B 367 -1.18 11.12 -34.99
N GLY B 368 -1.92 12.14 -35.42
CA GLY B 368 -1.71 12.77 -36.72
C GLY B 368 -2.53 12.24 -37.89
N ASP B 369 -3.08 11.04 -37.77
CA ASP B 369 -3.91 10.49 -38.85
C ASP B 369 -5.08 11.42 -39.12
N ILE B 370 -5.54 11.43 -40.36
CA ILE B 370 -6.67 12.24 -40.74
C ILE B 370 -7.78 11.30 -41.15
N VAL B 371 -8.89 11.37 -40.42
CA VAL B 371 -10.00 10.45 -40.60
C VAL B 371 -11.19 11.23 -41.12
N THR B 372 -12.11 10.52 -41.76
CA THR B 372 -13.24 11.18 -42.41
C THR B 372 -14.54 10.63 -41.85
N ALA B 373 -15.31 11.52 -41.20
CA ALA B 373 -16.59 11.12 -40.62
C ALA B 373 -17.63 10.90 -41.73
N SER B 374 -18.79 10.36 -41.36
CA SER B 374 -19.80 9.96 -42.32
C SER B 374 -20.53 11.15 -42.90
N ASN B 375 -20.25 12.36 -42.43
CA ASN B 375 -20.75 13.56 -43.09
C ASN B 375 -19.75 14.19 -44.05
N GLY B 376 -18.61 13.54 -44.26
CA GLY B 376 -17.59 14.03 -45.17
C GLY B 376 -16.54 14.91 -44.48
N LYS B 377 -16.74 15.34 -43.24
CA LYS B 377 -15.75 16.24 -42.61
C LYS B 377 -14.52 15.47 -42.16
N THR B 378 -13.35 16.08 -42.32
CA THR B 378 -12.09 15.46 -41.98
C THR B 378 -11.60 15.94 -40.62
N ILE B 379 -10.99 15.03 -39.86
CA ILE B 379 -10.49 15.32 -38.55
C ILE B 379 -9.04 14.87 -38.42
N GLU B 380 -8.17 15.83 -38.08
CA GLU B 380 -6.78 15.52 -37.76
C GLU B 380 -6.62 15.17 -36.29
N VAL B 381 -6.21 13.94 -36.04
CA VAL B 381 -6.33 13.41 -34.71
C VAL B 381 -5.04 13.77 -34.00
N ASN B 382 -5.01 14.92 -33.34
CA ASN B 382 -3.77 15.41 -32.75
C ASN B 382 -3.60 14.84 -31.35
N ASN B 383 -4.62 14.17 -30.83
CA ASN B 383 -4.51 13.58 -29.49
C ASN B 383 -5.32 12.31 -29.41
N THR B 384 -4.61 11.18 -29.25
CA THR B 384 -5.25 9.86 -29.17
C THR B 384 -5.89 9.54 -27.82
N ASP B 385 -5.75 10.44 -26.85
CA ASP B 385 -6.54 10.32 -25.63
C ASP B 385 -7.97 10.86 -25.77
N ALA B 386 -8.26 11.48 -26.89
CA ALA B 386 -9.59 12.02 -27.11
C ALA B 386 -10.20 11.37 -28.34
N GLU B 387 -10.23 10.04 -28.34
CA GLU B 387 -10.83 9.31 -29.44
C GLU B 387 -12.31 9.07 -29.28
N GLY B 388 -12.81 9.16 -28.06
CA GLY B 388 -14.22 8.88 -27.79
C GLY B 388 -15.13 9.76 -28.61
N ARG B 389 -14.74 11.03 -28.71
CA ARG B 389 -15.51 11.98 -29.52
C ARG B 389 -15.58 11.65 -31.01
N LEU B 390 -14.59 10.92 -31.52
N LEU B 390 -14.58 10.92 -31.52
CA LEU B 390 -14.61 10.49 -32.91
CA LEU B 390 -14.62 10.48 -32.91
C LEU B 390 -15.73 9.47 -33.14
C LEU B 390 -15.75 9.48 -33.14
N THR B 391 -15.93 8.56 -32.19
CA THR B 391 -17.01 7.60 -32.29
C THR B 391 -18.36 8.30 -32.18
N LEU B 392 -18.43 9.30 -31.34
CA LEU B 392 -19.68 10.03 -31.19
C LEU B 392 -20.01 10.81 -32.45
N ALA B 393 -18.99 11.27 -33.18
CA ALA B 393 -19.26 12.02 -34.40
C ALA B 393 -20.16 11.20 -35.33
N ASP B 394 -19.80 9.95 -35.56
CA ASP B 394 -20.54 9.10 -36.46
C ASP B 394 -21.86 8.64 -35.84
N ALA B 395 -21.90 8.48 -34.53
CA ALA B 395 -23.17 8.11 -33.88
C ALA B 395 -24.18 9.26 -34.01
N LEU B 396 -23.70 10.49 -33.83
CA LEU B 396 -24.59 11.65 -33.92
C LEU B 396 -25.13 11.85 -35.34
N ILE B 397 -24.28 11.67 -36.33
CA ILE B 397 -24.71 11.69 -37.71
C ILE B 397 -25.77 10.62 -37.95
N TYR B 398 -25.53 9.40 -37.45
CA TYR B 398 -26.51 8.33 -37.59
C TYR B 398 -27.83 8.69 -36.92
N ALA B 399 -27.77 9.30 -35.75
CA ALA B 399 -28.99 9.73 -35.07
C ALA B 399 -29.75 10.76 -35.92
N CYS B 400 -29.05 11.74 -36.45
CA CYS B 400 -29.70 12.75 -37.25
C CYS B 400 -30.32 12.12 -38.49
N ASN B 401 -29.67 11.09 -39.04
CA ASN B 401 -30.16 10.39 -40.21
C ASN B 401 -31.37 9.52 -39.92
N GLN B 402 -31.73 9.32 -38.66
CA GLN B 402 -32.97 8.65 -38.32
C GLN B 402 -34.15 9.60 -38.29
N GLY B 403 -33.89 10.88 -38.54
CA GLY B 403 -35.00 11.83 -38.64
C GLY B 403 -35.57 12.23 -37.29
N VAL B 404 -34.77 12.20 -36.24
CA VAL B 404 -35.23 12.66 -34.94
C VAL B 404 -35.29 14.17 -34.82
N GLU B 405 -36.10 14.62 -33.88
CA GLU B 405 -36.27 16.03 -33.61
C GLU B 405 -35.30 16.56 -32.53
N LYS B 406 -34.92 15.71 -31.57
CA LYS B 406 -34.07 16.08 -30.45
C LYS B 406 -33.12 14.94 -30.11
N ILE B 407 -31.87 15.27 -29.81
CA ILE B 407 -30.85 14.34 -29.38
C ILE B 407 -30.21 14.79 -28.06
N ILE B 408 -30.11 13.86 -27.10
CA ILE B 408 -29.18 14.01 -26.00
C ILE B 408 -28.09 12.95 -26.13
N ASP B 409 -26.81 13.37 -26.08
CA ASP B 409 -25.72 12.45 -25.91
C ASP B 409 -25.17 12.53 -24.51
N LEU B 410 -24.78 11.38 -23.97
CA LEU B 410 -24.03 11.31 -22.74
C LEU B 410 -22.68 10.67 -23.02
N ALA B 411 -21.64 11.29 -22.48
CA ALA B 411 -20.27 10.84 -22.70
C ALA B 411 -19.34 11.28 -21.57
N THR B 412 -18.50 10.36 -21.14
CA THR B 412 -17.37 10.70 -20.27
C THR B 412 -16.30 11.34 -21.14
N LEU B 413 -16.47 12.61 -21.48
CA LEU B 413 -15.67 13.19 -22.54
C LEU B 413 -14.34 13.79 -22.10
N THR B 414 -14.32 14.54 -20.99
CA THR B 414 -13.12 15.33 -20.64
C THR B 414 -12.84 15.22 -19.13
N GLY B 415 -11.57 15.36 -18.77
CA GLY B 415 -11.19 15.64 -17.40
C GLY B 415 -11.52 17.08 -17.06
N ALA B 416 -11.53 17.94 -18.06
CA ALA B 416 -11.75 19.35 -17.81
C ALA B 416 -13.05 19.59 -17.06
N ILE B 417 -14.09 18.85 -17.41
CA ILE B 417 -15.41 19.08 -16.81
C ILE B 417 -15.42 18.76 -15.33
N MET B 418 -14.59 17.82 -14.90
CA MET B 418 -14.44 17.55 -13.47
C MET B 418 -13.64 18.64 -12.76
N VAL B 419 -12.63 19.20 -13.42
CA VAL B 419 -11.97 20.36 -12.85
C VAL B 419 -13.02 21.44 -12.60
N ALA B 420 -13.87 21.65 -13.60
CA ALA B 420 -14.88 22.70 -13.60
C ALA B 420 -15.95 22.48 -12.54
N LEU B 421 -16.52 21.29 -12.54
CA LEU B 421 -17.76 21.08 -11.82
C LEU B 421 -17.64 20.05 -10.72
N GLY B 422 -16.45 19.49 -10.55
CA GLY B 422 -16.22 18.50 -9.50
C GLY B 422 -16.68 17.11 -9.89
N PRO B 423 -16.64 16.17 -8.93
CA PRO B 423 -16.98 14.78 -9.23
C PRO B 423 -18.47 14.48 -9.39
N SER B 424 -19.33 15.39 -8.97
CA SER B 424 -20.72 15.03 -8.72
C SER B 424 -21.71 15.68 -9.69
N VAL B 425 -21.28 16.67 -10.47
CA VAL B 425 -22.17 17.50 -11.25
C VAL B 425 -21.76 17.42 -12.73
N ALA B 426 -22.67 16.97 -13.59
CA ALA B 426 -22.36 16.80 -15.02
C ALA B 426 -22.54 18.14 -15.72
N GLY B 427 -21.79 18.33 -16.79
CA GLY B 427 -21.88 19.54 -17.60
C GLY B 427 -22.73 19.36 -18.84
N ALA B 428 -23.68 20.28 -19.05
CA ALA B 428 -24.64 20.20 -20.16
C ALA B 428 -24.38 21.31 -21.16
N PHE B 429 -24.25 20.94 -22.42
CA PHE B 429 -23.87 21.88 -23.49
C PHE B 429 -24.86 21.78 -24.63
N THR B 430 -25.49 22.89 -24.98
CA THR B 430 -26.43 22.89 -26.09
C THR B 430 -26.50 24.27 -26.73
N PRO B 431 -26.78 24.29 -28.05
CA PRO B 431 -27.11 25.55 -28.72
C PRO B 431 -28.56 25.96 -28.46
N ASN B 432 -29.36 25.03 -27.96
CA ASN B 432 -30.82 25.16 -27.99
C ASN B 432 -31.37 25.45 -26.59
N ASP B 433 -31.75 26.71 -26.34
CA ASP B 433 -32.09 27.13 -24.98
C ASP B 433 -33.27 26.34 -24.44
N ASP B 434 -34.23 26.04 -25.31
N ASP B 434 -34.24 26.03 -25.30
CA ASP B 434 -35.40 25.25 -24.94
CA ASP B 434 -35.40 25.27 -24.86
C ASP B 434 -35.03 23.87 -24.43
C ASP B 434 -35.02 23.86 -24.41
N LEU B 435 -34.12 23.20 -25.14
CA LEU B 435 -33.75 21.83 -24.74
C LEU B 435 -32.98 21.91 -23.42
N ALA B 436 -32.18 22.95 -23.22
CA ALA B 436 -31.49 23.09 -21.95
C ALA B 436 -32.54 23.12 -20.83
N ARG B 437 -33.57 23.93 -21.01
N ARG B 437 -33.57 23.91 -21.02
CA ARG B 437 -34.62 24.08 -20.00
CA ARG B 437 -34.64 24.09 -20.03
C ARG B 437 -35.32 22.73 -19.73
C ARG B 437 -35.36 22.76 -19.73
N GLU B 438 -35.61 21.96 -20.78
CA GLU B 438 -36.20 20.63 -20.62
C GLU B 438 -35.30 19.69 -19.80
N VAL B 439 -33.99 19.78 -20.02
CA VAL B 439 -33.06 18.87 -19.35
C VAL B 439 -32.83 19.30 -17.91
N VAL B 440 -32.73 20.60 -17.66
CA VAL B 440 -32.70 21.14 -16.31
C VAL B 440 -33.94 20.80 -15.49
N GLU B 441 -35.11 20.87 -16.09
CA GLU B 441 -36.34 20.42 -15.44
C GLU B 441 -36.40 18.92 -15.19
N ALA B 442 -35.91 18.15 -16.14
CA ALA B 442 -35.90 16.71 -15.98
C ALA B 442 -35.02 16.30 -14.83
N ALA B 443 -33.88 16.97 -14.69
CA ALA B 443 -32.96 16.69 -13.59
C ALA B 443 -33.55 17.12 -12.24
N GLU B 444 -34.23 18.26 -12.25
CA GLU B 444 -34.96 18.69 -11.07
C GLU B 444 -35.90 17.59 -10.57
N ALA B 445 -36.61 16.96 -11.50
CA ALA B 445 -37.56 15.93 -11.14
C ALA B 445 -36.84 14.63 -10.74
N SER B 446 -35.70 14.33 -11.36
CA SER B 446 -34.99 13.09 -11.06
C SER B 446 -34.12 13.20 -9.82
N GLY B 447 -33.71 14.41 -9.49
CA GLY B 447 -32.75 14.60 -8.41
C GLY B 447 -31.29 14.57 -8.81
N GLU B 448 -31.01 14.39 -10.08
CA GLU B 448 -29.64 14.29 -10.53
C GLU B 448 -29.03 15.67 -10.74
N LYS B 449 -27.73 15.77 -10.52
CA LYS B 449 -27.04 17.07 -10.55
C LYS B 449 -26.37 17.30 -11.88
N LEU B 450 -26.75 18.40 -12.50
CA LEU B 450 -26.10 18.85 -13.74
C LEU B 450 -26.19 20.37 -13.86
N TRP B 451 -25.37 20.93 -14.76
CA TRP B 451 -25.25 22.37 -14.86
C TRP B 451 -24.93 22.70 -16.31
N ARG B 452 -25.65 23.66 -16.86
CA ARG B 452 -25.36 24.10 -18.22
C ARG B 452 -24.08 24.92 -18.28
N MET B 453 -23.25 24.58 -19.26
CA MET B 453 -22.02 25.29 -19.53
C MET B 453 -22.07 25.88 -20.93
N PRO B 454 -21.34 26.98 -21.16
CA PRO B 454 -21.57 27.75 -22.38
C PRO B 454 -20.85 27.12 -23.57
N MET B 455 -21.49 27.15 -24.74
CA MET B 455 -20.78 26.82 -25.96
C MET B 455 -20.18 28.08 -26.58
N GLU B 456 -19.10 28.56 -25.98
CA GLU B 456 -18.45 29.80 -26.36
C GLU B 456 -17.82 29.68 -27.75
N GLU B 457 -18.42 30.32 -28.73
CA GLU B 457 -18.09 30.09 -30.13
C GLU B 457 -16.68 30.56 -30.52
N SER B 458 -16.18 31.57 -29.82
CA SER B 458 -14.86 32.12 -30.13
C SER B 458 -13.79 31.07 -29.91
N TYR B 459 -14.09 29.98 -29.23
CA TYR B 459 -13.04 29.00 -28.95
C TYR B 459 -12.84 28.06 -30.13
N TRP B 460 -13.73 28.12 -31.11
CA TRP B 460 -13.68 27.18 -32.22
C TRP B 460 -12.42 27.39 -33.05
N GLU B 461 -11.94 28.62 -33.02
CA GLU B 461 -10.73 29.01 -33.72
C GLU B 461 -9.51 28.24 -33.22
N SER B 462 -9.52 27.80 -31.97
CA SER B 462 -8.42 27.00 -31.47
C SER B 462 -8.53 25.55 -31.92
N MET B 463 -9.58 25.19 -32.64
CA MET B 463 -9.72 23.83 -33.18
C MET B 463 -9.38 23.72 -34.68
N LYS B 464 -8.78 24.76 -35.24
CA LYS B 464 -8.38 24.77 -36.65
C LYS B 464 -7.25 23.77 -36.85
N SER B 465 -7.23 23.12 -38.01
CA SER B 465 -6.11 22.30 -38.46
C SER B 465 -5.38 22.99 -39.62
N GLY B 466 -4.08 22.77 -39.77
CA GLY B 466 -3.36 23.20 -40.95
C GLY B 466 -3.50 22.30 -42.18
N VAL B 467 -4.18 21.16 -42.04
N VAL B 467 -4.21 21.18 -42.04
CA VAL B 467 -4.38 20.21 -43.14
CA VAL B 467 -4.38 20.22 -43.14
C VAL B 467 -5.80 19.66 -43.29
C VAL B 467 -5.79 19.61 -43.29
N ALA B 468 -6.51 19.47 -42.18
CA ALA B 468 -7.85 18.90 -42.20
C ALA B 468 -8.90 19.97 -41.89
N ASP B 469 -10.17 19.59 -41.87
CA ASP B 469 -11.24 20.51 -41.49
C ASP B 469 -11.16 20.95 -40.02
N MET B 470 -10.63 20.10 -39.15
CA MET B 470 -10.49 20.41 -37.73
C MET B 470 -9.51 19.44 -37.07
N ILE B 471 -9.06 19.78 -35.87
CA ILE B 471 -8.41 18.84 -34.99
C ILE B 471 -9.41 18.25 -34.00
N ASN B 472 -9.02 17.20 -33.28
CA ASN B 472 -9.93 16.60 -32.33
C ASN B 472 -9.77 17.10 -30.88
N THR B 473 -8.67 17.78 -30.58
CA THR B 473 -8.43 18.23 -29.24
C THR B 473 -7.88 19.64 -29.19
N GLY B 474 -8.55 20.47 -28.41
CA GLY B 474 -8.09 21.85 -28.23
C GLY B 474 -7.19 22.03 -27.02
N PRO B 475 -6.92 23.28 -26.65
CA PRO B 475 -6.09 23.51 -25.46
C PRO B 475 -6.84 23.13 -24.19
N GLY B 476 -6.07 22.85 -23.16
CA GLY B 476 -6.61 22.45 -21.88
C GLY B 476 -7.63 23.45 -21.34
N ASN B 477 -7.38 24.74 -21.50
CA ASN B 477 -8.29 25.72 -20.99
C ASN B 477 -9.47 25.80 -21.92
N GLY B 478 -10.65 25.47 -21.42
CA GLY B 478 -11.84 25.41 -22.26
C GLY B 478 -12.09 24.05 -22.86
N GLY B 479 -11.40 23.02 -22.37
CA GLY B 479 -11.41 21.72 -23.02
C GLY B 479 -12.77 21.02 -23.08
N ALA B 480 -13.64 21.33 -22.13
CA ALA B 480 -14.98 20.74 -22.17
C ALA B 480 -15.86 21.45 -23.15
N ILE B 481 -15.63 22.75 -23.29
CA ILE B 481 -16.34 23.55 -24.28
C ILE B 481 -15.95 23.16 -25.69
N THR B 482 -14.64 23.11 -25.96
CA THR B 482 -14.22 22.76 -27.31
C THR B 482 -14.59 21.31 -27.65
N GLY B 483 -14.67 20.46 -26.64
CA GLY B 483 -15.23 19.14 -26.83
C GLY B 483 -16.65 19.20 -27.37
N ALA B 484 -17.47 20.01 -26.71
CA ALA B 484 -18.83 20.23 -27.18
C ALA B 484 -18.87 20.83 -28.58
N LEU B 485 -17.99 21.80 -28.85
CA LEU B 485 -18.01 22.49 -30.14
C LEU B 485 -17.57 21.53 -31.26
N PHE B 486 -16.73 20.57 -30.89
CA PHE B 486 -16.37 19.53 -31.83
C PHE B 486 -17.57 18.69 -32.23
N LEU B 487 -18.33 18.26 -31.23
CA LEU B 487 -19.44 17.38 -31.46
C LEU B 487 -20.49 18.06 -32.32
N LYS B 488 -20.59 19.37 -32.18
CA LYS B 488 -21.56 20.18 -32.89
C LYS B 488 -21.36 20.14 -34.39
N GLN B 489 -20.15 19.83 -34.83
CA GLN B 489 -19.83 19.76 -36.23
C GLN B 489 -20.53 18.59 -36.90
N PHE B 490 -21.06 17.68 -36.09
CA PHE B 490 -21.61 16.45 -36.61
C PHE B 490 -23.12 16.34 -36.40
N VAL B 491 -23.71 17.48 -36.07
CA VAL B 491 -25.11 17.54 -35.72
C VAL B 491 -25.77 18.48 -36.72
N ASP B 492 -26.77 17.96 -37.41
CA ASP B 492 -27.64 18.75 -38.27
C ASP B 492 -28.22 19.90 -37.42
N GLU B 493 -28.11 21.11 -37.93
CA GLU B 493 -28.65 22.28 -37.23
C GLU B 493 -30.15 22.28 -37.02
N LYS B 494 -30.89 21.58 -37.87
CA LYS B 494 -32.35 21.46 -37.73
C LYS B 494 -32.73 20.62 -36.50
N VAL B 495 -31.78 19.86 -35.98
CA VAL B 495 -32.08 18.97 -34.87
C VAL B 495 -31.67 19.64 -33.56
N GLN B 496 -32.53 19.59 -32.55
CA GLN B 496 -32.13 20.12 -31.26
C GLN B 496 -31.21 19.09 -30.60
N TRP B 497 -30.14 19.56 -29.96
CA TRP B 497 -29.11 18.65 -29.49
C TRP B 497 -28.39 19.18 -28.24
N LEU B 498 -28.30 18.31 -27.25
CA LEU B 498 -27.59 18.61 -26.01
C LEU B 498 -26.62 17.49 -25.67
N HIS B 499 -25.44 17.93 -25.26
CA HIS B 499 -24.33 17.05 -24.93
C HIS B 499 -24.18 17.13 -23.42
N LEU B 500 -24.10 15.97 -22.79
CA LEU B 500 -23.88 15.88 -21.36
C LEU B 500 -22.56 15.19 -21.06
N ASP B 501 -21.64 15.94 -20.47
CA ASP B 501 -20.31 15.42 -20.12
C ASP B 501 -20.39 14.91 -18.67
N VAL B 502 -20.41 13.59 -18.57
CA VAL B 502 -20.70 12.89 -17.32
C VAL B 502 -19.49 12.20 -16.70
N ALA B 503 -18.29 12.67 -17.06
CA ALA B 503 -17.06 12.05 -16.58
C ALA B 503 -17.03 11.87 -15.08
N GLY B 504 -17.57 12.83 -14.34
CA GLY B 504 -17.58 12.72 -12.88
C GLY B 504 -18.62 11.78 -12.28
N PRO B 505 -19.89 12.10 -12.46
CA PRO B 505 -20.85 11.42 -11.60
C PRO B 505 -21.23 9.97 -11.97
N VAL B 506 -20.70 9.42 -13.06
CA VAL B 506 -20.98 8.05 -13.40
C VAL B 506 -20.28 7.07 -12.44
N TRP B 507 -19.23 7.49 -11.77
CA TRP B 507 -18.48 6.64 -10.84
C TRP B 507 -18.31 7.29 -9.48
N SER B 508 -18.66 6.58 -8.42
CA SER B 508 -18.55 7.10 -7.05
C SER B 508 -17.30 6.53 -6.41
N ASP B 509 -16.29 7.39 -6.23
CA ASP B 509 -15.09 7.04 -5.51
C ASP B 509 -15.35 6.67 -4.05
N GLU B 510 -16.39 7.24 -3.45
CA GLU B 510 -16.75 6.87 -2.09
C GLU B 510 -17.28 5.45 -2.01
N LYS B 511 -18.23 5.07 -2.86
CA LYS B 511 -18.74 3.71 -2.89
C LYS B 511 -17.80 2.70 -3.56
N LYS B 512 -16.76 3.18 -4.23
CA LYS B 512 -15.98 2.39 -5.18
C LYS B 512 -16.84 1.61 -6.17
N ASN B 513 -17.81 2.29 -6.78
CA ASN B 513 -18.81 1.61 -7.61
C ASN B 513 -19.43 2.63 -8.55
N ALA B 514 -20.01 2.09 -9.61
CA ALA B 514 -20.75 2.87 -10.61
C ALA B 514 -22.07 3.33 -10.01
N THR B 515 -22.61 4.43 -10.52
CA THR B 515 -23.84 5.03 -10.00
C THR B 515 -25.06 4.80 -10.88
N GLY B 516 -24.84 4.55 -12.17
CA GLY B 516 -25.93 4.58 -13.12
C GLY B 516 -26.52 5.98 -13.28
N TYR B 517 -25.70 6.98 -12.99
CA TYR B 517 -26.05 8.36 -13.31
C TYR B 517 -26.57 8.50 -14.75
N GLY B 518 -27.66 9.25 -14.88
CA GLY B 518 -28.19 9.65 -16.15
C GLY B 518 -29.51 8.98 -16.51
N VAL B 519 -29.65 7.72 -16.10
CA VAL B 519 -30.86 6.97 -16.41
C VAL B 519 -32.12 7.67 -15.94
N SER B 520 -32.18 8.08 -14.68
CA SER B 520 -33.41 8.69 -14.18
C SER B 520 -33.73 10.00 -14.87
N THR B 521 -32.72 10.82 -15.13
CA THR B 521 -32.95 12.07 -15.84
C THR B 521 -33.47 11.79 -17.25
N LEU B 522 -32.80 10.88 -17.96
CA LEU B 522 -33.21 10.60 -19.33
C LEU B 522 -34.65 10.11 -19.40
N VAL B 523 -35.02 9.24 -18.47
CA VAL B 523 -36.41 8.78 -18.41
C VAL B 523 -37.38 9.92 -18.14
N GLU B 524 -37.07 10.81 -17.20
CA GLU B 524 -37.91 11.99 -16.99
C GLU B 524 -38.00 12.90 -18.21
N TRP B 525 -36.88 13.05 -18.93
CA TRP B 525 -36.90 13.88 -20.11
C TRP B 525 -37.82 13.29 -21.17
N VAL B 526 -37.66 12.00 -21.42
CA VAL B 526 -38.49 11.32 -22.42
C VAL B 526 -39.98 11.43 -22.08
N LEU B 527 -40.28 11.30 -20.78
CA LEU B 527 -41.67 11.33 -20.31
C LEU B 527 -42.28 12.72 -20.34
N ARG B 528 -41.48 13.76 -20.27
CA ARG B 528 -41.98 15.11 -20.24
C ARG B 528 -42.06 15.63 -21.66
N ASN B 529 -41.55 14.88 -22.62
CA ASN B 529 -41.82 15.17 -24.02
C ASN B 529 -43.18 14.54 -24.41
N ALA C 13 19.79 -16.66 -35.83
CA ALA C 13 19.53 -15.23 -36.19
C ALA C 13 18.29 -15.05 -37.08
N GLY C 14 18.14 -15.86 -38.12
CA GLY C 14 17.05 -15.72 -39.08
C GLY C 14 15.67 -15.48 -38.49
N ASP C 15 15.32 -16.16 -37.39
CA ASP C 15 14.01 -15.91 -36.75
C ASP C 15 14.07 -15.01 -35.51
N THR C 16 15.23 -14.46 -35.19
CA THR C 16 15.42 -13.52 -34.10
C THR C 16 15.21 -12.07 -34.54
N LEU C 17 14.39 -11.32 -33.80
CA LEU C 17 14.17 -9.91 -34.09
C LEU C 17 15.49 -9.16 -34.01
N GLY C 18 15.82 -8.43 -35.06
CA GLY C 18 17.11 -7.75 -35.15
C GLY C 18 18.23 -8.61 -35.71
N LEU C 19 17.90 -9.85 -36.07
CA LEU C 19 18.87 -10.79 -36.65
C LEU C 19 20.07 -11.07 -35.76
N THR C 20 19.93 -10.90 -34.46
CA THR C 20 21.05 -11.00 -33.55
C THR C 20 21.33 -12.45 -33.14
N ARG C 21 22.60 -12.83 -33.17
CA ARG C 21 22.97 -14.19 -32.77
C ARG C 21 23.99 -14.11 -31.63
N PRO C 22 23.81 -14.90 -30.56
CA PRO C 22 24.84 -14.98 -29.51
C PRO C 22 26.13 -15.64 -30.02
N ASN C 23 27.26 -14.99 -29.83
CA ASN C 23 28.53 -15.63 -30.10
C ASN C 23 28.76 -16.76 -29.09
N GLU C 24 29.45 -17.79 -29.55
CA GLU C 24 29.72 -18.96 -28.73
C GLU C 24 30.61 -18.47 -27.61
N SER C 25 30.19 -18.72 -26.38
CA SER C 25 31.03 -18.44 -25.21
C SER C 25 32.28 -19.34 -25.24
N ASP C 26 33.43 -18.72 -25.54
CA ASP C 26 34.66 -19.46 -25.80
C ASP C 26 35.62 -19.56 -24.60
N ALA C 27 35.11 -19.42 -23.38
CA ALA C 27 35.96 -19.35 -22.18
C ALA C 27 36.51 -20.72 -21.76
N PRO C 28 37.80 -20.80 -21.38
CA PRO C 28 38.30 -22.12 -20.96
C PRO C 28 37.79 -22.44 -19.56
N LYS C 29 37.64 -23.72 -19.26
CA LYS C 29 37.48 -24.12 -17.86
C LYS C 29 38.82 -24.01 -17.13
N ILE C 30 38.87 -23.19 -16.10
CA ILE C 30 40.10 -23.00 -15.35
C ILE C 30 40.39 -24.30 -14.60
N SER C 31 41.64 -24.74 -14.65
N SER C 31 41.63 -24.77 -14.67
CA SER C 31 42.07 -25.88 -13.84
CA SER C 31 42.12 -25.85 -13.82
C SER C 31 42.47 -25.40 -12.45
C SER C 31 42.47 -25.35 -12.42
N ILE C 32 41.69 -25.77 -11.44
CA ILE C 32 41.90 -25.34 -10.06
C ILE C 32 42.30 -26.52 -9.19
N GLY C 33 43.35 -26.31 -8.42
CA GLY C 33 43.77 -27.31 -7.45
C GLY C 33 44.40 -26.67 -6.23
N ALA C 34 44.33 -27.39 -5.11
CA ALA C 34 45.07 -27.00 -3.92
C ALA C 34 46.40 -27.73 -3.94
N LYS C 35 47.50 -27.01 -3.75
CA LYS C 35 48.86 -27.57 -3.81
C LYS C 35 49.66 -27.29 -2.56
N ASP C 36 50.59 -28.18 -2.24
CA ASP C 36 51.38 -28.07 -1.00
C ASP C 36 52.66 -27.27 -1.24
N THR C 37 52.84 -26.82 -2.47
CA THR C 37 54.01 -26.06 -2.85
C THR C 37 54.22 -24.87 -1.92
N ALA C 38 55.44 -24.72 -1.43
CA ALA C 38 55.80 -23.54 -0.65
C ALA C 38 55.58 -22.30 -1.51
N VAL C 39 55.03 -21.26 -0.91
CA VAL C 39 54.68 -20.07 -1.67
C VAL C 39 55.89 -19.43 -2.33
N VAL C 40 57.02 -19.40 -1.62
CA VAL C 40 58.25 -18.80 -2.17
C VAL C 40 58.87 -19.62 -3.29
N GLN C 41 58.48 -20.88 -3.40
CA GLN C 41 59.01 -21.74 -4.46
C GLN C 41 58.11 -21.77 -5.69
N TRP C 42 56.88 -21.26 -5.58
CA TRP C 42 55.92 -21.42 -6.66
C TRP C 42 56.35 -20.63 -7.88
N GLN C 43 56.14 -21.19 -9.06
CA GLN C 43 56.56 -20.59 -10.31
C GLN C 43 55.38 -20.51 -11.30
N GLY C 44 55.19 -19.33 -11.86
CA GLY C 44 54.14 -19.11 -12.86
C GLY C 44 54.00 -17.61 -13.10
N ASP C 45 52.91 -17.19 -13.72
CA ASP C 45 52.81 -15.85 -14.25
C ASP C 45 52.47 -14.83 -13.16
N LEU C 46 51.69 -15.23 -12.16
CA LEU C 46 51.18 -14.28 -11.15
C LEU C 46 50.86 -14.97 -9.83
N LEU C 47 51.43 -14.41 -8.77
CA LEU C 47 51.15 -14.83 -7.40
C LEU C 47 50.40 -13.71 -6.68
N ALA C 48 49.18 -14.00 -6.26
CA ALA C 48 48.39 -13.04 -5.51
C ALA C 48 48.38 -13.43 -4.03
N ILE C 49 48.66 -12.47 -3.16
N ILE C 49 48.67 -12.47 -3.16
CA ILE C 49 48.72 -12.69 -1.74
CA ILE C 49 48.77 -12.68 -1.72
C ILE C 49 47.70 -11.81 -1.04
C ILE C 49 47.72 -11.82 -1.04
N GLY C 50 46.85 -12.44 -0.24
CA GLY C 50 45.86 -11.70 0.55
C GLY C 50 46.45 -11.35 1.88
N ALA C 51 46.52 -10.06 2.18
CA ALA C 51 47.12 -9.58 3.43
C ALA C 51 46.19 -8.64 4.15
N THR C 52 45.98 -8.92 5.44
CA THR C 52 45.23 -8.03 6.32
C THR C 52 46.13 -6.86 6.68
N GLU C 53 45.55 -5.85 7.34
CA GLU C 53 46.31 -4.73 7.86
C GLU C 53 47.37 -5.15 8.88
N ASN C 54 47.03 -6.10 9.73
N ASN C 54 47.04 -6.10 9.74
CA ASN C 54 47.99 -6.67 10.68
CA ASN C 54 48.03 -6.64 10.67
C ASN C 54 49.13 -7.42 10.00
C ASN C 54 49.15 -7.42 10.00
N ASP C 55 48.83 -8.13 8.92
CA ASP C 55 49.86 -8.81 8.13
C ASP C 55 50.91 -7.86 7.55
N MET C 56 50.56 -6.59 7.38
CA MET C 56 51.49 -5.60 6.79
C MET C 56 52.33 -4.83 7.80
N ALA C 57 52.34 -5.26 9.06
CA ALA C 57 53.12 -4.56 10.09
C ALA C 57 54.61 -4.58 9.75
N ARG C 58 55.30 -3.49 10.08
CA ARG C 58 56.73 -3.39 9.86
C ARG C 58 57.51 -3.19 11.17
N ASP C 59 58.79 -3.55 11.14
CA ASP C 59 59.65 -3.37 12.31
C ASP C 59 60.30 -2.00 12.29
N GLU C 60 61.22 -1.78 13.23
CA GLU C 60 61.86 -0.48 13.36
C GLU C 60 62.77 -0.13 12.17
N ASN C 61 63.16 -1.12 11.36
CA ASN C 61 63.90 -0.89 10.12
C ASN C 61 63.01 -0.91 8.87
N SER C 62 61.70 -0.82 9.07
CA SER C 62 60.73 -0.75 7.97
C SER C 62 60.62 -2.04 7.13
N LYS C 63 61.00 -3.15 7.74
CA LYS C 63 61.00 -4.44 7.09
C LYS C 63 59.74 -5.17 7.56
N PHE C 64 59.13 -5.94 6.66
CA PHE C 64 57.91 -6.69 6.99
C PHE C 64 58.19 -7.62 8.16
N LYS C 65 57.27 -7.68 9.12
CA LYS C 65 57.31 -8.67 10.20
C LYS C 65 56.75 -10.01 9.76
N ASN C 66 55.75 -9.98 8.87
CA ASN C 66 55.15 -11.21 8.37
C ASN C 66 56.18 -12.12 7.69
N PRO C 67 56.32 -13.37 8.14
CA PRO C 67 57.37 -14.25 7.64
C PRO C 67 57.32 -14.48 6.12
N LEU C 68 56.15 -14.75 5.57
CA LEU C 68 56.04 -14.91 4.11
C LEU C 68 56.44 -13.64 3.36
N LEU C 69 55.87 -12.50 3.74
CA LEU C 69 56.20 -11.24 3.06
C LEU C 69 57.65 -10.82 3.27
N GLN C 70 58.19 -11.07 4.46
CA GLN C 70 59.59 -10.80 4.73
C GLN C 70 60.49 -11.59 3.82
N GLN C 71 60.17 -12.87 3.60
CA GLN C 71 60.98 -13.71 2.73
C GLN C 71 60.88 -13.28 1.25
N LEU C 72 59.66 -13.04 0.77
CA LEU C 72 59.53 -12.59 -0.61
C LEU C 72 60.30 -11.30 -0.84
N ASP C 73 60.21 -10.39 0.11
CA ASP C 73 60.83 -9.09 -0.03
C ASP C 73 62.36 -9.21 -0.06
N SER C 74 62.90 -9.97 0.88
N SER C 74 62.91 -9.91 0.92
CA SER C 74 64.34 -10.08 0.99
CA SER C 74 64.36 -10.06 0.99
C SER C 74 64.84 -10.72 -0.31
C SER C 74 64.87 -10.75 -0.28
N GLU C 75 64.09 -11.68 -0.82
CA GLU C 75 64.41 -12.30 -2.11
C GLU C 75 64.36 -11.32 -3.29
N LEU C 76 63.51 -10.29 -3.21
CA LEU C 76 63.46 -9.19 -4.18
C LEU C 76 64.29 -7.98 -3.74
N ASN C 77 65.15 -8.16 -2.76
CA ASN C 77 66.02 -7.12 -2.24
C ASN C 77 65.30 -5.85 -1.85
N GLY C 78 64.16 -5.99 -1.17
CA GLY C 78 63.46 -4.85 -0.59
C GLY C 78 62.58 -4.13 -1.60
N LEU C 79 62.44 -4.68 -2.79
CA LEU C 79 61.63 -4.04 -3.82
C LEU C 79 60.14 -4.06 -3.47
N LEU C 80 59.68 -5.12 -2.84
CA LEU C 80 58.28 -5.25 -2.50
C LEU C 80 57.84 -4.32 -1.37
N SER C 81 58.68 -4.19 -0.34
CA SER C 81 58.39 -3.25 0.74
C SER C 81 58.50 -1.80 0.28
N ALA C 82 59.48 -1.52 -0.57
CA ALA C 82 59.62 -0.16 -1.06
C ALA C 82 58.40 0.24 -1.91
N ALA C 83 58.01 -0.65 -2.81
CA ALA C 83 56.87 -0.37 -3.68
C ALA C 83 55.62 -0.20 -2.84
N SER C 84 55.46 -1.06 -1.85
CA SER C 84 54.31 -0.99 -0.96
C SER C 84 54.18 0.34 -0.20
N SER C 85 55.27 0.80 0.38
CA SER C 85 55.19 2.08 1.10
C SER C 85 54.98 3.22 0.12
N GLU C 86 55.67 3.21 -1.02
CA GLU C 86 55.54 4.29 -2.00
C GLU C 86 54.09 4.42 -2.44
N GLU C 87 53.41 3.28 -2.59
CA GLU C 87 52.04 3.28 -3.09
C GLU C 87 51.01 3.28 -1.98
N ASP C 88 51.48 3.48 -0.75
CA ASP C 88 50.60 3.61 0.42
C ASP C 88 49.72 2.36 0.59
N PHE C 89 50.25 1.18 0.28
CA PHE C 89 49.53 -0.06 0.57
C PHE C 89 49.82 -0.46 2.01
N SER C 90 48.78 -0.59 2.83
CA SER C 90 48.94 -1.07 4.21
C SER C 90 47.98 -2.21 4.51
N GLY C 91 47.42 -2.81 3.46
CA GLY C 91 46.56 -3.96 3.62
C GLY C 91 45.10 -3.63 3.87
N LYS C 92 44.68 -2.40 3.57
CA LYS C 92 43.29 -2.03 3.74
C LYS C 92 42.43 -2.64 2.66
N SER C 93 41.16 -2.88 2.94
CA SER C 93 40.24 -3.47 1.98
C SER C 93 40.22 -2.70 0.67
N GLY C 94 40.29 -3.40 -0.45
CA GLY C 94 40.29 -2.75 -1.76
C GLY C 94 41.66 -2.29 -2.21
N GLN C 95 42.66 -2.32 -1.34
CA GLN C 95 43.96 -1.85 -1.77
C GLN C 95 44.69 -2.96 -2.51
N SER C 96 45.67 -2.60 -3.33
CA SER C 96 46.49 -3.59 -3.99
C SER C 96 47.77 -2.95 -4.50
N VAL C 97 48.82 -3.76 -4.53
N VAL C 97 48.82 -3.76 -4.61
CA VAL C 97 50.08 -3.44 -5.19
CA VAL C 97 50.05 -3.32 -5.26
C VAL C 97 50.37 -4.52 -6.21
C VAL C 97 50.61 -4.43 -6.15
N ASN C 98 50.91 -4.13 -7.36
N ASN C 98 50.74 -4.15 -7.45
CA ASN C 98 51.23 -5.05 -8.46
CA ASN C 98 51.25 -5.14 -8.40
C ASN C 98 52.70 -4.85 -8.85
C ASN C 98 52.69 -4.85 -8.79
N LEU C 99 53.52 -5.87 -8.66
CA LEU C 99 54.94 -5.77 -8.93
C LEU C 99 55.41 -6.85 -9.91
N ARG C 100 55.86 -6.41 -11.07
CA ARG C 100 56.48 -7.26 -12.07
C ARG C 100 57.99 -7.23 -11.87
N PHE C 101 58.60 -8.41 -11.78
CA PHE C 101 60.04 -8.54 -11.56
C PHE C 101 60.61 -9.68 -12.40
N PRO C 102 61.94 -9.90 -12.41
CA PRO C 102 62.45 -10.95 -13.30
C PRO C 102 62.04 -12.33 -12.83
N GLY C 103 61.33 -13.06 -13.68
CA GLY C 103 60.85 -14.38 -13.32
C GLY C 103 59.43 -14.44 -12.77
N GLY C 104 58.76 -13.30 -12.63
CA GLY C 104 57.36 -13.35 -12.20
C GLY C 104 56.72 -12.05 -11.77
N ARG C 105 55.55 -12.19 -11.17
CA ARG C 105 54.72 -11.05 -10.86
C ARG C 105 53.97 -11.33 -9.57
N ILE C 106 53.98 -10.37 -8.65
CA ILE C 106 53.26 -10.51 -7.40
C ILE C 106 52.25 -9.39 -7.25
N THR C 107 51.05 -9.74 -6.77
N THR C 107 51.05 -9.73 -6.77
CA THR C 107 50.12 -8.72 -6.36
CA THR C 107 50.09 -8.71 -6.38
C THR C 107 49.68 -8.97 -4.92
C THR C 107 49.68 -8.96 -4.93
N LEU C 108 49.83 -7.93 -4.09
CA LEU C 108 49.34 -7.98 -2.72
C LEU C 108 47.96 -7.35 -2.68
N VAL C 109 47.02 -8.01 -2.04
CA VAL C 109 45.63 -7.56 -2.05
C VAL C 109 45.26 -7.34 -0.57
N GLY C 110 44.76 -6.14 -0.27
CA GLY C 110 44.33 -5.83 1.08
C GLY C 110 43.04 -6.51 1.50
N LEU C 111 43.05 -7.12 2.68
CA LEU C 111 41.85 -7.77 3.21
C LEU C 111 41.18 -6.95 4.31
N GLY C 112 41.82 -5.86 4.71
CA GLY C 112 41.31 -5.01 5.78
C GLY C 112 41.54 -5.62 7.16
N SER C 113 40.67 -5.25 8.10
N SER C 113 40.65 -5.26 8.09
CA SER C 113 40.70 -5.82 9.44
CA SER C 113 40.67 -5.73 9.47
C SER C 113 39.33 -6.36 9.85
C SER C 113 39.32 -6.37 9.82
N SER C 114 39.34 -7.58 10.34
CA SER C 114 38.11 -8.23 10.82
C SER C 114 37.06 -8.30 9.71
N ALA C 115 37.46 -8.67 8.51
CA ALA C 115 36.46 -8.81 7.44
C ALA C 115 35.87 -10.24 7.33
N SER C 116 34.58 -10.27 7.02
CA SER C 116 33.81 -11.49 7.10
C SER C 116 34.10 -12.40 5.92
N SER C 117 34.25 -13.69 6.18
CA SER C 117 34.20 -14.71 5.15
C SER C 117 32.75 -15.21 4.91
N PRO C 118 32.46 -15.67 3.69
CA PRO C 118 33.39 -15.81 2.58
C PRO C 118 33.65 -14.56 1.72
N THR C 119 33.02 -13.44 2.07
N THR C 119 32.96 -13.46 1.99
CA THR C 119 33.09 -12.26 1.22
CA THR C 119 33.04 -12.32 1.08
C THR C 119 34.52 -11.75 1.03
C THR C 119 34.46 -11.77 0.94
N SER C 120 35.33 -11.75 2.09
N SER C 120 35.24 -11.85 2.00
CA SER C 120 36.71 -11.29 1.99
CA SER C 120 36.61 -11.33 1.99
C SER C 120 37.50 -12.15 1.01
C SER C 120 37.46 -12.14 1.02
N TYR C 121 37.26 -13.45 1.05
CA TYR C 121 38.01 -14.37 0.20
C TYR C 121 37.46 -14.40 -1.23
N HIS C 122 36.16 -14.16 -1.38
CA HIS C 122 35.62 -13.86 -2.71
C HIS C 122 36.37 -12.69 -3.32
N SER C 123 36.49 -11.61 -2.56
N SER C 123 36.56 -11.61 -2.56
CA SER C 123 37.12 -10.39 -3.05
CA SER C 123 37.11 -10.41 -3.18
C SER C 123 38.58 -10.61 -3.40
C SER C 123 38.62 -10.55 -3.37
N LEU C 124 39.26 -11.40 -2.58
CA LEU C 124 40.63 -11.76 -2.87
C LEU C 124 40.71 -12.45 -4.23
N GLY C 125 39.83 -13.42 -4.45
CA GLY C 125 39.81 -14.13 -5.72
C GLY C 125 39.47 -13.24 -6.87
N GLN C 126 38.52 -12.33 -6.69
N GLN C 126 38.54 -12.31 -6.69
CA GLN C 126 38.16 -11.37 -7.74
CA GLN C 126 38.20 -11.40 -7.79
C GLN C 126 39.37 -10.51 -8.09
C GLN C 126 39.37 -10.48 -8.10
N ALA C 127 40.11 -10.08 -7.07
CA ALA C 127 41.24 -9.21 -7.29
C ALA C 127 42.33 -9.97 -8.02
N ALA C 128 42.51 -11.24 -7.69
CA ALA C 128 43.49 -12.06 -8.41
C ALA C 128 43.10 -12.21 -9.89
N ALA C 129 41.81 -12.44 -10.15
CA ALA C 129 41.36 -12.55 -11.55
C ALA C 129 41.60 -11.26 -12.34
N ALA C 130 41.30 -10.13 -11.69
CA ALA C 130 41.44 -8.85 -12.36
C ALA C 130 42.94 -8.60 -12.68
N ALA C 131 43.83 -8.94 -11.75
CA ALA C 131 45.25 -8.76 -12.01
C ALA C 131 45.73 -9.74 -13.07
N ALA C 132 45.13 -10.93 -13.13
CA ALA C 132 45.46 -11.86 -14.20
C ALA C 132 45.08 -11.30 -15.58
N LYS C 133 43.90 -10.71 -15.61
CA LYS C 133 43.37 -10.21 -16.85
C LYS C 133 44.24 -9.07 -17.34
N SER C 134 44.66 -8.22 -16.42
CA SER C 134 45.41 -7.05 -16.84
C SER C 134 46.89 -7.36 -17.15
N SER C 135 47.35 -8.58 -16.89
CA SER C 135 48.69 -9.00 -17.28
C SER C 135 48.71 -10.19 -18.24
N GLN C 136 47.54 -10.56 -18.74
CA GLN C 136 47.38 -11.73 -19.61
C GLN C 136 47.92 -13.02 -19.00
N ALA C 137 47.73 -13.17 -17.70
CA ALA C 137 48.31 -14.33 -17.02
C ALA C 137 47.56 -15.60 -17.40
N ARG C 138 48.30 -16.68 -17.59
CA ARG C 138 47.73 -17.99 -17.84
C ARG C 138 47.69 -18.86 -16.57
N ASN C 139 48.79 -18.86 -15.81
CA ASN C 139 48.93 -19.73 -14.65
C ASN C 139 49.15 -18.86 -13.43
N ILE C 140 48.18 -18.89 -12.52
CA ILE C 140 48.30 -18.05 -11.32
C ILE C 140 48.23 -18.88 -10.06
N ALA C 141 48.59 -18.23 -8.96
CA ALA C 141 48.43 -18.81 -7.63
C ALA C 141 47.87 -17.77 -6.69
N VAL C 142 47.20 -18.24 -5.65
CA VAL C 142 46.75 -17.38 -4.58
C VAL C 142 47.06 -18.01 -3.24
N ALA C 143 47.43 -17.13 -2.30
CA ALA C 143 47.75 -17.54 -0.92
C ALA C 143 47.42 -16.42 0.05
N LEU C 144 47.28 -16.79 1.32
CA LEU C 144 47.16 -15.82 2.40
C LEU C 144 48.51 -15.55 3.03
N ALA C 145 48.76 -14.30 3.42
CA ALA C 145 50.00 -13.98 4.09
C ALA C 145 50.09 -14.66 5.45
N SER C 146 48.96 -14.91 6.08
N SER C 146 48.95 -14.99 6.02
CA SER C 146 48.99 -15.68 7.33
CA SER C 146 48.90 -15.59 7.34
C SER C 146 47.79 -16.57 7.44
C SER C 146 47.74 -16.58 7.42
N THR C 147 48.04 -17.83 7.77
CA THR C 147 47.00 -18.82 8.00
C THR C 147 46.96 -19.35 9.43
N ASP C 148 47.85 -18.87 10.29
CA ASP C 148 47.88 -19.36 11.66
C ASP C 148 46.79 -18.66 12.46
N GLY C 149 46.03 -19.44 13.21
CA GLY C 149 44.80 -18.99 13.85
C GLY C 149 43.54 -19.31 13.05
N LEU C 150 43.71 -20.04 11.95
CA LEU C 150 42.59 -20.60 11.18
C LEU C 150 42.46 -22.13 11.36
N SER C 151 41.23 -22.59 11.55
CA SER C 151 40.99 -24.03 11.60
C SER C 151 41.16 -24.65 10.23
N ALA C 152 41.32 -25.96 10.22
CA ALA C 152 41.46 -26.71 8.98
C ALA C 152 40.23 -26.49 8.11
N GLU C 153 39.09 -26.37 8.76
N GLU C 153 39.08 -26.42 8.76
CA GLU C 153 37.84 -26.20 8.04
CA GLU C 153 37.80 -26.16 8.11
C GLU C 153 37.73 -24.79 7.48
C GLU C 153 37.75 -24.77 7.49
N SER C 154 38.13 -23.79 8.26
N SER C 154 38.15 -23.75 8.26
CA SER C 154 38.13 -22.41 7.79
CA SER C 154 38.13 -22.38 7.76
C SER C 154 39.08 -22.23 6.61
C SER C 154 39.11 -22.19 6.60
N LYS C 155 40.22 -22.93 6.61
CA LYS C 155 41.13 -22.87 5.48
C LYS C 155 40.49 -23.46 4.22
N ILE C 156 39.82 -24.59 4.39
CA ILE C 156 39.09 -25.21 3.31
C ILE C 156 38.09 -24.20 2.73
N ASN C 157 37.29 -23.59 3.60
CA ASN C 157 36.26 -22.65 3.19
C ASN C 157 36.82 -21.42 2.51
N SER C 158 37.96 -20.98 3.01
CA SER C 158 38.69 -19.89 2.40
C SER C 158 39.18 -20.23 0.99
N ALA C 159 39.66 -21.45 0.81
CA ALA C 159 40.14 -21.88 -0.49
C ALA C 159 38.99 -21.87 -1.48
N SER C 160 37.84 -22.43 -1.11
CA SER C 160 36.75 -22.53 -2.07
C SER C 160 36.18 -21.16 -2.42
N ALA C 161 36.20 -20.25 -1.46
CA ALA C 161 35.78 -18.88 -1.69
C ALA C 161 36.74 -18.15 -2.63
N ILE C 162 38.04 -18.42 -2.46
CA ILE C 162 39.03 -17.86 -3.35
C ILE C 162 38.75 -18.34 -4.76
N ALA C 163 38.47 -19.62 -4.88
CA ALA C 163 38.23 -20.23 -6.18
C ALA C 163 37.01 -19.56 -6.82
N THR C 164 35.98 -19.36 -6.02
CA THR C 164 34.77 -18.72 -6.48
C THR C 164 35.07 -17.32 -7.02
N GLY C 165 35.85 -16.55 -6.27
CA GLY C 165 36.17 -15.21 -6.68
C GLY C 165 36.88 -15.24 -8.04
N VAL C 166 37.85 -16.14 -8.19
CA VAL C 166 38.66 -16.18 -9.40
C VAL C 166 37.79 -16.58 -10.59
N VAL C 167 36.95 -17.59 -10.42
CA VAL C 167 36.10 -18.05 -11.52
C VAL C 167 35.13 -16.91 -11.88
N LEU C 168 34.43 -16.37 -10.90
CA LEU C 168 33.38 -15.39 -11.22
C LEU C 168 34.01 -14.11 -11.71
N GLY C 169 35.17 -13.78 -11.16
CA GLY C 169 35.89 -12.59 -11.58
C GLY C 169 36.49 -12.67 -12.97
N SER C 170 36.71 -13.88 -13.47
CA SER C 170 37.23 -14.09 -14.83
C SER C 170 36.16 -14.10 -15.88
N PHE C 171 34.90 -14.23 -15.48
CA PHE C 171 33.81 -14.35 -16.44
C PHE C 171 33.66 -13.00 -17.14
N GLU C 172 33.49 -13.05 -18.45
CA GLU C 172 33.15 -11.86 -19.22
C GLU C 172 32.19 -12.28 -20.32
N ASP C 173 31.02 -11.63 -20.39
CA ASP C 173 29.97 -12.05 -21.30
C ASP C 173 30.08 -11.23 -22.59
N ASN C 174 30.63 -11.84 -23.63
CA ASN C 174 30.90 -11.16 -24.88
C ASN C 174 30.06 -11.70 -26.03
N ARG C 175 28.98 -12.38 -25.67
CA ARG C 175 28.12 -12.99 -26.67
C ARG C 175 27.55 -11.98 -27.66
N PHE C 176 27.38 -10.74 -27.24
CA PHE C 176 26.71 -9.78 -28.12
C PHE C 176 27.59 -8.61 -28.49
N ARG C 177 28.89 -8.85 -28.47
CA ARG C 177 29.87 -7.86 -28.87
C ARG C 177 30.61 -8.40 -30.08
N SER C 178 30.79 -7.55 -31.06
CA SER C 178 31.33 -7.97 -32.35
C SER C 178 32.84 -7.90 -32.26
N GLU C 179 33.36 -7.45 -31.13
CA GLU C 179 34.79 -7.54 -30.89
C GLU C 179 35.07 -7.70 -29.40
N SER C 180 35.98 -8.61 -29.08
CA SER C 180 36.37 -8.87 -27.69
C SER C 180 37.59 -9.79 -27.63
N LYS C 181 38.17 -9.87 -26.44
CA LYS C 181 39.35 -10.69 -26.20
C LYS C 181 39.02 -11.83 -25.25
N LYS C 182 39.40 -13.05 -25.65
CA LYS C 182 39.19 -14.26 -24.85
C LYS C 182 40.09 -14.28 -23.60
N SER C 183 39.53 -14.73 -22.48
CA SER C 183 40.31 -14.87 -21.23
C SER C 183 41.56 -15.75 -21.45
N THR C 184 42.67 -15.29 -20.90
CA THR C 184 43.92 -16.04 -20.96
C THR C 184 44.08 -17.05 -19.81
N LEU C 185 43.28 -16.88 -18.76
CA LEU C 185 43.53 -17.61 -17.51
C LEU C 185 43.24 -19.10 -17.73
N GLU C 186 44.18 -19.96 -17.38
CA GLU C 186 43.99 -21.39 -17.59
C GLU C 186 44.02 -22.18 -16.29
N SER C 187 44.79 -21.72 -15.31
CA SER C 187 44.96 -22.50 -14.09
C SER C 187 45.16 -21.66 -12.86
N LEU C 188 44.66 -22.18 -11.75
CA LEU C 188 44.78 -21.55 -10.45
C LEU C 188 45.27 -22.61 -9.46
N ASP C 189 46.39 -22.31 -8.83
CA ASP C 189 46.90 -23.08 -7.71
C ASP C 189 46.65 -22.33 -6.43
N ILE C 190 45.92 -22.97 -5.52
CA ILE C 190 45.66 -22.39 -4.22
C ILE C 190 46.65 -22.98 -3.23
N LEU C 191 47.43 -22.09 -2.62
CA LEU C 191 48.55 -22.51 -1.78
C LEU C 191 48.33 -22.21 -0.29
N GLY C 192 48.90 -23.08 0.55
CA GLY C 192 49.00 -22.83 1.98
C GLY C 192 47.75 -23.18 2.77
N LEU C 193 46.70 -23.63 2.11
CA LEU C 193 45.43 -23.81 2.78
C LEU C 193 45.07 -25.28 2.95
N GLY C 194 45.96 -26.16 2.56
CA GLY C 194 45.74 -27.60 2.70
C GLY C 194 45.73 -28.29 1.35
N THR C 195 45.85 -29.60 1.38
CA THR C 195 45.72 -30.42 0.16
C THR C 195 44.90 -31.67 0.46
N GLY C 196 44.59 -32.44 -0.58
CA GLY C 196 43.92 -33.71 -0.38
C GLY C 196 42.43 -33.68 -0.69
N PRO C 197 41.76 -34.80 -0.41
CA PRO C 197 40.43 -35.04 -0.96
C PRO C 197 39.40 -34.00 -0.52
N GLU C 198 39.45 -33.63 0.76
CA GLU C 198 38.40 -32.79 1.33
C GLU C 198 38.41 -31.36 0.73
N ILE C 199 39.58 -30.74 0.70
CA ILE C 199 39.69 -29.41 0.13
C ILE C 199 39.34 -29.44 -1.35
N GLU C 200 39.63 -30.56 -2.02
CA GLU C 200 39.32 -30.70 -3.43
C GLU C 200 37.83 -30.84 -3.70
N ARG C 201 37.12 -31.53 -2.79
CA ARG C 201 35.67 -31.63 -2.86
C ARG C 201 35.04 -30.25 -2.69
N LYS C 202 35.59 -29.46 -1.77
CA LYS C 202 35.03 -28.14 -1.53
C LYS C 202 35.25 -27.17 -2.70
N ILE C 203 36.42 -27.24 -3.31
CA ILE C 203 36.71 -26.48 -4.51
C ILE C 203 35.79 -26.90 -5.65
N LYS C 204 35.56 -28.20 -5.79
CA LYS C 204 34.66 -28.70 -6.83
C LYS C 204 33.22 -28.17 -6.60
N TYR C 205 32.77 -28.20 -5.36
CA TYR C 205 31.46 -27.66 -4.98
C TYR C 205 31.34 -26.18 -5.40
N ALA C 206 32.38 -25.41 -5.14
CA ALA C 206 32.41 -24.00 -5.54
C ALA C 206 32.31 -23.88 -7.06
N GLU C 207 33.05 -24.73 -7.77
CA GLU C 207 32.98 -24.72 -9.21
C GLU C 207 31.57 -24.99 -9.70
N HIS C 208 30.91 -25.98 -9.10
CA HIS C 208 29.52 -26.30 -9.51
C HIS C 208 28.59 -25.11 -9.26
N VAL C 209 28.79 -24.44 -8.12
CA VAL C 209 27.95 -23.28 -7.82
C VAL C 209 28.23 -22.14 -8.79
N CYS C 210 29.50 -21.96 -9.15
CA CYS C 210 29.86 -20.90 -10.09
C CYS C 210 29.19 -21.13 -11.44
N ALA C 211 29.17 -22.37 -11.91
CA ALA C 211 28.58 -22.62 -13.23
C ALA C 211 27.08 -22.24 -13.22
N GLY C 212 26.42 -22.42 -12.10
CA GLY C 212 25.06 -21.94 -11.91
C GLY C 212 24.93 -20.44 -11.83
N VAL C 213 25.86 -19.78 -11.12
CA VAL C 213 25.86 -18.33 -11.06
C VAL C 213 26.05 -17.74 -12.48
N ILE C 214 26.97 -18.32 -13.24
CA ILE C 214 27.30 -17.85 -14.57
C ILE C 214 26.16 -18.06 -15.56
N LEU C 215 25.43 -19.16 -15.42
CA LEU C 215 24.22 -19.34 -16.22
C LEU C 215 23.22 -18.25 -15.90
N GLY C 216 23.07 -17.95 -14.60
CA GLY C 216 22.13 -16.89 -14.18
C GLY C 216 22.51 -15.55 -14.78
N ARG C 217 23.80 -15.21 -14.73
CA ARG C 217 24.27 -13.97 -15.35
C ARG C 217 23.95 -13.92 -16.82
N GLU C 218 24.21 -15.03 -17.50
CA GLU C 218 23.93 -15.09 -18.94
C GLU C 218 22.45 -14.92 -19.28
N LEU C 219 21.58 -15.59 -18.54
CA LEU C 219 20.16 -15.49 -18.80
C LEU C 219 19.68 -14.06 -18.65
N VAL C 220 20.20 -13.33 -17.67
CA VAL C 220 19.82 -11.96 -17.42
C VAL C 220 20.50 -10.99 -18.37
N ASN C 221 21.80 -11.13 -18.59
CA ASN C 221 22.46 -10.27 -19.57
C ASN C 221 21.77 -10.30 -20.94
N ALA C 222 21.32 -11.46 -21.36
CA ALA C 222 20.70 -11.58 -22.67
C ALA C 222 19.44 -10.71 -22.70
N PRO C 223 19.16 -10.05 -23.83
CA PRO C 223 17.96 -9.25 -24.01
C PRO C 223 16.76 -10.10 -24.37
N ALA C 224 15.58 -9.51 -24.25
CA ALA C 224 14.33 -10.21 -24.45
C ALA C 224 14.10 -10.74 -25.85
N ASN C 225 14.78 -10.18 -26.85
CA ASN C 225 14.69 -10.71 -28.20
C ASN C 225 15.53 -11.98 -28.38
N ILE C 226 16.35 -12.27 -27.38
CA ILE C 226 17.16 -13.48 -27.38
C ILE C 226 16.59 -14.49 -26.38
N VAL C 227 16.48 -14.10 -25.11
CA VAL C 227 15.84 -14.97 -24.14
C VAL C 227 14.35 -14.68 -24.06
N THR C 228 13.62 -15.32 -24.95
CA THR C 228 12.16 -15.34 -24.95
C THR C 228 11.70 -16.44 -24.00
N PRO C 229 10.37 -16.57 -23.84
CA PRO C 229 9.93 -17.66 -22.98
C PRO C 229 10.27 -19.04 -23.54
N ALA C 230 10.16 -19.19 -24.84
CA ALA C 230 10.47 -20.46 -25.47
C ALA C 230 11.94 -20.78 -25.23
N VAL C 231 12.80 -19.78 -25.36
CA VAL C 231 14.22 -19.98 -25.16
C VAL C 231 14.55 -20.31 -23.70
N LEU C 232 13.82 -19.66 -22.80
CA LEU C 232 13.97 -19.98 -21.38
C LEU C 232 13.59 -21.43 -21.12
N ALA C 233 12.51 -21.89 -21.75
CA ALA C 233 12.10 -23.29 -21.62
C ALA C 233 13.16 -24.22 -22.18
N GLU C 234 13.79 -23.84 -23.29
CA GLU C 234 14.84 -24.66 -23.85
C GLU C 234 16.03 -24.73 -22.90
N GLU C 235 16.35 -23.62 -22.26
CA GLU C 235 17.47 -23.65 -21.31
C GLU C 235 17.15 -24.60 -20.16
N ALA C 236 15.89 -24.60 -19.71
CA ALA C 236 15.46 -25.56 -18.69
C ALA C 236 15.59 -27.01 -19.17
N LYS C 237 15.19 -27.27 -20.41
CA LYS C 237 15.27 -28.60 -20.98
C LYS C 237 16.72 -29.05 -21.05
N LYS C 238 17.59 -28.11 -21.36
N LYS C 238 17.59 -28.11 -21.36
CA LYS C 238 19.01 -28.40 -21.54
CA LYS C 238 19.01 -28.41 -21.52
C LYS C 238 19.64 -28.82 -20.21
C LYS C 238 19.61 -28.87 -20.20
N ILE C 239 19.24 -28.19 -19.11
CA ILE C 239 19.68 -28.58 -17.79
C ILE C 239 19.19 -29.99 -17.46
N ALA C 240 17.91 -30.25 -17.72
CA ALA C 240 17.39 -31.60 -17.51
C ALA C 240 18.10 -32.67 -18.37
N SER C 241 18.41 -32.31 -19.62
CA SER C 241 19.09 -33.22 -20.52
C SER C 241 20.53 -33.52 -20.08
N THR C 242 21.22 -32.51 -19.57
CA THR C 242 22.57 -32.66 -19.09
C THR C 242 22.61 -33.55 -17.84
N TYR C 243 21.59 -33.47 -17.00
CA TYR C 243 21.60 -34.17 -15.73
C TYR C 243 20.36 -35.07 -15.61
N SER C 244 20.09 -35.85 -16.66
CA SER C 244 18.81 -36.51 -16.85
C SER C 244 18.51 -37.59 -15.82
N ASP C 245 19.52 -38.13 -15.16
CA ASP C 245 19.26 -39.14 -14.15
C ASP C 245 18.78 -38.52 -12.84
N VAL C 246 18.96 -37.22 -12.64
CA VAL C 246 18.53 -36.55 -11.43
C VAL C 246 17.58 -35.37 -11.60
N ILE C 247 17.48 -34.87 -12.83
CA ILE C 247 16.56 -33.79 -13.12
C ILE C 247 15.59 -34.12 -14.25
N SER C 248 14.30 -34.01 -13.96
CA SER C 248 13.27 -34.23 -14.95
C SER C 248 12.68 -32.87 -15.29
N VAL C 249 12.02 -32.80 -16.44
CA VAL C 249 11.44 -31.56 -16.88
C VAL C 249 10.04 -31.80 -17.41
N ASN C 250 9.15 -30.88 -17.10
CA ASN C 250 7.86 -30.78 -17.79
C ASN C 250 7.57 -29.31 -18.13
N ILE C 251 7.42 -29.04 -19.42
CA ILE C 251 7.11 -27.72 -19.93
C ILE C 251 5.64 -27.68 -20.30
N LEU C 252 4.86 -26.80 -19.66
CA LEU C 252 3.45 -26.70 -19.95
C LEU C 252 3.17 -25.52 -20.87
N ASP C 253 2.40 -25.76 -21.92
CA ASP C 253 2.06 -24.67 -22.83
C ASP C 253 0.77 -23.98 -22.38
N ALA C 254 0.39 -22.93 -23.11
CA ALA C 254 -0.72 -22.08 -22.69
C ALA C 254 -1.99 -22.89 -22.47
N GLU C 255 -2.22 -23.89 -23.31
N GLU C 255 -2.25 -23.88 -23.32
CA GLU C 255 -3.47 -24.63 -23.29
CA GLU C 255 -3.50 -24.64 -23.26
C GLU C 255 -3.53 -25.56 -22.08
C GLU C 255 -3.53 -25.52 -22.03
N GLN C 256 -2.38 -26.12 -21.71
CA GLN C 256 -2.24 -26.85 -20.47
C GLN C 256 -2.44 -25.97 -19.23
N CYS C 257 -1.89 -24.75 -19.26
CA CYS C 257 -2.06 -23.89 -18.09
C CYS C 257 -3.52 -23.51 -17.98
N LYS C 258 -4.19 -23.41 -19.11
CA LYS C 258 -5.59 -23.01 -19.10
C LYS C 258 -6.42 -24.09 -18.46
N GLU C 259 -6.13 -25.36 -18.74
N GLU C 259 -6.14 -25.34 -18.77
CA GLU C 259 -6.83 -26.46 -18.09
CA GLU C 259 -6.86 -26.43 -18.12
C GLU C 259 -6.61 -26.39 -16.59
C GLU C 259 -6.60 -26.42 -16.63
N LEU C 260 -5.44 -25.91 -16.19
CA LEU C 260 -5.10 -25.78 -14.76
C LEU C 260 -5.55 -24.42 -14.18
N LYS C 261 -6.32 -23.70 -14.98
CA LYS C 261 -7.08 -22.55 -14.53
C LYS C 261 -6.18 -21.39 -14.11
N MET C 262 -5.04 -21.25 -14.79
CA MET C 262 -4.08 -20.21 -14.42
C MET C 262 -4.46 -18.91 -15.15
N GLY C 263 -5.58 -18.33 -14.72
CA GLY C 263 -6.07 -17.12 -15.36
C GLY C 263 -5.22 -15.89 -15.11
N ALA C 264 -4.51 -15.81 -13.98
CA ALA C 264 -3.71 -14.62 -13.71
C ALA C 264 -2.46 -14.60 -14.60
N TYR C 265 -1.75 -15.72 -14.65
CA TYR C 265 -0.58 -15.88 -15.50
C TYR C 265 -0.96 -15.71 -16.96
N LEU C 266 -2.03 -16.35 -17.40
CA LEU C 266 -2.42 -16.32 -18.82
C LEU C 266 -2.96 -14.97 -19.27
N ALA C 267 -3.56 -14.22 -18.35
CA ALA C 267 -3.95 -12.85 -18.68
C ALA C 267 -2.71 -11.99 -18.98
N VAL C 268 -1.66 -12.14 -18.17
CA VAL C 268 -0.45 -11.33 -18.38
C VAL C 268 0.18 -11.70 -19.72
N ALA C 269 0.16 -12.99 -20.03
CA ALA C 269 0.77 -13.51 -21.26
C ALA C 269 -0.02 -13.25 -22.56
N ALA C 270 -1.26 -12.79 -22.42
CA ALA C 270 -2.18 -12.78 -23.56
C ALA C 270 -1.77 -11.81 -24.67
N ALA C 271 -1.17 -10.69 -24.32
CA ALA C 271 -0.75 -9.74 -25.35
C ALA C 271 0.31 -10.30 -26.30
N ALA C 272 1.22 -11.07 -25.74
CA ALA C 272 2.42 -11.49 -26.43
C ALA C 272 2.13 -12.72 -27.28
N THR C 273 1.51 -12.49 -28.42
CA THR C 273 1.10 -13.59 -29.30
C THR C 273 2.27 -14.13 -30.12
N GLU C 274 3.31 -13.31 -30.31
CA GLU C 274 4.45 -13.71 -31.13
C GLU C 274 5.41 -14.60 -30.37
N ASN C 275 5.62 -14.30 -29.08
CA ASN C 275 6.43 -15.12 -28.20
C ASN C 275 5.58 -15.75 -27.11
N PRO C 276 5.03 -16.94 -27.40
CA PRO C 276 4.08 -17.59 -26.50
C PRO C 276 4.73 -18.00 -25.18
N PRO C 277 3.91 -18.18 -24.15
CA PRO C 277 4.39 -18.44 -22.81
C PRO C 277 4.66 -19.93 -22.61
N TYR C 278 5.52 -20.23 -21.64
CA TYR C 278 5.77 -21.61 -21.25
C TYR C 278 5.99 -21.68 -19.76
N PHE C 279 5.32 -22.64 -19.14
CA PHE C 279 5.38 -22.81 -17.71
C PHE C 279 6.38 -23.94 -17.45
N ILE C 280 7.50 -23.57 -16.83
CA ILE C 280 8.62 -24.45 -16.64
C ILE C 280 8.54 -25.15 -15.30
N HIS C 281 8.64 -26.47 -15.31
CA HIS C 281 8.73 -27.25 -14.07
C HIS C 281 9.85 -28.29 -14.12
N LEU C 282 10.92 -28.01 -13.39
CA LEU C 282 12.01 -28.96 -13.24
C LEU C 282 11.89 -29.60 -11.86
N CYS C 283 12.30 -30.86 -11.76
CA CYS C 283 12.36 -31.52 -10.47
C CYS C 283 13.66 -32.29 -10.29
N PHE C 284 14.41 -31.91 -9.28
CA PHE C 284 15.65 -32.59 -8.92
C PHE C 284 15.37 -33.59 -7.82
N LYS C 285 16.00 -34.76 -7.94
CA LYS C 285 16.18 -35.72 -6.86
C LYS C 285 17.13 -36.80 -7.32
N THR C 286 17.99 -37.30 -6.42
CA THR C 286 18.73 -38.51 -6.73
C THR C 286 17.78 -39.68 -6.82
N PRO C 287 18.16 -40.72 -7.58
CA PRO C 287 17.21 -41.76 -7.94
C PRO C 287 16.95 -42.80 -6.82
N THR C 288 17.51 -42.63 -5.63
CA THR C 288 17.23 -43.57 -4.52
C THR C 288 15.91 -43.20 -3.89
N LYS C 289 15.37 -44.07 -3.06
CA LYS C 289 13.95 -44.03 -2.69
C LYS C 289 13.73 -43.71 -1.22
N GLU C 290 14.76 -43.21 -0.56
CA GLU C 290 14.59 -42.74 0.80
C GLU C 290 13.72 -41.49 0.86
N ARG C 291 13.21 -41.20 2.04
CA ARG C 291 12.44 -39.99 2.26
C ARG C 291 13.31 -38.76 2.03
N LYS C 292 12.78 -37.84 1.23
CA LYS C 292 13.42 -36.58 0.85
C LYS C 292 12.54 -35.40 1.27
N THR C 293 13.18 -34.36 1.81
CA THR C 293 12.49 -33.12 2.12
C THR C 293 12.13 -32.45 0.82
N LYS C 294 10.86 -32.13 0.66
CA LYS C 294 10.34 -31.57 -0.59
C LYS C 294 10.28 -30.03 -0.57
N LEU C 295 11.04 -29.43 -1.48
CA LEU C 295 11.21 -27.98 -1.53
C LEU C 295 10.81 -27.48 -2.91
N ALA C 296 10.35 -26.23 -2.96
CA ALA C 296 10.18 -25.53 -4.23
C ALA C 296 10.93 -24.20 -4.27
N LEU C 297 11.43 -23.90 -5.45
CA LEU C 297 12.04 -22.65 -5.77
C LEU C 297 11.28 -22.09 -6.98
N VAL C 298 10.62 -20.96 -6.74
CA VAL C 298 9.80 -20.28 -7.73
C VAL C 298 10.50 -18.97 -8.13
N GLY C 299 10.67 -18.78 -9.43
CA GLY C 299 11.29 -17.58 -9.94
C GLY C 299 10.41 -16.82 -10.91
N LYS C 300 10.34 -15.52 -10.68
CA LYS C 300 9.58 -14.67 -11.59
C LYS C 300 10.25 -14.71 -12.96
N GLY C 301 9.48 -14.98 -14.00
CA GLY C 301 10.04 -15.17 -15.33
C GLY C 301 9.35 -14.36 -16.42
N LEU C 302 9.25 -13.06 -16.20
CA LEU C 302 8.92 -12.11 -17.28
C LEU C 302 10.19 -11.76 -18.02
N THR C 303 10.30 -12.32 -19.21
CA THR C 303 11.50 -12.18 -20.03
C THR C 303 11.60 -10.73 -20.47
N PHE C 304 10.43 -10.10 -20.59
CA PHE C 304 10.38 -8.67 -20.70
C PHE C 304 9.16 -8.18 -19.93
N ASP C 305 9.33 -7.04 -19.30
CA ASP C 305 8.22 -6.41 -18.58
C ASP C 305 7.96 -5.00 -19.10
N SER C 306 6.84 -4.85 -19.82
CA SER C 306 6.34 -3.55 -20.33
C SER C 306 6.32 -2.45 -19.29
N GLY C 307 6.02 -2.79 -18.03
CA GLY C 307 6.22 -1.89 -16.90
C GLY C 307 7.61 -1.98 -16.31
N LEU C 321 15.62 2.00 -16.91
CA LEU C 321 15.68 0.71 -17.56
C LEU C 321 15.63 -0.41 -16.52
N MET C 322 14.61 -1.25 -16.63
CA MET C 322 14.53 -2.50 -15.89
C MET C 322 15.46 -3.48 -16.62
N LYS C 323 16.73 -3.53 -16.20
CA LYS C 323 17.67 -4.53 -16.73
C LYS C 323 17.78 -5.75 -15.81
N ASN C 324 16.93 -5.72 -14.81
CA ASN C 324 16.81 -6.79 -13.84
C ASN C 324 15.70 -7.78 -14.14
N ASP C 325 14.99 -7.62 -15.27
CA ASP C 325 13.94 -8.57 -15.71
C ASP C 325 14.49 -9.99 -15.62
N MET C 326 13.66 -10.90 -15.13
CA MET C 326 13.95 -12.32 -15.03
C MET C 326 15.15 -12.71 -14.15
N GLY C 327 15.59 -11.80 -13.28
CA GLY C 327 16.60 -12.12 -12.28
C GLY C 327 16.24 -13.26 -11.34
N GLY C 328 14.96 -13.36 -11.01
CA GLY C 328 14.44 -14.42 -10.16
C GLY C 328 14.52 -15.78 -10.84
N ALA C 329 13.96 -15.87 -12.05
CA ALA C 329 14.02 -17.09 -12.82
C ALA C 329 15.46 -17.52 -13.06
N ALA C 330 16.32 -16.56 -13.31
CA ALA C 330 17.73 -16.84 -13.53
C ALA C 330 18.38 -17.49 -12.33
N ALA C 331 18.05 -17.01 -11.13
CA ALA C 331 18.63 -17.55 -9.91
C ALA C 331 18.11 -18.98 -9.69
N VAL C 332 16.86 -19.20 -10.05
CA VAL C 332 16.25 -20.51 -9.89
C VAL C 332 16.82 -21.58 -10.83
N LEU C 333 17.01 -21.22 -12.09
CA LEU C 333 17.62 -22.12 -13.07
C LEU C 333 19.11 -22.32 -12.78
N GLY C 334 19.78 -21.27 -12.35
CA GLY C 334 21.16 -21.34 -11.87
C GLY C 334 21.30 -22.35 -10.76
N ALA C 335 20.37 -22.31 -9.82
CA ALA C 335 20.41 -23.24 -8.71
C ALA C 335 20.25 -24.66 -9.22
N ALA C 336 19.37 -24.87 -10.20
CA ALA C 336 19.17 -26.19 -10.75
C ALA C 336 20.46 -26.74 -11.34
N LYS C 337 21.08 -25.91 -12.15
CA LYS C 337 22.33 -26.25 -12.77
C LYS C 337 23.37 -26.65 -11.72
N ALA C 338 23.52 -25.87 -10.67
CA ALA C 338 24.46 -26.22 -9.61
C ALA C 338 24.06 -27.55 -8.95
N LEU C 339 22.78 -27.72 -8.66
CA LEU C 339 22.34 -28.89 -7.91
C LEU C 339 22.46 -30.14 -8.76
N GLY C 340 22.26 -29.99 -10.06
CA GLY C 340 22.42 -31.12 -10.95
C GLY C 340 23.81 -31.76 -10.91
N GLU C 341 24.82 -30.94 -10.65
CA GLU C 341 26.17 -31.43 -10.48
C GLU C 341 26.41 -31.92 -9.04
N ILE C 342 25.93 -31.18 -8.06
CA ILE C 342 26.24 -31.49 -6.67
C ILE C 342 25.55 -32.79 -6.25
N ARG C 343 24.34 -33.02 -6.78
CA ARG C 343 23.56 -34.23 -6.49
C ARG C 343 23.28 -34.47 -5.00
N PRO C 344 22.71 -33.50 -4.27
CA PRO C 344 22.40 -33.79 -2.88
C PRO C 344 21.34 -34.88 -2.70
N SER C 345 21.55 -35.75 -1.72
CA SER C 345 20.68 -36.90 -1.58
C SER C 345 19.42 -36.73 -0.74
N ARG C 346 19.32 -35.69 0.07
N ARG C 346 19.30 -35.75 0.11
CA ARG C 346 18.20 -35.75 1.02
CA ARG C 346 18.10 -35.93 0.92
C ARG C 346 17.00 -34.84 0.71
C ARG C 346 17.04 -34.84 0.71
N VAL C 347 16.94 -34.45 -0.56
CA VAL C 347 16.01 -33.41 -0.99
C VAL C 347 15.43 -33.68 -2.36
N GLU C 348 14.19 -33.25 -2.51
CA GLU C 348 13.51 -33.21 -3.79
C GLU C 348 13.17 -31.75 -4.03
N VAL C 349 13.67 -31.18 -5.11
CA VAL C 349 13.54 -29.74 -5.33
C VAL C 349 12.78 -29.51 -6.64
N HIS C 350 11.70 -28.74 -6.54
CA HIS C 350 10.92 -28.34 -7.69
C HIS C 350 11.31 -26.91 -8.06
N PHE C 351 11.70 -26.73 -9.32
CA PHE C 351 12.08 -25.41 -9.83
C PHE C 351 10.97 -24.98 -10.79
N ILE C 352 10.34 -23.84 -10.50
CA ILE C 352 9.13 -23.44 -11.17
C ILE C 352 9.23 -22.00 -11.65
N VAL C 353 9.01 -21.83 -12.96
CA VAL C 353 9.02 -20.52 -13.58
C VAL C 353 7.86 -20.42 -14.55
N ALA C 354 6.93 -19.50 -14.28
CA ALA C 354 5.88 -19.19 -15.23
C ALA C 354 6.37 -18.10 -16.18
N ALA C 355 6.88 -18.53 -17.33
CA ALA C 355 7.58 -17.62 -18.23
C ALA C 355 6.68 -17.05 -19.29
N CYS C 356 6.80 -15.74 -19.45
CA CYS C 356 6.03 -15.03 -20.47
C CYS C 356 6.68 -13.66 -20.69
N GLU C 357 6.29 -12.97 -21.74
CA GLU C 357 6.64 -11.56 -21.85
C GLU C 357 5.38 -10.72 -21.76
N ASN C 358 5.52 -9.58 -21.12
CA ASN C 358 4.41 -8.68 -20.90
C ASN C 358 4.45 -7.59 -21.96
N MET C 359 3.61 -7.74 -22.98
CA MET C 359 3.60 -6.84 -24.14
C MET C 359 2.31 -6.02 -24.26
N ILE C 360 2.23 -5.26 -25.34
CA ILE C 360 1.05 -4.49 -25.71
C ILE C 360 0.55 -4.86 -27.10
N SER C 361 -0.73 -5.21 -27.15
CA SER C 361 -1.37 -5.62 -28.37
C SER C 361 -2.87 -5.65 -28.16
N ALA C 362 -3.58 -5.93 -29.25
CA ALA C 362 -5.03 -6.02 -29.21
C ALA C 362 -5.54 -7.19 -28.35
N GLU C 363 -4.72 -8.23 -28.26
CA GLU C 363 -5.06 -9.39 -27.44
C GLU C 363 -4.75 -9.19 -25.94
N GLY C 364 -4.22 -8.03 -25.57
CA GLY C 364 -3.65 -7.84 -24.25
C GLY C 364 -4.67 -7.52 -23.18
N MET C 365 -4.25 -7.74 -21.93
CA MET C 365 -4.99 -7.34 -20.74
C MET C 365 -4.97 -5.83 -20.59
N ARG C 366 -6.09 -5.26 -20.18
CA ARG C 366 -6.19 -3.81 -20.00
C ARG C 366 -6.11 -3.56 -18.49
N PRO C 367 -5.68 -2.36 -18.09
CA PRO C 367 -5.88 -1.96 -16.71
C PRO C 367 -7.37 -1.99 -16.36
N GLY C 368 -7.71 -2.38 -15.14
CA GLY C 368 -9.11 -2.58 -14.73
C GLY C 368 -9.65 -3.98 -14.91
N ASP C 369 -9.04 -4.77 -15.79
CA ASP C 369 -9.52 -6.09 -16.04
C ASP C 369 -9.53 -6.85 -14.71
N ILE C 370 -10.42 -7.83 -14.62
CA ILE C 370 -10.49 -8.67 -13.44
C ILE C 370 -10.16 -10.09 -13.86
N VAL C 371 -9.09 -10.63 -13.29
CA VAL C 371 -8.61 -11.95 -13.68
C VAL C 371 -8.71 -12.88 -12.51
N THR C 372 -8.80 -14.18 -12.79
CA THR C 372 -9.11 -15.18 -11.78
C THR C 372 -7.96 -16.20 -11.68
N ALA C 373 -7.26 -16.20 -10.54
CA ALA C 373 -6.15 -17.13 -10.34
C ALA C 373 -6.65 -18.57 -10.22
N SER C 374 -5.72 -19.52 -10.27
CA SER C 374 -6.05 -20.93 -10.22
C SER C 374 -6.59 -21.40 -8.87
N ASN C 375 -6.57 -20.56 -7.84
CA ASN C 375 -7.24 -20.89 -6.60
C ASN C 375 -8.61 -20.28 -6.49
N GLY C 376 -9.11 -19.65 -7.55
CA GLY C 376 -10.45 -19.08 -7.54
C GLY C 376 -10.54 -17.62 -7.10
N LYS C 377 -9.44 -17.04 -6.62
CA LYS C 377 -9.50 -15.66 -6.18
C LYS C 377 -9.43 -14.71 -7.37
N THR C 378 -10.19 -13.63 -7.28
CA THR C 378 -10.23 -12.63 -8.33
C THR C 378 -9.34 -11.44 -8.01
N ILE C 379 -8.72 -10.90 -9.05
CA ILE C 379 -7.79 -9.78 -8.88
C ILE C 379 -8.18 -8.68 -9.85
N GLU C 380 -8.42 -7.49 -9.32
CA GLU C 380 -8.60 -6.32 -10.16
C GLU C 380 -7.25 -5.73 -10.47
N VAL C 381 -6.95 -5.62 -11.76
CA VAL C 381 -5.62 -5.23 -12.12
C VAL C 381 -5.58 -3.70 -12.26
N ASN C 382 -5.37 -2.99 -11.15
CA ASN C 382 -5.41 -1.53 -11.19
C ASN C 382 -4.13 -0.94 -11.80
N ASN C 383 -3.09 -1.74 -11.94
CA ASN C 383 -1.82 -1.26 -12.40
C ASN C 383 -1.13 -2.33 -13.23
N THR C 384 -0.99 -2.05 -14.52
CA THR C 384 -0.32 -2.96 -15.44
C THR C 384 1.21 -2.95 -15.39
N ASP C 385 1.78 -2.12 -14.54
CA ASP C 385 3.21 -2.20 -14.28
C ASP C 385 3.56 -3.20 -13.17
N ALA C 386 2.53 -3.77 -12.53
CA ALA C 386 2.74 -4.80 -11.51
C ALA C 386 2.11 -6.12 -11.91
N GLU C 387 2.44 -6.60 -13.09
CA GLU C 387 1.83 -7.81 -13.61
C GLU C 387 2.60 -9.06 -13.20
N GLY C 388 3.85 -8.86 -12.83
CA GLY C 388 4.69 -9.97 -12.48
C GLY C 388 4.05 -10.80 -11.41
N ARG C 389 3.52 -10.11 -10.40
CA ARG C 389 2.99 -10.81 -9.25
C ARG C 389 1.80 -11.66 -9.63
N LEU C 390 1.12 -11.32 -10.74
N LEU C 390 1.09 -11.32 -10.72
CA LEU C 390 0.00 -12.12 -11.22
CA LEU C 390 -0.01 -12.14 -11.21
C LEU C 390 0.48 -13.47 -11.72
C LEU C 390 0.48 -13.48 -11.71
N THR C 391 1.65 -13.47 -12.36
CA THR C 391 2.23 -14.74 -12.80
C THR C 391 2.73 -15.57 -11.66
N LEU C 392 3.30 -14.89 -10.66
CA LEU C 392 3.71 -15.60 -9.46
C LEU C 392 2.54 -16.21 -8.67
N ALA C 393 1.38 -15.57 -8.70
CA ALA C 393 0.22 -16.11 -8.01
C ALA C 393 -0.02 -17.55 -8.48
N ASP C 394 -0.15 -17.75 -9.78
CA ASP C 394 -0.38 -19.08 -10.31
C ASP C 394 0.80 -20.05 -10.16
N ALA C 395 2.02 -19.52 -10.20
CA ALA C 395 3.20 -20.36 -9.96
C ALA C 395 3.26 -20.85 -8.52
N LEU C 396 2.92 -19.98 -7.57
CA LEU C 396 2.88 -20.37 -6.17
C LEU C 396 1.81 -21.41 -5.85
N ILE C 397 0.63 -21.24 -6.43
CA ILE C 397 -0.42 -22.23 -6.28
C ILE C 397 0.08 -23.57 -6.83
N TYR C 398 0.65 -23.55 -8.01
CA TYR C 398 1.18 -24.77 -8.62
C TYR C 398 2.17 -25.41 -7.65
N ALA C 399 3.09 -24.61 -7.12
CA ALA C 399 4.11 -25.18 -6.22
C ALA C 399 3.47 -25.87 -5.02
N CYS C 400 2.53 -25.18 -4.39
CA CYS C 400 1.82 -25.80 -3.27
C CYS C 400 1.16 -27.11 -3.70
N ASN C 401 0.64 -27.16 -4.93
CA ASN C 401 -0.01 -28.37 -5.43
C ASN C 401 0.98 -29.51 -5.71
N GLN C 402 2.27 -29.26 -5.64
CA GLN C 402 3.21 -30.36 -5.79
C GLN C 402 3.44 -31.04 -4.43
N GLY C 403 2.84 -30.53 -3.37
CA GLY C 403 2.99 -31.13 -2.06
C GLY C 403 4.28 -30.82 -1.33
N VAL C 404 4.91 -29.69 -1.65
CA VAL C 404 6.14 -29.34 -0.99
C VAL C 404 5.92 -28.87 0.44
N GLU C 405 7.00 -28.89 1.22
CA GLU C 405 6.97 -28.47 2.60
C GLU C 405 7.35 -26.97 2.72
N LYS C 406 8.25 -26.53 1.86
CA LYS C 406 8.79 -25.17 1.95
C LYS C 406 8.96 -24.62 0.53
N ILE C 407 8.65 -23.34 0.36
CA ILE C 407 8.84 -22.60 -0.89
C ILE C 407 9.67 -21.35 -0.60
N ILE C 408 10.65 -21.09 -1.48
CA ILE C 408 11.18 -19.73 -1.67
C ILE C 408 10.86 -19.25 -3.07
N ASP C 409 10.27 -18.06 -3.18
CA ASP C 409 10.21 -17.36 -4.46
C ASP C 409 11.19 -16.20 -4.50
N LEU C 410 11.78 -16.02 -5.68
CA LEU C 410 12.61 -14.87 -5.98
C LEU C 410 11.97 -14.11 -7.13
N ALA C 411 11.90 -12.78 -6.94
CA ALA C 411 11.27 -11.93 -7.91
C ALA C 411 11.83 -10.52 -7.79
N THR C 412 12.03 -9.90 -8.94
CA THR C 412 12.22 -8.46 -9.05
C THR C 412 10.87 -7.77 -8.96
N LEU C 413 10.35 -7.63 -7.74
CA LEU C 413 8.94 -7.30 -7.60
C LEU C 413 8.64 -5.80 -7.60
N THR C 414 9.40 -5.03 -6.85
CA THR C 414 9.03 -3.64 -6.62
C THR C 414 10.26 -2.75 -6.74
N GLY C 415 10.04 -1.48 -7.10
CA GLY C 415 11.05 -0.43 -6.91
C GLY C 415 11.17 0.00 -5.45
N ALA C 416 10.09 -0.20 -4.71
CA ALA C 416 10.05 0.15 -3.30
C ALA C 416 11.12 -0.54 -2.49
N ILE C 417 11.40 -1.81 -2.77
CA ILE C 417 12.41 -2.49 -2.01
C ILE C 417 13.78 -1.87 -2.21
N MET C 418 14.02 -1.28 -3.38
CA MET C 418 15.30 -0.61 -3.62
C MET C 418 15.38 0.73 -2.94
N VAL C 419 14.25 1.38 -2.79
CA VAL C 419 14.20 2.57 -1.97
C VAL C 419 14.57 2.22 -0.55
N ALA C 420 13.98 1.12 -0.06
CA ALA C 420 14.13 0.66 1.31
C ALA C 420 15.56 0.20 1.60
N LEU C 421 16.12 -0.65 0.73
CA LEU C 421 17.30 -1.42 1.07
C LEU C 421 18.48 -1.17 0.15
N GLY C 422 18.27 -0.27 -0.81
CA GLY C 422 19.33 0.08 -1.74
C GLY C 422 19.55 -0.99 -2.80
N PRO C 423 20.57 -0.77 -3.65
CA PRO C 423 20.77 -1.63 -4.82
C PRO C 423 21.32 -3.02 -4.50
N SER C 424 21.85 -3.23 -3.29
CA SER C 424 22.70 -4.38 -3.00
C SER C 424 22.13 -5.42 -2.03
N VAL C 425 20.99 -5.12 -1.39
CA VAL C 425 20.46 -5.96 -0.34
C VAL C 425 19.02 -6.33 -0.68
N ALA C 426 18.74 -7.62 -0.81
CA ALA C 426 17.39 -8.06 -1.13
C ALA C 426 16.52 -8.05 0.13
N GLY C 427 15.21 -7.89 -0.07
CA GLY C 427 14.25 -7.96 1.01
C GLY C 427 13.61 -9.32 1.10
N ALA C 428 13.58 -9.88 2.31
CA ALA C 428 13.00 -11.21 2.56
C ALA C 428 11.72 -11.05 3.36
N PHE C 429 10.65 -11.69 2.90
CA PHE C 429 9.36 -11.59 3.55
C PHE C 429 8.85 -13.01 3.81
N THR C 430 8.47 -13.31 5.04
CA THR C 430 7.90 -14.62 5.36
C THR C 430 7.04 -14.54 6.61
N PRO C 431 5.92 -15.29 6.64
CA PRO C 431 5.19 -15.51 7.88
C PRO C 431 5.91 -16.48 8.82
N ASN C 432 6.90 -17.22 8.32
CA ASN C 432 7.45 -18.35 9.03
C ASN C 432 8.84 -17.99 9.61
N ASP C 433 8.89 -17.72 10.90
CA ASP C 433 10.14 -17.31 11.50
C ASP C 433 11.28 -18.31 11.27
N ASP C 434 10.98 -19.59 11.40
CA ASP C 434 12.00 -20.62 11.21
C ASP C 434 12.61 -20.59 9.81
N LEU C 435 11.77 -20.44 8.79
CA LEU C 435 12.28 -20.36 7.43
C LEU C 435 13.11 -19.09 7.27
N ALA C 436 12.73 -17.98 7.90
CA ALA C 436 13.53 -16.75 7.84
C ALA C 436 14.94 -17.04 8.34
N ARG C 437 15.01 -17.75 9.46
N ARG C 437 15.04 -17.73 9.48
CA ARG C 437 16.28 -18.08 10.10
CA ARG C 437 16.33 -18.05 10.08
C ARG C 437 17.13 -18.99 9.22
C ARG C 437 17.15 -18.97 9.17
N GLU C 438 16.52 -19.94 8.53
CA GLU C 438 17.20 -20.81 7.58
C GLU C 438 17.81 -19.96 6.44
N VAL C 439 17.03 -19.01 5.92
CA VAL C 439 17.48 -18.24 4.77
C VAL C 439 18.56 -17.23 5.18
N VAL C 440 18.40 -16.60 6.33
CA VAL C 440 19.47 -15.76 6.88
C VAL C 440 20.76 -16.53 7.12
N GLU C 441 20.67 -17.75 7.64
CA GLU C 441 21.87 -18.59 7.78
C GLU C 441 22.48 -19.00 6.44
N ALA C 442 21.63 -19.31 5.48
CA ALA C 442 22.14 -19.70 4.15
C ALA C 442 22.90 -18.55 3.51
N ALA C 443 22.44 -17.32 3.73
CA ALA C 443 23.05 -16.14 3.16
C ALA C 443 24.33 -15.76 3.88
N GLU C 444 24.36 -16.01 5.17
CA GLU C 444 25.59 -15.95 5.93
C GLU C 444 26.67 -16.91 5.40
N ALA C 445 26.28 -18.11 5.02
CA ALA C 445 27.22 -19.06 4.42
C ALA C 445 27.60 -18.74 2.98
N SER C 446 26.67 -18.22 2.18
CA SER C 446 26.99 -17.85 0.80
C SER C 446 27.70 -16.50 0.65
N GLY C 447 27.55 -15.64 1.63
CA GLY C 447 28.08 -14.29 1.51
C GLY C 447 27.16 -13.27 0.89
N GLU C 448 25.95 -13.69 0.53
CA GLU C 448 25.00 -12.80 -0.11
C GLU C 448 24.24 -11.93 0.89
N LYS C 449 23.86 -10.72 0.48
CA LYS C 449 23.20 -9.76 1.34
C LYS C 449 21.68 -9.78 1.17
N LEU C 450 21.00 -10.03 2.28
CA LEU C 450 19.55 -9.87 2.36
C LEU C 450 19.12 -9.45 3.76
N TRP C 451 17.86 -9.06 3.91
CA TRP C 451 17.35 -8.51 5.15
C TRP C 451 15.87 -8.74 5.22
N ARG C 452 15.46 -9.36 6.31
CA ARG C 452 14.07 -9.60 6.52
C ARG C 452 13.30 -8.29 6.70
N MET C 453 12.13 -8.21 6.07
CA MET C 453 11.22 -7.08 6.21
C MET C 453 9.88 -7.59 6.72
N PRO C 454 9.12 -6.72 7.39
CA PRO C 454 7.95 -7.24 8.08
C PRO C 454 6.76 -7.40 7.15
N MET C 455 5.96 -8.43 7.36
CA MET C 455 4.68 -8.53 6.66
C MET C 455 3.58 -7.91 7.50
N GLU C 456 3.60 -6.59 7.57
CA GLU C 456 2.71 -5.81 8.42
C GLU C 456 1.28 -6.00 7.92
N GLU C 457 0.46 -6.72 8.70
N GLU C 457 0.46 -6.73 8.65
CA GLU C 457 -0.87 -7.17 8.27
CA GLU C 457 -0.80 -7.17 8.08
C GLU C 457 -1.81 -6.00 8.02
C GLU C 457 -1.88 -6.06 8.11
N SER C 458 -1.68 -4.95 8.82
CA SER C 458 -2.62 -3.84 8.77
C SER C 458 -2.61 -3.18 7.39
N TYR C 459 -1.61 -3.47 6.56
CA TYR C 459 -1.55 -2.81 5.28
C TYR C 459 -2.44 -3.53 4.25
N TRP C 460 -2.94 -4.71 4.60
CA TRP C 460 -3.74 -5.45 3.65
C TRP C 460 -5.01 -4.70 3.25
N GLU C 461 -5.51 -3.90 4.18
CA GLU C 461 -6.71 -3.10 3.99
C GLU C 461 -6.56 -2.19 2.78
N SER C 462 -5.35 -1.78 2.47
CA SER C 462 -5.16 -0.88 1.35
C SER C 462 -5.23 -1.64 0.04
N MET C 463 -5.29 -2.96 0.08
CA MET C 463 -5.38 -3.79 -1.13
C MET C 463 -6.81 -4.19 -1.52
N LYS C 464 -7.80 -3.62 -0.83
CA LYS C 464 -9.20 -3.92 -1.05
C LYS C 464 -9.57 -3.49 -2.44
N SER C 465 -10.54 -4.19 -3.04
CA SER C 465 -11.13 -3.78 -4.29
C SER C 465 -12.60 -3.44 -4.02
N GLY C 466 -13.16 -2.57 -4.85
CA GLY C 466 -14.60 -2.31 -4.80
C GLY C 466 -15.43 -3.33 -5.57
N VAL C 467 -14.77 -4.17 -6.37
N VAL C 467 -14.76 -4.17 -6.36
CA VAL C 467 -15.45 -5.16 -7.21
CA VAL C 467 -15.45 -5.15 -7.16
C VAL C 467 -14.90 -6.59 -7.07
C VAL C 467 -14.90 -6.58 -7.09
N ALA C 468 -13.58 -6.72 -6.96
CA ALA C 468 -12.93 -8.05 -6.93
C ALA C 468 -12.50 -8.44 -5.52
N ASP C 469 -11.86 -9.60 -5.37
CA ASP C 469 -11.32 -10.00 -4.07
C ASP C 469 -10.18 -9.12 -3.58
N MET C 470 -9.42 -8.56 -4.52
CA MET C 470 -8.29 -7.69 -4.20
C MET C 470 -7.85 -6.94 -5.44
N ILE C 471 -7.05 -5.90 -5.23
CA ILE C 471 -6.35 -5.22 -6.30
C ILE C 471 -4.92 -5.74 -6.33
N ASN C 472 -4.21 -5.51 -7.43
CA ASN C 472 -2.84 -5.99 -7.53
C ASN C 472 -1.77 -5.04 -7.00
N THR C 473 -2.08 -3.76 -6.83
CA THR C 473 -1.07 -2.78 -6.47
C THR C 473 -1.63 -1.81 -5.45
N GLY C 474 -0.91 -1.72 -4.34
CA GLY C 474 -1.26 -0.81 -3.25
C GLY C 474 -0.52 0.51 -3.40
N PRO C 475 -0.68 1.38 -2.41
CA PRO C 475 0.02 2.66 -2.43
C PRO C 475 1.54 2.51 -2.39
N GLY C 476 2.24 3.55 -2.81
CA GLY C 476 3.71 3.54 -2.82
C GLY C 476 4.34 3.27 -1.46
N ASN C 477 3.80 3.89 -0.44
CA ASN C 477 4.29 3.68 0.89
C ASN C 477 3.92 2.29 1.40
N GLY C 478 4.94 1.47 1.67
CA GLY C 478 4.70 0.08 2.01
C GLY C 478 4.57 -0.88 0.83
N GLY C 479 4.95 -0.43 -0.35
CA GLY C 479 4.70 -1.16 -1.59
C GLY C 479 5.33 -2.55 -1.61
N ALA C 480 6.49 -2.71 -0.99
CA ALA C 480 7.15 -4.02 -1.03
C ALA C 480 6.43 -4.98 -0.09
N ILE C 481 5.95 -4.43 1.02
CA ILE C 481 5.18 -5.19 2.00
C ILE C 481 3.85 -5.64 1.40
N THR C 482 3.11 -4.73 0.79
CA THR C 482 1.83 -5.14 0.21
C THR C 482 2.03 -6.10 -0.97
N GLY C 483 3.14 -5.97 -1.68
CA GLY C 483 3.53 -6.97 -2.66
C GLY C 483 3.66 -8.38 -2.09
N ALA C 484 4.37 -8.46 -0.97
CA ALA C 484 4.44 -9.71 -0.22
C ALA C 484 3.08 -10.20 0.28
N LEU C 485 2.27 -9.29 0.80
CA LEU C 485 0.96 -9.66 1.31
C LEU C 485 0.08 -10.20 0.17
N PHE C 486 0.21 -9.60 -1.01
CA PHE C 486 -0.51 -10.05 -2.17
C PHE C 486 -0.16 -11.50 -2.47
N LEU C 487 1.12 -11.79 -2.55
CA LEU C 487 1.56 -13.15 -2.88
C LEU C 487 1.07 -14.18 -1.88
N LYS C 488 0.96 -13.75 -0.62
CA LYS C 488 0.54 -14.63 0.47
C LYS C 488 -0.90 -15.12 0.29
N GLN C 489 -1.70 -14.44 -0.51
CA GLN C 489 -3.03 -14.89 -0.86
C GLN C 489 -3.03 -16.18 -1.65
N PHE C 490 -1.90 -16.52 -2.24
CA PHE C 490 -1.84 -17.61 -3.18
C PHE C 490 -0.99 -18.75 -2.67
N VAL C 491 -0.72 -18.74 -1.38
CA VAL C 491 0.12 -19.75 -0.74
C VAL C 491 -0.69 -20.47 0.32
N ASP C 492 -0.74 -21.79 0.22
CA ASP C 492 -1.31 -22.66 1.23
C ASP C 492 -0.62 -22.41 2.57
N GLU C 493 -1.38 -22.11 3.60
CA GLU C 493 -0.81 -21.73 4.88
C GLU C 493 -0.12 -22.88 5.62
N LYS C 494 -0.40 -24.14 5.28
CA LYS C 494 0.40 -25.28 5.78
C LYS C 494 1.80 -25.40 5.17
N VAL C 495 2.07 -24.62 4.13
CA VAL C 495 3.40 -24.64 3.51
C VAL C 495 4.21 -23.47 4.02
N GLN C 496 5.48 -23.72 4.36
CA GLN C 496 6.33 -22.62 4.79
C GLN C 496 6.79 -21.89 3.54
N TRP C 497 6.72 -20.55 3.56
CA TRP C 497 6.96 -19.78 2.36
C TRP C 497 7.66 -18.46 2.64
N LEU C 498 8.70 -18.20 1.85
CA LEU C 498 9.43 -16.93 1.94
C LEU C 498 9.58 -16.32 0.54
N HIS C 499 9.38 -15.01 0.49
CA HIS C 499 9.46 -14.22 -0.73
C HIS C 499 10.68 -13.31 -0.67
N LEU C 500 11.53 -13.41 -1.68
CA LEU C 500 12.72 -12.61 -1.76
C LEU C 500 12.64 -11.62 -2.90
N ASP C 501 12.49 -10.34 -2.56
CA ASP C 501 12.36 -9.26 -3.55
C ASP C 501 13.79 -8.83 -3.90
N VAL C 502 14.25 -9.28 -5.06
CA VAL C 502 15.63 -9.13 -5.51
C VAL C 502 15.81 -8.10 -6.63
N ALA C 503 14.90 -7.13 -6.72
CA ALA C 503 15.00 -6.08 -7.71
C ALA C 503 16.36 -5.42 -7.77
N GLY C 504 16.96 -5.12 -6.64
CA GLY C 504 18.29 -4.51 -6.65
C GLY C 504 19.41 -5.45 -7.09
N PRO C 505 19.75 -6.43 -6.26
CA PRO C 505 21.08 -7.00 -6.44
C PRO C 505 21.27 -7.96 -7.63
N VAL C 506 20.21 -8.27 -8.38
CA VAL C 506 20.38 -9.09 -9.59
C VAL C 506 21.14 -8.37 -10.71
N TRP C 507 21.23 -7.05 -10.65
CA TRP C 507 21.92 -6.27 -11.68
C TRP C 507 22.91 -5.31 -11.04
N SER C 508 24.14 -5.26 -11.55
CA SER C 508 25.12 -4.33 -11.04
C SER C 508 25.26 -3.14 -12.00
N ASP C 509 24.78 -1.97 -11.59
N ASP C 509 24.78 -1.98 -11.56
CA ASP C 509 24.93 -0.74 -12.39
CA ASP C 509 24.89 -0.72 -12.30
C ASP C 509 26.40 -0.35 -12.58
C ASP C 509 26.35 -0.31 -12.52
N GLU C 510 27.22 -0.64 -11.58
CA GLU C 510 28.64 -0.35 -11.72
C GLU C 510 29.26 -1.20 -12.82
N LYS C 511 29.05 -2.53 -12.78
CA LYS C 511 29.63 -3.41 -13.79
C LYS C 511 28.83 -3.40 -15.10
N LYS C 512 27.69 -2.71 -15.12
N LYS C 512 27.69 -2.73 -15.14
CA LYS C 512 26.75 -2.80 -16.24
CA LYS C 512 26.75 -2.82 -16.25
C LYS C 512 26.52 -4.25 -16.67
C LYS C 512 26.56 -4.27 -16.68
N ASN C 513 26.25 -5.13 -15.71
CA ASN C 513 26.09 -6.54 -15.96
C ASN C 513 25.25 -7.18 -14.88
N ALA C 514 24.67 -8.32 -15.21
CA ALA C 514 23.96 -9.18 -14.26
C ALA C 514 24.93 -9.83 -13.28
N THR C 515 24.42 -10.20 -12.12
CA THR C 515 25.26 -10.73 -11.04
C THR C 515 25.07 -12.23 -10.82
N GLY C 516 23.90 -12.74 -11.14
CA GLY C 516 23.49 -14.08 -10.75
C GLY C 516 23.21 -14.21 -9.25
N TYR C 517 22.91 -13.09 -8.60
CA TYR C 517 22.48 -13.06 -7.22
C TYR C 517 21.39 -14.07 -6.98
N GLY C 518 21.52 -14.76 -5.84
CA GLY C 518 20.52 -15.71 -5.36
C GLY C 518 20.96 -17.16 -5.48
N VAL C 519 21.64 -17.52 -6.57
CA VAL C 519 22.03 -18.91 -6.80
C VAL C 519 22.79 -19.50 -5.59
N SER C 520 23.83 -18.83 -5.10
CA SER C 520 24.63 -19.40 -4.05
C SER C 520 23.83 -19.56 -2.76
N THR C 521 23.00 -18.57 -2.42
CA THR C 521 22.16 -18.69 -1.23
C THR C 521 21.14 -19.83 -1.36
N LEU C 522 20.49 -19.95 -2.50
CA LEU C 522 19.55 -21.04 -2.70
C LEU C 522 20.23 -22.40 -2.56
N VAL C 523 21.41 -22.55 -3.13
CA VAL C 523 22.08 -23.84 -3.10
C VAL C 523 22.43 -24.14 -1.64
N GLU C 524 22.90 -23.15 -0.89
CA GLU C 524 23.21 -23.38 0.53
C GLU C 524 21.94 -23.71 1.32
N TRP C 525 20.84 -23.08 0.97
CA TRP C 525 19.60 -23.40 1.63
C TRP C 525 19.17 -24.82 1.37
N VAL C 526 19.21 -25.25 0.11
CA VAL C 526 18.83 -26.61 -0.22
C VAL C 526 19.68 -27.63 0.56
N LEU C 527 20.98 -27.39 0.57
CA LEU C 527 21.94 -28.29 1.16
C LEU C 527 21.77 -28.40 2.68
N ARG C 528 21.25 -27.35 3.31
CA ARG C 528 21.16 -27.34 4.76
C ARG C 528 19.86 -27.97 5.16
N ASN C 529 19.00 -28.25 4.19
CA ASN C 529 17.76 -28.95 4.48
C ASN C 529 17.94 -30.47 4.51
CL CL D . 11.09 15.14 13.76
CL CL E . 18.92 -7.64 13.61
CL CL F . 17.09 15.42 6.92
MG MG G . -7.12 7.37 39.64
MG MG H . 2.82 21.26 14.01
C ACT I . 21.44 20.92 32.64
O ACT I . 20.35 20.83 32.01
OXT ACT I . 22.20 21.92 32.58
CH3 ACT I . 22.00 19.76 33.41
C1 EDO J . -28.86 29.46 -17.75
O1 EDO J . -27.81 28.50 -17.63
C2 EDO J . -28.64 30.27 -19.03
O2 EDO J . -28.82 29.36 -20.12
C1 EDO K . -34.99 -1.11 -36.19
O1 EDO K . -33.81 -1.19 -36.99
C2 EDO K . -34.70 -0.07 -35.12
O2 EDO K . -33.71 -0.60 -34.21
C1 EDO L . -15.65 -13.09 -24.22
O1 EDO L . -14.84 -12.70 -25.35
C2 EDO L . -15.72 -11.92 -23.25
O2 EDO L . -15.87 -12.38 -21.91
C1 EDO M . -23.42 -2.06 12.86
O1 EDO M . -22.07 -2.38 13.24
C2 EDO M . -24.19 -3.35 12.60
O2 EDO M . -23.48 -4.30 11.80
CL CL N . -19.04 7.29 -21.54
CL CL O . -13.02 12.20 -26.28
CL CL P . -32.04 28.66 -28.77
MG MG Q . -16.49 -0.97 -16.42
MG MG R . -45.41 -3.48 -5.15
MG MG S . -24.17 7.82 16.59
C1 EDO T . 13.34 -11.42 12.34
O1 EDO T . 12.00 -11.42 12.82
C2 EDO T . 13.76 -9.96 12.25
O2 EDO T . 14.88 -9.86 11.35
C1 EDO U . 25.30 -39.01 4.71
O1 EDO U . 26.17 -39.06 3.56
C2 EDO U . 24.43 -37.78 4.60
O2 EDO U . 23.55 -37.93 3.47
C1 EDO V . 0.21 1.26 2.98
O1 EDO V . 0.81 0.05 2.50
C2 EDO V . -1.11 0.95 3.69
O2 EDO V . -1.79 2.17 3.97
CL CL W . 12.56 -11.50 -11.62
CL CL X . 4.73 -7.20 -9.73
MG MG Y . 40.43 -28.91 -10.44
MG MG Z . 17.70 -9.84 -19.64
C ACT AA . 8.31 -33.46 -13.66
O ACT AA . 8.92 -34.51 -13.37
OXT ACT AA . 8.88 -32.32 -13.64
CH3 ACT AA . 6.88 -33.64 -14.03
#